data_4FFW
#
_entry.id   4FFW
#
_cell.length_a   97.770
_cell.length_b   200.860
_cell.length_c   97.930
_cell.angle_alpha   90.00
_cell.angle_beta   93.64
_cell.angle_gamma   90.00
#
_symmetry.space_group_name_H-M   'P 1 21 1'
#
loop_
_entity.id
_entity.type
_entity.pdbx_description
1 polymer 'Dipeptidyl peptidase 4'
2 polymer 'Fab light chain'
3 polymer 'Fab heavy chain'
4 non-polymer '(2R)-4-OXO-4-[3-(TRIFLUOROMETHYL)-5,6-DIHYDRO[1,2,4]TRIAZOLO[4,3-A]PYRAZIN-7(8H)-YL]-1-(2,4,5-TRIFLUOROPHENYL)BUTAN-2-A MINE'
5 water water
#
loop_
_entity_poly.entity_id
_entity_poly.type
_entity_poly.pdbx_seq_one_letter_code
_entity_poly.pdbx_strand_id
1 'polypeptide(L)'
;RRTYTLADYLKNTFRVKSYSLRWVSDSEYLYKQENNILLFNAEHGNSSIFLENSTFEIFGDSISDYSVSPDRLFVLLEYN
YVKQWRHSYTASYSIYDLNKRQLITEEKIPNNTQWITWSQEGHKLAYVWKNDIYVKIEPHLPSHRITSTGKENVIFNGIN
DWVYEEEIFGAYSALWWSPNGTFLAYAQFNDTGVPLIEYSFYSDESLQYPKTVWIPYPKAGAVNPTVKFFIVNTDSLSST
TTTIPMQITAPASVTTGDHYLCDVAWVSEDRISLQWLRRIQNYSVMAICDYDKTTLVWNCPTTQEHIETSATGWCGRFRP
AEPHFTSDGSSFYKIVSDKDGYKHICQFQKDRKPEQVCTFITKGAWEVISIEALTSDYLYYISNEYKEMPGGRNLYKIQL
TDHTNKKCLSCDLNPERCQYYSVSLSKEAKYYQLGCRGPGLPLYTLHRSTDQKELRVLEDNSALDKMLQDVQMPSKKLDF
IVLNETRFWYQMILPPHFDKSKKYPLLIDVYAGPCSQKADAAFRLNWATYLASTENIIVASFDGRGSGYQGDKIMHAINK
RLGTLEVEDQIEAARQFLKMGFVDSKRVAIWGWSYGGYVTSMVLGSGSGVFKCGIAVAPVSRWEYYDSVYTERYMGLPTP
EDNLDHYRNSTVMSRAENFKQVEYLLIHGTADDNVHFQQSAQISKALVDAGVDFQAMWYTDEDHGIASSTAHQHIYSHMS
HFLQQCFSLR
;
A,B
2 'polypeptide(L)'
;QIVLSQSPAILSASPGEKVTMTCRASSSVNNMHWYQQKPSSSPKPWLHGTSNLASGVPVRFSGSGSGTSFSLTISRVEAE
DAATYFCQQWSNHPPTFGGGTKLEIDRADAAPTVSIFPPSSEQLTSGGASVVCFLNNFYPKDINVKWKIDGSERQNGVLN
SWTDQDSKDSTYSMSSTLTLTKDEYERHNSYTCEATHKTSTSPIVKSFNR
;
C,L
3 'polypeptide(L)'
;EFQLQQSGPELVKPGASVKISCKASGYSFTDYNINWMKQSNGKSLEWIGVVIPKYGTTNYNQKFQGKATLTVDQSSSTAY
IQLNSLTSEDSAVYYCTRFRDVFFDVWGTGTTVTVSSAKTTAPSVYPLAPVCGGTTGSSVTLGCLVKGYFPEPVTLTWNS
GSLSSGVHTFPALLQSGLYTLSSSVTVTSNTWPSQTITCNVAHPASSTKVDKKIVPR
;
D,H
#
# COMPACT_ATOMS: atom_id res chain seq x y z
N ARG A 2 3.19 43.27 10.04
CA ARG A 2 3.15 41.90 9.46
C ARG A 2 1.93 41.11 9.95
N THR A 3 1.69 39.95 9.34
CA THR A 3 0.53 39.12 9.64
C THR A 3 0.92 37.78 10.27
N TYR A 4 -0.07 37.02 10.73
CA TYR A 4 0.14 35.67 11.23
C TYR A 4 0.33 34.73 10.03
N THR A 5 1.57 34.55 9.62
CA THR A 5 1.90 33.79 8.41
C THR A 5 1.83 32.28 8.63
N LEU A 6 1.95 31.54 7.54
CA LEU A 6 2.00 30.07 7.61
C LEU A 6 3.25 29.61 8.36
N ALA A 7 4.36 30.31 8.13
CA ALA A 7 5.63 30.02 8.82
C ALA A 7 5.48 30.12 10.34
N ASP A 8 4.71 31.10 10.81
CA ASP A 8 4.48 31.29 12.25
C ASP A 8 3.71 30.11 12.84
N TYR A 9 2.74 29.59 12.08
CA TYR A 9 1.94 28.44 12.50
C TYR A 9 2.77 27.15 12.54
N LEU A 10 3.56 26.93 11.49
CA LEU A 10 4.33 25.70 11.36
C LEU A 10 5.54 25.65 12.30
N LYS A 11 6.28 26.75 12.38
CA LYS A 11 7.39 26.87 13.33
C LYS A 11 6.88 26.96 14.76
N ASN A 12 5.64 27.44 14.93
CA ASN A 12 4.99 27.57 16.22
C ASN A 12 5.70 28.58 17.12
N THR A 13 5.93 29.77 16.58
CA THR A 13 6.60 30.84 17.31
C THR A 13 5.71 31.41 18.42
N PHE A 14 4.41 31.49 18.16
CA PHE A 14 3.44 32.00 19.14
C PHE A 14 2.80 30.84 19.91
N ARG A 15 3.42 30.47 21.03
CA ARG A 15 2.94 29.36 21.86
C ARG A 15 1.76 29.79 22.72
N VAL A 16 0.62 29.12 22.56
CA VAL A 16 -0.54 29.33 23.42
C VAL A 16 -0.32 28.52 24.70
N LYS A 17 0.12 29.20 25.75
CA LYS A 17 0.50 28.55 27.00
C LYS A 17 -0.71 28.05 27.78
N SER A 18 -0.47 27.10 28.69
CA SER A 18 -1.50 26.55 29.56
C SER A 18 -0.90 26.17 30.90
N TYR A 19 -1.75 25.75 31.84
CA TYR A 19 -1.29 25.37 33.17
C TYR A 19 -1.91 24.05 33.60
N SER A 20 -1.11 22.99 33.56
CA SER A 20 -1.53 21.67 34.03
C SER A 20 -1.26 21.53 35.51
N LEU A 21 -1.87 20.52 36.13
CA LEU A 21 -1.58 20.17 37.53
C LEU A 21 -2.22 18.84 37.91
N ARG A 22 -1.66 18.20 38.93
CA ARG A 22 -2.22 16.95 39.46
C ARG A 22 -2.47 17.10 40.96
N TRP A 23 -3.75 17.12 41.34
CA TRP A 23 -4.14 17.25 42.74
C TRP A 23 -3.87 15.97 43.50
N VAL A 24 -2.89 16.02 44.40
CA VAL A 24 -2.53 14.88 45.24
C VAL A 24 -3.55 14.75 46.37
N SER A 25 -3.71 15.82 47.13
CA SER A 25 -4.64 15.87 48.25
C SER A 25 -5.76 16.88 47.96
N ASP A 26 -6.57 17.16 48.97
CA ASP A 26 -7.63 18.15 48.87
C ASP A 26 -7.08 19.58 48.89
N SER A 27 -5.87 19.75 49.41
CA SER A 27 -5.26 21.08 49.57
C SER A 27 -3.96 21.29 48.80
N GLU A 28 -3.41 20.24 48.17
CA GLU A 28 -2.10 20.33 47.53
C GLU A 28 -2.12 19.79 46.09
N TYR A 29 -1.27 20.37 45.24
CA TYR A 29 -1.09 19.92 43.86
C TYR A 29 0.36 20.03 43.42
N LEU A 30 0.69 19.35 42.31
CA LEU A 30 2.04 19.36 41.75
C LEU A 30 2.06 20.06 40.39
N TYR A 31 3.22 20.60 40.03
CA TYR A 31 3.40 21.20 38.69
C TYR A 31 4.87 21.25 38.29
N LYS A 32 5.11 21.08 36.99
CA LYS A 32 6.45 21.11 36.42
C LYS A 32 6.91 22.54 36.13
N GLN A 33 8.02 22.93 36.75
CA GLN A 33 8.72 24.18 36.40
C GLN A 33 9.25 24.10 34.97
N GLU A 34 9.73 22.91 34.60
CA GLU A 34 10.33 22.57 33.29
C GLU A 34 11.66 21.88 33.58
N ASN A 35 12.39 22.45 34.54
CA ASN A 35 13.57 21.81 35.09
C ASN A 35 13.14 20.78 36.14
N ASN A 36 12.38 21.24 37.13
CA ASN A 36 11.96 20.41 38.27
C ASN A 36 10.43 20.33 38.40
N ILE A 37 9.96 19.52 39.35
CA ILE A 37 8.56 19.53 39.78
C ILE A 37 8.50 20.15 41.17
N LEU A 38 7.49 20.98 41.41
CA LEU A 38 7.32 21.66 42.68
C LEU A 38 5.95 21.32 43.29
N LEU A 39 5.91 21.26 44.62
CA LEU A 39 4.67 20.99 45.36
C LEU A 39 4.13 22.30 45.94
N PHE A 40 2.92 22.67 45.55
CA PHE A 40 2.28 23.90 46.00
C PHE A 40 1.10 23.59 46.93
N ASN A 41 1.21 23.98 48.19
CA ASN A 41 0.11 23.87 49.15
C ASN A 41 -0.83 25.07 48.97
N ALA A 42 -2.12 24.79 48.83
CA ALA A 42 -3.11 25.83 48.50
C ALA A 42 -3.56 26.65 49.71
N GLU A 43 -3.54 26.04 50.90
CA GLU A 43 -3.84 26.77 52.14
C GLU A 43 -2.80 27.87 52.38
N HIS A 44 -1.54 27.55 52.13
CA HIS A 44 -0.46 28.52 52.12
C HIS A 44 -0.34 29.17 50.74
N GLY A 45 0.60 30.10 50.61
CA GLY A 45 0.97 30.65 49.30
C GLY A 45 2.45 30.44 49.04
N ASN A 46 2.94 29.27 49.46
CA ASN A 46 4.37 28.95 49.37
C ASN A 46 4.64 27.73 48.49
N SER A 47 5.92 27.44 48.28
CA SER A 47 6.34 26.32 47.44
C SER A 47 7.25 25.36 48.20
N SER A 48 7.18 24.08 47.84
CA SER A 48 8.05 23.06 48.40
C SER A 48 8.57 22.19 47.26
N ILE A 49 9.89 22.17 47.08
CA ILE A 49 10.50 21.39 45.99
C ILE A 49 10.31 19.89 46.27
N PHE A 50 9.79 19.17 45.28
CA PHE A 50 9.42 17.77 45.43
C PHE A 50 10.41 16.83 44.75
N LEU A 51 10.73 17.12 43.49
CA LEU A 51 11.57 16.24 42.69
C LEU A 51 12.40 17.06 41.71
N GLU A 52 13.73 17.00 41.88
CA GLU A 52 14.65 17.86 41.14
C GLU A 52 14.93 17.38 39.71
N ASN A 53 15.46 18.29 38.89
CA ASN A 53 15.89 17.99 37.53
C ASN A 53 16.91 16.86 37.43
N SER A 54 17.76 16.75 38.46
CA SER A 54 18.79 15.71 38.53
C SER A 54 18.21 14.30 38.52
N THR A 55 17.04 14.14 39.14
CA THR A 55 16.40 12.82 39.27
C THR A 55 15.91 12.26 37.92
N PHE A 56 15.56 13.14 36.99
CA PHE A 56 15.24 12.74 35.62
C PHE A 56 16.52 12.67 34.79
N GLU A 57 17.42 13.62 35.04
CA GLU A 57 18.64 13.77 34.25
C GLU A 57 19.58 12.56 34.33
N ILE A 58 19.45 11.74 35.38
CA ILE A 58 20.14 10.45 35.42
C ILE A 58 19.69 9.53 34.27
N PHE A 59 18.45 9.68 33.83
CA PHE A 59 17.94 8.96 32.67
C PHE A 59 18.06 9.78 31.37
N GLY A 60 18.45 11.04 31.49
CA GLY A 60 18.65 11.91 30.34
C GLY A 60 17.34 12.47 29.80
N ASP A 61 17.29 12.67 28.49
CA ASP A 61 16.09 13.20 27.82
C ASP A 61 15.07 12.10 27.52
N SER A 62 15.40 10.85 27.83
CA SER A 62 14.54 9.71 27.55
C SER A 62 13.28 9.66 28.43
N ILE A 63 13.27 10.40 29.53
CA ILE A 63 12.10 10.47 30.39
C ILE A 63 10.97 11.20 29.67
N SER A 64 9.82 10.55 29.58
CA SER A 64 8.65 11.10 28.89
C SER A 64 7.55 11.52 29.87
N ASP A 65 7.38 10.76 30.95
CA ASP A 65 6.33 11.03 31.93
C ASP A 65 6.73 10.48 33.32
N TYR A 66 6.03 10.95 34.35
CA TYR A 66 6.21 10.45 35.71
C TYR A 66 4.85 10.13 36.34
N SER A 67 4.87 9.43 37.47
CA SER A 67 3.64 9.11 38.20
C SER A 67 3.94 8.81 39.68
N VAL A 68 3.69 9.79 40.54
CA VAL A 68 3.89 9.64 41.98
C VAL A 68 2.74 8.82 42.58
N SER A 69 3.08 7.92 43.51
CA SER A 69 2.09 7.05 44.16
C SER A 69 1.18 7.85 45.09
N PRO A 70 -0.03 7.33 45.37
CA PRO A 70 -0.99 8.00 46.25
C PRO A 70 -0.47 8.35 47.65
N ASP A 71 0.44 7.52 48.17
CA ASP A 71 1.02 7.74 49.51
C ASP A 71 2.22 8.70 49.52
N ARG A 72 2.68 9.10 48.33
CA ARG A 72 3.82 10.01 48.16
C ARG A 72 5.15 9.41 48.61
N LEU A 73 5.29 8.08 48.54
CA LEU A 73 6.55 7.41 48.90
C LEU A 73 7.33 6.92 47.68
N PHE A 74 6.64 6.70 46.56
CA PHE A 74 7.28 6.17 45.35
C PHE A 74 6.86 6.93 44.10
N VAL A 75 7.78 7.00 43.12
CA VAL A 75 7.52 7.67 41.85
C VAL A 75 7.85 6.72 40.69
N LEU A 76 6.87 6.51 39.81
CA LEU A 76 7.04 5.67 38.64
C LEU A 76 7.57 6.53 37.50
N LEU A 77 8.79 6.23 37.03
CA LEU A 77 9.45 7.02 35.99
C LEU A 77 9.35 6.33 34.62
N GLU A 78 8.58 6.92 33.72
CA GLU A 78 8.39 6.40 32.37
C GLU A 78 9.51 6.86 31.44
N TYR A 79 10.03 5.95 30.64
CA TYR A 79 11.05 6.29 29.63
C TYR A 79 11.08 5.27 28.49
N ASN A 80 11.80 5.60 27.41
CA ASN A 80 11.81 4.83 26.17
C ASN A 80 10.40 4.67 25.58
N TYR A 81 9.74 5.80 25.38
CA TYR A 81 8.37 5.84 24.89
C TYR A 81 8.30 5.47 23.41
N VAL A 82 7.49 4.47 23.09
CA VAL A 82 7.23 4.07 21.70
C VAL A 82 5.73 4.04 21.46
N LYS A 83 5.24 4.99 20.65
CA LYS A 83 3.83 5.11 20.34
C LYS A 83 3.34 3.92 19.53
N GLN A 84 2.09 3.51 19.77
CA GLN A 84 1.45 2.47 18.97
C GLN A 84 0.26 3.06 18.21
N TRP A 85 -0.91 3.16 18.85
CA TRP A 85 -2.09 3.78 18.23
C TRP A 85 -2.39 5.11 18.95
N ARG A 86 -3.66 5.53 18.96
CA ARG A 86 -4.02 6.84 19.49
C ARG A 86 -3.64 7.00 20.96
N HIS A 87 -3.95 5.99 21.78
CA HIS A 87 -3.66 6.02 23.21
C HIS A 87 -2.61 5.00 23.64
N SER A 88 -2.51 3.89 22.91
CA SER A 88 -1.60 2.80 23.26
C SER A 88 -0.13 3.12 22.99
N TYR A 89 0.74 2.63 23.86
CA TYR A 89 2.19 2.75 23.68
C TYR A 89 2.94 1.78 24.61
N THR A 90 4.23 1.59 24.35
CA THR A 90 5.08 0.76 25.22
C THR A 90 6.22 1.60 25.77
N ALA A 91 6.71 1.21 26.95
CA ALA A 91 7.77 1.96 27.63
C ALA A 91 8.49 1.13 28.70
N SER A 92 9.71 1.54 29.01
CA SER A 92 10.45 0.99 30.15
C SER A 92 10.09 1.80 31.39
N TYR A 93 10.26 1.21 32.57
CA TYR A 93 9.90 1.86 33.83
C TYR A 93 10.89 1.56 34.96
N SER A 94 10.94 2.45 35.93
CA SER A 94 11.79 2.28 37.11
C SER A 94 11.24 3.09 38.28
N ILE A 95 11.08 2.45 39.43
CA ILE A 95 10.47 3.08 40.60
C ILE A 95 11.53 3.84 41.39
N TYR A 96 11.16 5.02 41.87
CA TYR A 96 12.05 5.89 42.64
C TYR A 96 11.49 6.10 44.05
N ASP A 97 12.24 5.69 45.06
CA ASP A 97 11.85 5.89 46.45
C ASP A 97 12.08 7.35 46.83
N LEU A 98 11.04 8.00 47.32
CA LEU A 98 11.11 9.41 47.71
C LEU A 98 11.75 9.60 49.08
N ASN A 99 11.45 8.69 50.01
CA ASN A 99 12.01 8.75 51.37
C ASN A 99 13.51 8.49 51.37
N LYS A 100 13.91 7.33 50.83
CA LYS A 100 15.31 6.94 50.77
C LYS A 100 16.08 7.64 49.65
N ARG A 101 15.36 8.19 48.68
CA ARG A 101 15.95 8.97 47.57
C ARG A 101 16.92 8.13 46.74
N GLN A 102 16.45 6.98 46.26
CA GLN A 102 17.25 6.12 45.38
C GLN A 102 16.34 5.10 44.66
N LEU A 103 16.82 4.59 43.52
CA LEU A 103 16.03 3.69 42.70
C LEU A 103 15.97 2.27 43.25
N ILE A 104 14.81 1.62 43.08
CA ILE A 104 14.64 0.21 43.43
C ILE A 104 15.07 -0.63 42.23
N THR A 105 16.21 -1.32 42.38
CA THR A 105 16.82 -2.07 41.27
C THR A 105 16.66 -3.59 41.39
N GLU A 106 15.88 -4.05 42.37
CA GLU A 106 15.59 -5.48 42.52
C GLU A 106 14.15 -5.77 42.09
N GLU A 107 13.95 -6.87 41.37
CA GLU A 107 12.66 -7.22 40.80
C GLU A 107 12.06 -6.04 40.03
N LYS A 108 12.83 -5.51 39.08
CA LYS A 108 12.44 -4.31 38.34
C LYS A 108 11.42 -4.62 37.25
N ILE A 109 10.89 -3.56 36.63
CA ILE A 109 9.85 -3.68 35.61
C ILE A 109 10.51 -4.02 34.26
N PRO A 110 9.93 -4.98 33.52
CA PRO A 110 10.56 -5.43 32.27
C PRO A 110 10.43 -4.45 31.11
N ASN A 111 11.16 -4.72 30.03
CA ASN A 111 11.09 -3.90 28.81
C ASN A 111 9.73 -4.00 28.12
N ASN A 112 9.42 -2.99 27.31
CA ASN A 112 8.19 -2.94 26.52
C ASN A 112 6.93 -3.21 27.35
N THR A 113 6.85 -2.53 28.49
CA THR A 113 5.67 -2.62 29.35
C THR A 113 4.53 -1.86 28.68
N GLN A 114 3.43 -2.56 28.45
CA GLN A 114 2.31 -2.02 27.68
C GLN A 114 1.46 -1.06 28.51
N TRP A 115 1.35 -1.33 29.81
CA TRP A 115 0.63 -0.44 30.72
C TRP A 115 1.06 -0.65 32.18
N ILE A 116 1.04 0.42 32.96
CA ILE A 116 1.31 0.39 34.40
C ILE A 116 0.34 1.31 35.13
N THR A 117 0.15 1.06 36.42
CA THR A 117 -0.68 1.93 37.25
C THR A 117 -0.51 1.62 38.74
N TRP A 118 -0.49 2.68 39.55
CA TRP A 118 -0.57 2.53 41.00
C TRP A 118 -2.00 2.20 41.39
N SER A 119 -2.18 1.66 42.59
CA SER A 119 -3.52 1.46 43.15
C SER A 119 -4.08 2.82 43.58
N GLN A 120 -5.38 2.84 43.91
CA GLN A 120 -6.02 4.08 44.33
C GLN A 120 -5.42 4.60 45.63
N GLU A 121 -5.18 3.68 46.56
CA GLU A 121 -4.51 4.00 47.83
C GLU A 121 -3.19 3.25 47.95
N GLY A 122 -2.33 3.72 48.83
CA GLY A 122 -1.06 3.06 49.11
C GLY A 122 -0.07 3.15 47.96
N HIS A 123 0.41 2.01 47.49
CA HIS A 123 1.44 1.96 46.45
C HIS A 123 1.59 0.57 45.82
N LYS A 124 0.46 -0.06 45.50
CA LYS A 124 0.46 -1.36 44.82
C LYS A 124 0.46 -1.14 43.31
N LEU A 125 1.35 -1.86 42.61
CA LEU A 125 1.46 -1.74 41.15
C LEU A 125 0.84 -2.95 40.45
N ALA A 126 0.07 -2.67 39.40
CA ALA A 126 -0.38 -3.68 38.45
C ALA A 126 0.09 -3.26 37.07
N TYR A 127 0.55 -4.20 36.26
CA TYR A 127 1.06 -3.88 34.93
C TYR A 127 0.89 -5.00 33.92
N VAL A 128 0.69 -4.62 32.66
CA VAL A 128 0.53 -5.56 31.56
C VAL A 128 1.84 -5.68 30.78
N TRP A 129 2.20 -6.93 30.44
CA TRP A 129 3.40 -7.21 29.68
C TRP A 129 3.17 -8.47 28.83
N LYS A 130 3.37 -8.33 27.52
CA LYS A 130 3.05 -9.39 26.55
C LYS A 130 1.63 -9.94 26.74
N ASN A 131 0.67 -9.01 26.85
CA ASN A 131 -0.74 -9.33 27.03
C ASN A 131 -1.07 -10.16 28.29
N ASP A 132 -0.24 -10.01 29.32
CA ASP A 132 -0.46 -10.69 30.60
C ASP A 132 -0.30 -9.71 31.76
N ILE A 133 -1.19 -9.81 32.74
CA ILE A 133 -1.19 -8.91 33.89
C ILE A 133 -0.27 -9.42 34.99
N TYR A 134 0.44 -8.50 35.62
CA TYR A 134 1.36 -8.80 36.72
C TYR A 134 1.08 -7.84 37.87
N VAL A 135 0.77 -8.39 39.04
CA VAL A 135 0.58 -7.57 40.25
C VAL A 135 1.86 -7.53 41.06
N LYS A 136 2.15 -6.37 41.64
CA LYS A 136 3.36 -6.14 42.41
C LYS A 136 3.03 -5.33 43.66
N ILE A 137 2.85 -6.02 44.78
CA ILE A 137 2.44 -5.39 46.04
C ILE A 137 3.47 -4.36 46.50
N GLU A 138 4.73 -4.77 46.53
CA GLU A 138 5.82 -3.91 46.98
C GLU A 138 6.82 -3.72 45.83
N PRO A 139 7.29 -2.47 45.62
CA PRO A 139 8.27 -2.15 44.57
C PRO A 139 9.48 -3.10 44.46
N HIS A 140 9.94 -3.64 45.59
CA HIS A 140 11.10 -4.54 45.59
C HIS A 140 10.71 -6.03 45.60
N LEU A 141 9.45 -6.34 45.88
CA LEU A 141 8.95 -7.72 45.84
C LEU A 141 8.83 -8.23 44.41
N PRO A 142 8.96 -9.56 44.21
CA PRO A 142 8.73 -10.15 42.89
C PRO A 142 7.29 -10.03 42.42
N SER A 143 7.07 -10.11 41.11
CA SER A 143 5.75 -9.99 40.51
C SER A 143 4.95 -11.28 40.67
N HIS A 144 3.63 -11.15 40.69
CA HIS A 144 2.72 -12.29 40.76
C HIS A 144 1.91 -12.38 39.48
N ARG A 145 2.12 -13.43 38.68
CA ARG A 145 1.34 -13.65 37.47
C ARG A 145 -0.14 -13.81 37.80
N ILE A 146 -0.98 -13.03 37.12
CA ILE A 146 -2.43 -13.12 37.28
C ILE A 146 -3.05 -14.00 36.20
N THR A 147 -2.46 -13.99 35.01
CA THR A 147 -2.96 -14.77 33.87
C THR A 147 -1.84 -15.17 32.93
N SER A 148 -2.04 -16.28 32.22
CA SER A 148 -1.06 -16.79 31.25
C SER A 148 -1.73 -17.29 29.98
N THR A 149 -2.73 -16.55 29.50
CA THR A 149 -3.40 -16.84 28.23
C THR A 149 -3.04 -15.81 27.16
N GLY A 150 -2.21 -14.83 27.51
CA GLY A 150 -1.87 -13.73 26.63
C GLY A 150 -1.14 -14.15 25.37
N LYS A 151 -1.46 -13.47 24.27
CA LYS A 151 -0.82 -13.71 22.98
C LYS A 151 -0.96 -12.48 22.09
N GLU A 152 0.09 -12.17 21.33
CA GLU A 152 0.13 -10.96 20.51
C GLU A 152 -1.00 -10.95 19.48
N ASN A 153 -1.87 -9.93 19.59
CA ASN A 153 -3.00 -9.73 18.67
C ASN A 153 -4.07 -10.83 18.70
N VAL A 154 -4.10 -11.63 19.77
CA VAL A 154 -5.12 -12.67 19.92
C VAL A 154 -5.86 -12.51 21.26
N ILE A 155 -5.16 -12.79 22.36
CA ILE A 155 -5.74 -12.62 23.70
C ILE A 155 -5.09 -11.41 24.37
N PHE A 156 -5.94 -10.47 24.82
CA PHE A 156 -5.49 -9.28 25.55
C PHE A 156 -5.98 -9.36 26.99
N ASN A 157 -5.05 -9.32 27.94
CA ASN A 157 -5.41 -9.28 29.36
C ASN A 157 -5.04 -7.94 29.99
N GLY A 158 -6.05 -7.19 30.42
CA GLY A 158 -5.85 -5.91 31.10
C GLY A 158 -5.53 -4.75 30.17
N ILE A 159 -5.71 -4.95 28.87
CA ILE A 159 -5.52 -3.89 27.88
C ILE A 159 -6.51 -4.07 26.73
N ASN A 160 -6.90 -2.95 26.11
CA ASN A 160 -7.85 -2.97 25.01
C ASN A 160 -7.17 -3.29 23.69
N ASP A 161 -7.83 -4.08 22.85
CA ASP A 161 -7.38 -4.29 21.48
C ASP A 161 -7.63 -3.02 20.67
N TRP A 162 -7.62 -3.09 19.34
CA TRP A 162 -7.72 -1.88 18.53
C TRP A 162 -9.08 -1.17 18.67
N VAL A 163 -10.16 -1.92 18.45
CA VAL A 163 -11.50 -1.33 18.41
C VAL A 163 -11.98 -0.82 19.78
N TYR A 164 -11.61 -1.53 20.85
CA TYR A 164 -11.97 -1.10 22.20
C TYR A 164 -11.21 0.14 22.63
N GLU A 165 -9.92 0.19 22.27
CA GLU A 165 -9.09 1.36 22.58
C GLU A 165 -9.62 2.61 21.91
N GLU A 166 -9.95 2.51 20.63
CA GLU A 166 -10.34 3.65 19.82
C GLU A 166 -11.76 4.14 20.14
N GLU A 167 -12.72 3.24 20.08
CA GLU A 167 -14.14 3.61 20.05
C GLU A 167 -14.83 3.60 21.40
N ILE A 168 -14.59 2.55 22.20
CA ILE A 168 -15.36 2.32 23.42
C ILE A 168 -14.78 3.08 24.62
N PHE A 169 -13.61 2.65 25.11
CA PHE A 169 -13.02 3.26 26.31
C PHE A 169 -12.32 4.58 26.02
N GLY A 170 -11.63 4.66 24.88
CA GLY A 170 -10.83 5.85 24.54
C GLY A 170 -9.51 5.85 25.28
N ALA A 171 -9.00 4.66 25.60
CA ALA A 171 -7.75 4.50 26.32
C ALA A 171 -7.25 3.07 26.16
N TYR A 172 -5.98 2.84 26.50
CA TYR A 172 -5.35 1.54 26.35
C TYR A 172 -5.55 0.64 27.57
N SER A 173 -5.71 1.26 28.74
CA SER A 173 -5.90 0.52 29.99
C SER A 173 -7.26 -0.17 30.04
N ALA A 174 -7.27 -1.44 30.46
CA ALA A 174 -8.50 -2.19 30.66
C ALA A 174 -8.48 -2.95 31.99
N LEU A 175 -7.96 -2.28 33.02
CA LEU A 175 -7.96 -2.83 34.39
C LEU A 175 -8.25 -1.73 35.40
N TRP A 176 -8.89 -2.10 36.51
CA TRP A 176 -9.38 -1.13 37.50
C TRP A 176 -9.13 -1.63 38.92
N TRP A 177 -8.33 -0.87 39.67
CA TRP A 177 -8.08 -1.18 41.09
C TRP A 177 -9.31 -0.85 41.94
N SER A 178 -9.51 -1.63 43.00
CA SER A 178 -10.56 -1.35 43.98
C SER A 178 -10.14 -0.19 44.88
N PRO A 179 -11.11 0.48 45.55
CA PRO A 179 -10.78 1.67 46.35
C PRO A 179 -9.67 1.40 47.36
N ASN A 180 -9.82 0.33 48.14
CA ASN A 180 -8.74 -0.20 48.96
C ASN A 180 -8.15 -1.37 48.20
N GLY A 181 -6.82 -1.42 48.08
CA GLY A 181 -6.15 -2.34 47.16
C GLY A 181 -6.30 -3.83 47.46
N THR A 182 -7.54 -4.32 47.45
CA THR A 182 -7.82 -5.73 47.71
C THR A 182 -8.13 -6.47 46.40
N PHE A 183 -8.94 -5.84 45.54
CA PHE A 183 -9.31 -6.44 44.26
C PHE A 183 -8.73 -5.65 43.08
N LEU A 184 -8.39 -6.37 42.03
CA LEU A 184 -7.95 -5.78 40.77
C LEU A 184 -8.81 -6.34 39.65
N ALA A 185 -9.77 -5.55 39.19
CA ALA A 185 -10.64 -5.95 38.09
C ALA A 185 -9.91 -5.76 36.76
N TYR A 186 -10.24 -6.60 35.78
CA TYR A 186 -9.66 -6.49 34.44
C TYR A 186 -10.53 -7.20 33.40
N ALA A 187 -10.44 -6.73 32.16
CA ALA A 187 -11.18 -7.32 31.04
C ALA A 187 -10.25 -8.15 30.18
N GLN A 188 -10.78 -9.24 29.62
CA GLN A 188 -10.04 -10.09 28.69
C GLN A 188 -10.74 -10.10 27.34
N PHE A 189 -10.00 -9.74 26.30
CA PHE A 189 -10.53 -9.73 24.93
C PHE A 189 -9.90 -10.86 24.12
N ASN A 190 -10.66 -11.40 23.17
CA ASN A 190 -10.19 -12.45 22.28
C ASN A 190 -10.51 -12.10 20.84
N ASP A 191 -9.48 -11.90 20.02
CA ASP A 191 -9.65 -11.49 18.62
C ASP A 191 -9.57 -12.67 17.64
N THR A 192 -9.70 -13.90 18.14
CA THR A 192 -9.74 -15.07 17.30
C THR A 192 -11.02 -15.04 16.47
N GLY A 193 -10.88 -14.96 15.15
CA GLY A 193 -12.02 -14.82 14.25
C GLY A 193 -12.14 -13.43 13.66
N VAL A 194 -11.63 -12.43 14.38
CA VAL A 194 -11.63 -11.04 13.89
C VAL A 194 -10.67 -10.94 12.71
N PRO A 195 -11.18 -10.55 11.52
CA PRO A 195 -10.29 -10.47 10.35
C PRO A 195 -9.23 -9.38 10.49
N LEU A 196 -8.22 -9.43 9.62
CA LEU A 196 -7.08 -8.53 9.71
C LEU A 196 -7.08 -7.49 8.59
N ILE A 197 -6.80 -6.23 8.95
CA ILE A 197 -6.37 -5.24 7.96
C ILE A 197 -4.87 -5.43 7.76
N GLU A 198 -4.44 -5.39 6.50
CA GLU A 198 -3.04 -5.54 6.15
C GLU A 198 -2.60 -4.41 5.23
N TYR A 199 -1.55 -3.70 5.63
CA TYR A 199 -0.96 -2.65 4.80
C TYR A 199 0.57 -2.68 4.91
N SER A 200 1.23 -1.95 4.01
CA SER A 200 2.68 -1.97 3.92
C SER A 200 3.31 -0.78 4.67
N PHE A 201 4.28 -1.08 5.52
CA PHE A 201 5.10 -0.06 6.17
C PHE A 201 6.49 -0.09 5.55
N TYR A 202 6.87 0.99 4.89
CA TYR A 202 8.12 1.03 4.13
C TYR A 202 9.35 1.33 5.00
N SER A 203 9.13 2.03 6.11
CA SER A 203 10.18 2.37 7.07
C SER A 203 11.24 3.29 6.44
N ASP A 204 12.38 3.41 7.11
CA ASP A 204 13.48 4.24 6.61
C ASP A 204 14.07 3.65 5.34
N GLU A 205 14.84 4.49 4.64
CA GLU A 205 15.44 4.13 3.35
C GLU A 205 16.27 2.85 3.38
N SER A 206 16.92 2.58 4.50
CA SER A 206 17.81 1.42 4.62
C SER A 206 17.10 0.07 4.47
N LEU A 207 15.82 0.02 4.84
CA LEU A 207 15.05 -1.21 4.74
C LEU A 207 14.86 -1.57 3.27
N GLN A 208 15.24 -2.79 2.90
CA GLN A 208 15.22 -3.22 1.51
C GLN A 208 13.84 -3.70 1.09
N TYR A 209 13.28 -4.65 1.84
CA TYR A 209 11.93 -5.16 1.60
C TYR A 209 10.95 -4.52 2.57
N PRO A 210 9.84 -3.93 2.06
CA PRO A 210 8.86 -3.34 2.96
C PRO A 210 8.19 -4.37 3.87
N LYS A 211 7.85 -3.95 5.09
CA LYS A 211 7.19 -4.82 6.06
C LYS A 211 5.67 -4.70 5.94
N THR A 212 4.99 -5.84 6.05
CA THR A 212 3.53 -5.87 6.04
C THR A 212 2.99 -5.83 7.47
N VAL A 213 2.46 -4.68 7.87
CA VAL A 213 1.81 -4.51 9.16
C VAL A 213 0.42 -5.14 9.10
N TRP A 214 -0.02 -5.75 10.20
CA TRP A 214 -1.36 -6.31 10.28
C TRP A 214 -1.97 -6.12 11.67
N ILE A 215 -3.26 -5.78 11.68
CA ILE A 215 -4.00 -5.53 12.93
C ILE A 215 -5.34 -6.27 12.87
N PRO A 216 -5.74 -6.91 13.99
CA PRO A 216 -7.11 -7.41 14.06
C PRO A 216 -8.11 -6.25 14.08
N TYR A 217 -8.82 -6.07 12.97
CA TYR A 217 -9.67 -4.91 12.77
C TYR A 217 -11.08 -5.35 12.34
N PRO A 218 -12.06 -5.22 13.24
CA PRO A 218 -13.42 -5.60 12.90
C PRO A 218 -14.14 -4.51 12.11
N LYS A 219 -14.29 -4.72 10.81
CA LYS A 219 -15.02 -3.78 9.96
C LYS A 219 -16.53 -3.98 10.11
N ALA A 220 -17.30 -3.03 9.59
CA ALA A 220 -18.75 -3.03 9.72
C ALA A 220 -19.37 -4.33 9.21
N GLY A 221 -19.97 -5.09 10.12
CA GLY A 221 -20.59 -6.37 9.79
C GLY A 221 -19.71 -7.58 10.02
N ALA A 222 -18.41 -7.36 10.17
CA ALA A 222 -17.45 -8.45 10.35
C ALA A 222 -17.46 -8.97 11.78
N VAL A 223 -16.76 -10.07 12.00
CA VAL A 223 -16.69 -10.69 13.32
C VAL A 223 -15.97 -9.78 14.32
N ASN A 224 -16.69 -9.40 15.37
CA ASN A 224 -16.12 -8.60 16.46
C ASN A 224 -15.34 -9.48 17.44
N PRO A 225 -14.51 -8.85 18.29
CA PRO A 225 -13.87 -9.60 19.36
C PRO A 225 -14.84 -9.87 20.51
N THR A 226 -14.63 -10.97 21.23
CA THR A 226 -15.43 -11.29 22.41
C THR A 226 -14.75 -10.72 23.64
N VAL A 227 -15.51 -10.64 24.74
CA VAL A 227 -15.02 -10.01 25.97
C VAL A 227 -15.36 -10.85 27.19
N LYS A 228 -14.48 -10.83 28.19
CA LYS A 228 -14.71 -11.49 29.47
C LYS A 228 -14.20 -10.59 30.59
N PHE A 229 -14.92 -10.56 31.70
CA PHE A 229 -14.55 -9.74 32.85
C PHE A 229 -14.10 -10.64 34.01
N PHE A 230 -13.04 -10.24 34.70
CA PHE A 230 -12.51 -11.00 35.83
C PHE A 230 -12.12 -10.07 36.97
N ILE A 231 -12.15 -10.62 38.19
CA ILE A 231 -11.63 -9.93 39.37
C ILE A 231 -10.74 -10.89 40.14
N VAL A 232 -9.50 -10.46 40.42
CA VAL A 232 -8.55 -11.28 41.19
C VAL A 232 -8.34 -10.69 42.58
N ASN A 233 -8.24 -11.58 43.57
CA ASN A 233 -7.99 -11.16 44.95
C ASN A 233 -6.50 -10.91 45.15
N THR A 234 -6.13 -9.63 45.29
CA THR A 234 -4.73 -9.23 45.33
C THR A 234 -4.06 -9.44 46.69
N ASP A 235 -4.85 -9.38 47.76
CA ASP A 235 -4.33 -9.57 49.12
C ASP A 235 -4.01 -11.04 49.43
N SER A 236 -4.48 -11.97 48.60
CA SER A 236 -4.29 -13.39 48.84
C SER A 236 -3.38 -14.04 47.79
N LEU A 237 -2.42 -13.28 47.27
CA LEU A 237 -1.51 -13.77 46.24
C LEU A 237 -0.21 -14.27 46.85
N SER A 238 0.07 -15.56 46.68
CA SER A 238 1.32 -16.18 47.13
C SER A 238 1.87 -17.11 46.07
N SER A 239 3.16 -17.43 46.16
CA SER A 239 3.82 -18.31 45.19
C SER A 239 3.50 -19.80 45.43
N THR A 240 2.84 -20.11 46.55
CA THR A 240 2.47 -21.48 46.89
C THR A 240 1.08 -21.84 46.34
N THR A 241 0.11 -20.95 46.55
CA THR A 241 -1.25 -21.15 46.05
C THR A 241 -1.39 -20.57 44.65
N THR A 242 -2.17 -21.24 43.80
CA THR A 242 -2.38 -20.79 42.43
C THR A 242 -3.37 -19.63 42.39
N THR A 243 -3.07 -18.64 41.55
CA THR A 243 -3.93 -17.46 41.41
C THR A 243 -5.16 -17.80 40.57
N ILE A 244 -6.34 -17.69 41.17
CA ILE A 244 -7.60 -18.04 40.49
C ILE A 244 -8.56 -16.84 40.50
N PRO A 245 -8.62 -16.08 39.39
CA PRO A 245 -9.57 -14.97 39.27
C PRO A 245 -11.03 -15.42 39.20
N MET A 246 -11.94 -14.53 39.56
CA MET A 246 -13.37 -14.82 39.55
C MET A 246 -14.05 -14.10 38.40
N GLN A 247 -14.74 -14.86 37.55
CA GLN A 247 -15.39 -14.31 36.35
C GLN A 247 -16.81 -13.84 36.65
N ILE A 248 -17.15 -12.65 36.17
CA ILE A 248 -18.51 -12.14 36.23
C ILE A 248 -19.21 -12.40 34.91
N THR A 249 -20.43 -12.93 34.98
CA THR A 249 -21.26 -13.18 33.80
C THR A 249 -22.05 -11.91 33.48
N ALA A 250 -22.10 -11.57 32.19
CA ALA A 250 -22.89 -10.42 31.75
C ALA A 250 -24.38 -10.76 31.77
N PRO A 251 -25.25 -9.74 31.94
CA PRO A 251 -26.70 -9.92 31.97
C PRO A 251 -27.23 -10.85 30.87
N ALA A 252 -28.23 -11.67 31.22
CA ALA A 252 -28.79 -12.65 30.30
C ALA A 252 -29.42 -12.00 29.05
N SER A 253 -30.01 -10.83 29.23
CA SER A 253 -30.60 -10.08 28.12
C SER A 253 -29.54 -9.62 27.12
N VAL A 254 -28.34 -9.34 27.62
CA VAL A 254 -27.23 -8.86 26.79
C VAL A 254 -26.52 -10.02 26.06
N THR A 255 -26.34 -11.14 26.75
CA THR A 255 -25.58 -12.28 26.21
C THR A 255 -26.34 -13.13 25.18
N THR A 256 -27.52 -12.68 24.78
CA THR A 256 -28.28 -13.36 23.72
C THR A 256 -27.55 -13.32 22.37
N GLY A 257 -26.83 -12.22 22.13
CA GLY A 257 -26.01 -12.08 20.92
C GLY A 257 -24.67 -11.44 21.24
N ASP A 258 -24.11 -10.72 20.26
CA ASP A 258 -22.83 -10.02 20.44
C ASP A 258 -23.04 -8.77 21.28
N HIS A 259 -22.05 -8.43 22.10
CA HIS A 259 -22.16 -7.32 23.05
C HIS A 259 -20.79 -6.69 23.38
N TYR A 260 -20.83 -5.57 24.10
CA TYR A 260 -19.62 -4.86 24.51
C TYR A 260 -19.62 -4.57 26.00
N LEU A 261 -18.42 -4.47 26.58
CA LEU A 261 -18.23 -3.92 27.92
C LEU A 261 -17.80 -2.48 27.75
N CYS A 262 -18.61 -1.55 28.26
CA CYS A 262 -18.35 -0.11 28.06
C CYS A 262 -18.48 0.70 29.35
N ASP A 263 -17.48 0.57 30.21
CA ASP A 263 -17.30 1.37 31.45
C ASP A 263 -17.34 0.49 32.69
N VAL A 264 -16.41 0.74 33.62
CA VAL A 264 -16.34 0.02 34.89
C VAL A 264 -15.96 1.01 35.99
N ALA A 265 -16.68 0.95 37.12
CA ALA A 265 -16.43 1.84 38.24
C ALA A 265 -16.71 1.13 39.57
N TRP A 266 -15.73 1.14 40.46
CA TRP A 266 -15.90 0.55 41.79
C TRP A 266 -16.77 1.45 42.66
N VAL A 267 -17.86 0.88 43.19
CA VAL A 267 -18.74 1.60 44.09
C VAL A 267 -18.10 1.62 45.49
N SER A 268 -17.79 0.43 45.98
CA SER A 268 -17.10 0.27 47.26
C SER A 268 -16.09 -0.87 47.14
N GLU A 269 -15.75 -1.50 48.26
CA GLU A 269 -14.82 -2.64 48.26
C GLU A 269 -15.52 -3.93 47.84
N ASP A 270 -16.72 -4.16 48.39
CA ASP A 270 -17.50 -5.36 48.08
C ASP A 270 -18.62 -5.05 47.07
N ARG A 271 -18.40 -4.07 46.20
CA ARG A 271 -19.40 -3.64 45.24
C ARG A 271 -18.76 -2.99 44.01
N ILE A 272 -19.29 -3.30 42.83
CA ILE A 272 -18.75 -2.80 41.58
C ILE A 272 -19.85 -2.68 40.51
N SER A 273 -19.72 -1.66 39.66
CA SER A 273 -20.69 -1.42 38.60
C SER A 273 -20.10 -1.76 37.23
N LEU A 274 -20.81 -2.59 36.47
CA LEU A 274 -20.40 -2.98 35.13
C LEU A 274 -21.42 -2.49 34.10
N GLN A 275 -20.94 -1.75 33.10
CA GLN A 275 -21.80 -1.24 32.04
C GLN A 275 -21.66 -2.12 30.80
N TRP A 276 -22.76 -2.70 30.35
CA TRP A 276 -22.79 -3.55 29.17
C TRP A 276 -23.61 -2.90 28.05
N LEU A 277 -23.50 -3.46 26.85
CA LEU A 277 -24.12 -2.86 25.66
C LEU A 277 -24.18 -3.87 24.52
N ARG A 278 -25.36 -4.01 23.92
CA ARG A 278 -25.55 -4.92 22.77
C ARG A 278 -24.86 -4.39 21.52
N ARG A 279 -24.63 -5.28 20.55
CA ARG A 279 -24.02 -4.90 19.29
C ARG A 279 -24.90 -3.91 18.53
N ILE A 280 -26.21 -4.13 18.57
CA ILE A 280 -27.17 -3.12 18.12
C ILE A 280 -27.26 -2.12 19.27
N GLN A 281 -26.56 -1.01 19.13
CA GLN A 281 -26.29 -0.10 20.25
C GLN A 281 -27.48 0.82 20.57
N ASN A 282 -28.57 0.20 21.04
CA ASN A 282 -29.75 0.92 21.50
C ASN A 282 -30.31 0.31 22.78
N TYR A 283 -29.42 -0.31 23.56
CA TYR A 283 -29.80 -1.08 24.75
C TYR A 283 -28.57 -1.29 25.64
N SER A 284 -28.56 -0.64 26.79
CA SER A 284 -27.44 -0.72 27.73
C SER A 284 -27.92 -1.11 29.12
N VAL A 285 -27.25 -2.10 29.73
CA VAL A 285 -27.58 -2.57 31.07
C VAL A 285 -26.45 -2.23 32.03
N MET A 286 -26.78 -1.53 33.12
CA MET A 286 -25.82 -1.22 34.18
C MET A 286 -26.05 -2.16 35.35
N ALA A 287 -25.32 -3.26 35.38
CA ALA A 287 -25.46 -4.27 36.44
C ALA A 287 -24.51 -3.96 37.59
N ILE A 288 -25.07 -3.68 38.77
CA ILE A 288 -24.29 -3.49 39.99
C ILE A 288 -24.14 -4.87 40.64
N CYS A 289 -22.91 -5.28 40.89
CA CYS A 289 -22.62 -6.61 41.43
C CYS A 289 -21.95 -6.52 42.80
N ASP A 290 -22.36 -7.43 43.70
CA ASP A 290 -21.85 -7.46 45.07
C ASP A 290 -21.00 -8.70 45.33
N TYR A 291 -19.97 -8.54 46.15
CA TYR A 291 -19.04 -9.63 46.47
C TYR A 291 -19.58 -10.53 47.56
N ASP A 292 -19.59 -11.84 47.30
CA ASP A 292 -19.97 -12.83 48.30
C ASP A 292 -18.72 -13.31 49.02
N LYS A 293 -18.67 -13.08 50.33
CA LYS A 293 -17.50 -13.39 51.14
C LYS A 293 -17.29 -14.90 51.32
N THR A 294 -18.38 -15.65 51.43
CA THR A 294 -18.31 -17.08 51.70
C THR A 294 -17.99 -17.91 50.46
N THR A 295 -18.86 -17.87 49.46
CA THR A 295 -18.74 -18.72 48.27
C THR A 295 -17.79 -18.19 47.20
N LEU A 296 -17.31 -16.95 47.37
CA LEU A 296 -16.36 -16.33 46.43
C LEU A 296 -16.89 -16.22 45.00
N VAL A 297 -18.11 -15.69 44.89
CA VAL A 297 -18.74 -15.42 43.59
C VAL A 297 -19.43 -14.07 43.64
N TRP A 298 -19.22 -13.26 42.61
CA TRP A 298 -19.81 -11.92 42.56
C TRP A 298 -21.26 -12.01 42.06
N ASN A 299 -22.20 -11.73 42.95
CA ASN A 299 -23.62 -11.81 42.63
C ASN A 299 -24.09 -10.57 41.88
N CYS A 300 -24.81 -10.79 40.78
CA CYS A 300 -25.39 -9.70 39.99
C CYS A 300 -26.89 -9.95 39.84
N PRO A 301 -27.70 -9.50 40.81
CA PRO A 301 -29.15 -9.71 40.76
C PRO A 301 -29.83 -8.90 39.66
N THR A 302 -31.00 -9.34 39.23
CA THR A 302 -31.77 -8.65 38.20
C THR A 302 -32.30 -7.30 38.69
N THR A 303 -32.52 -7.19 40.00
CA THR A 303 -33.04 -5.96 40.61
C THR A 303 -32.05 -4.80 40.57
N GLN A 304 -30.76 -5.11 40.44
CA GLN A 304 -29.71 -4.08 40.36
C GLN A 304 -29.24 -3.84 38.94
N GLU A 305 -30.12 -4.04 37.96
CA GLU A 305 -29.83 -3.81 36.55
C GLU A 305 -30.62 -2.61 36.03
N HIS A 306 -29.94 -1.49 35.82
CA HIS A 306 -30.57 -0.28 35.30
C HIS A 306 -30.47 -0.24 33.77
N ILE A 307 -31.59 -0.43 33.10
CA ILE A 307 -31.64 -0.47 31.64
C ILE A 307 -31.73 0.94 31.06
N GLU A 308 -30.99 1.16 29.97
CA GLU A 308 -31.14 2.37 29.14
C GLU A 308 -31.52 1.94 27.73
N THR A 309 -32.36 2.75 27.07
CA THR A 309 -32.81 2.45 25.70
C THR A 309 -32.93 3.73 24.88
N SER A 310 -33.14 3.56 23.58
CA SER A 310 -33.32 4.69 22.67
C SER A 310 -34.01 4.24 21.38
N ALA A 311 -35.22 4.74 21.15
CA ALA A 311 -35.98 4.43 19.94
C ALA A 311 -35.53 5.31 18.77
N THR A 312 -35.11 6.54 19.07
CA THR A 312 -34.68 7.48 18.04
C THR A 312 -33.29 7.17 17.49
N GLY A 313 -32.41 6.59 18.32
CA GLY A 313 -31.04 6.29 17.89
C GLY A 313 -30.26 5.38 18.83
N TRP A 314 -29.28 5.96 19.53
CA TRP A 314 -28.31 5.19 20.31
C TRP A 314 -28.18 5.72 21.74
N CYS A 315 -27.67 4.87 22.63
CA CYS A 315 -27.53 5.20 24.05
C CYS A 315 -26.35 6.14 24.29
N GLY A 316 -26.63 7.24 25.00
CA GLY A 316 -25.60 8.25 25.28
C GLY A 316 -25.19 9.01 24.04
N ARG A 317 -24.11 9.78 24.17
CA ARG A 317 -23.57 10.53 23.05
C ARG A 317 -22.72 9.62 22.16
N PHE A 318 -21.62 9.11 22.73
CA PHE A 318 -20.81 8.08 22.08
C PHE A 318 -20.92 6.75 22.81
N ARG A 319 -21.27 6.80 24.09
CA ARG A 319 -21.51 5.61 24.90
C ARG A 319 -22.31 5.97 26.15
N PRO A 320 -22.89 4.97 26.84
CA PRO A 320 -23.55 5.20 28.12
C PRO A 320 -22.66 5.98 29.11
N ALA A 321 -23.28 6.91 29.84
CA ALA A 321 -22.54 7.86 30.67
C ALA A 321 -21.95 7.22 31.93
N GLU A 322 -20.96 7.91 32.50
CA GLU A 322 -20.30 7.47 33.72
C GLU A 322 -21.20 7.74 34.92
N PRO A 323 -21.45 6.70 35.75
CA PRO A 323 -22.18 6.90 37.00
C PRO A 323 -21.26 7.35 38.13
N HIS A 324 -21.73 8.31 38.92
CA HIS A 324 -20.96 8.84 40.05
C HIS A 324 -21.61 8.46 41.38
N PHE A 325 -21.09 7.40 41.99
CA PHE A 325 -21.65 6.89 43.25
C PHE A 325 -21.24 7.74 44.46
N THR A 326 -22.04 7.66 45.52
CA THR A 326 -21.73 8.31 46.78
C THR A 326 -20.76 7.45 47.60
N SER A 327 -20.23 8.02 48.67
CA SER A 327 -19.25 7.32 49.52
C SER A 327 -19.85 6.06 50.17
N ASP A 328 -21.12 6.14 50.55
CA ASP A 328 -21.85 4.98 51.08
C ASP A 328 -22.05 3.91 50.00
N GLY A 329 -22.26 4.35 48.76
CA GLY A 329 -22.39 3.44 47.63
C GLY A 329 -23.79 2.91 47.39
N SER A 330 -24.79 3.77 47.57
CA SER A 330 -26.19 3.40 47.34
C SER A 330 -26.82 4.23 46.22
N SER A 331 -26.60 5.54 46.24
CA SER A 331 -27.12 6.43 45.21
C SER A 331 -26.01 6.86 44.24
N PHE A 332 -26.35 7.01 42.97
CA PHE A 332 -25.41 7.49 41.96
C PHE A 332 -26.06 8.46 40.97
N TYR A 333 -25.22 9.20 40.25
CA TYR A 333 -25.68 10.20 39.28
C TYR A 333 -24.98 10.01 37.94
N LYS A 334 -25.78 10.03 36.86
CA LYS A 334 -25.25 10.02 35.51
C LYS A 334 -26.07 10.94 34.60
N ILE A 335 -25.47 11.35 33.50
CA ILE A 335 -26.11 12.25 32.54
C ILE A 335 -27.00 11.43 31.61
N VAL A 336 -28.31 11.68 31.65
CA VAL A 336 -29.30 10.92 30.89
C VAL A 336 -30.32 11.86 30.23
N SER A 337 -30.86 11.45 29.09
CA SER A 337 -31.82 12.25 28.34
C SER A 337 -33.17 12.39 29.05
N ASP A 338 -33.76 13.58 28.94
CA ASP A 338 -35.08 13.86 29.49
C ASP A 338 -36.19 13.31 28.57
N LYS A 339 -37.44 13.63 28.90
CA LYS A 339 -38.56 13.33 28.02
C LYS A 339 -38.51 14.19 26.76
N ASP A 340 -37.91 15.37 26.87
CA ASP A 340 -37.70 16.27 25.73
C ASP A 340 -36.44 15.92 24.93
N GLY A 341 -35.62 15.02 25.47
CA GLY A 341 -34.41 14.55 24.80
C GLY A 341 -33.17 15.38 25.13
N TYR A 342 -33.13 15.96 26.32
CA TYR A 342 -32.01 16.78 26.76
C TYR A 342 -31.20 16.07 27.85
N LYS A 343 -29.88 16.02 27.66
CA LYS A 343 -28.98 15.38 28.62
C LYS A 343 -28.92 16.15 29.94
N HIS A 344 -29.41 15.52 31.01
CA HIS A 344 -29.40 16.11 32.36
C HIS A 344 -29.09 15.06 33.42
N ILE A 345 -28.73 15.53 34.61
CA ILE A 345 -28.31 14.64 35.70
C ILE A 345 -29.52 14.02 36.39
N CYS A 346 -29.68 12.70 36.27
CA CYS A 346 -30.77 11.97 36.92
C CYS A 346 -30.27 11.22 38.14
N GLN A 347 -31.04 11.26 39.22
CA GLN A 347 -30.68 10.62 40.48
C GLN A 347 -31.19 9.18 40.52
N PHE A 348 -30.29 8.24 40.80
CA PHE A 348 -30.63 6.81 40.89
C PHE A 348 -30.25 6.24 42.26
N GLN A 349 -30.85 5.10 42.58
CA GLN A 349 -30.48 4.29 43.76
C GLN A 349 -29.88 2.97 43.27
N LYS A 350 -29.34 2.18 44.20
CA LYS A 350 -28.67 0.91 43.86
C LYS A 350 -29.68 -0.09 43.26
N ASP A 351 -30.90 -0.07 43.78
CA ASP A 351 -31.99 -0.90 43.26
C ASP A 351 -32.78 -0.10 42.24
N ARG A 352 -33.27 -0.77 41.19
CA ARG A 352 -34.08 -0.10 40.18
C ARG A 352 -35.49 0.15 40.71
N LYS A 353 -36.20 1.08 40.08
CA LYS A 353 -37.58 1.39 40.41
C LYS A 353 -38.49 0.73 39.38
N PRO A 354 -39.74 0.40 39.77
CA PRO A 354 -40.69 -0.39 38.98
C PRO A 354 -40.53 -0.30 37.45
N GLU A 355 -40.45 0.92 36.92
CA GLU A 355 -40.28 1.11 35.47
C GLU A 355 -39.17 2.12 35.16
N GLN A 356 -38.04 1.97 35.86
CA GLN A 356 -36.81 2.71 35.56
C GLN A 356 -36.94 4.24 35.68
N VAL A 357 -37.82 4.69 36.57
CA VAL A 357 -38.01 6.13 36.79
C VAL A 357 -36.86 6.69 37.63
N CYS A 358 -36.46 7.93 37.34
CA CYS A 358 -35.41 8.61 38.10
C CYS A 358 -35.66 10.12 38.18
N THR A 359 -35.07 10.76 39.18
CA THR A 359 -35.32 12.17 39.47
C THR A 359 -34.30 13.09 38.80
N PHE A 360 -34.77 13.88 37.83
CA PHE A 360 -33.90 14.84 37.14
C PHE A 360 -33.69 16.08 38.00
N ILE A 361 -32.45 16.35 38.38
CA ILE A 361 -32.13 17.49 39.23
C ILE A 361 -31.88 18.77 38.43
N THR A 362 -31.82 18.65 37.10
CA THR A 362 -31.72 19.81 36.20
C THR A 362 -32.68 19.67 35.02
N LYS A 363 -33.09 20.80 34.46
CA LYS A 363 -34.06 20.83 33.37
C LYS A 363 -33.95 22.10 32.54
N GLY A 364 -34.58 22.09 31.37
CA GLY A 364 -34.58 23.25 30.46
C GLY A 364 -33.97 22.90 29.12
N ALA A 365 -34.11 23.82 28.16
CA ALA A 365 -33.60 23.63 26.80
C ALA A 365 -32.09 23.84 26.73
N TRP A 366 -31.35 22.92 27.35
CA TRP A 366 -29.89 22.95 27.39
C TRP A 366 -29.40 21.62 27.95
N GLU A 367 -28.10 21.36 27.83
CA GLU A 367 -27.53 20.07 28.25
C GLU A 367 -26.38 20.20 29.24
N VAL A 368 -26.24 19.20 30.09
CA VAL A 368 -25.11 19.09 31.00
C VAL A 368 -23.97 18.38 30.26
N ILE A 369 -22.77 18.94 30.35
CA ILE A 369 -21.62 18.40 29.62
C ILE A 369 -21.00 17.24 30.39
N SER A 370 -20.56 17.50 31.62
CA SER A 370 -19.88 16.49 32.44
C SER A 370 -20.13 16.71 33.93
N ILE A 371 -19.69 15.75 34.73
CA ILE A 371 -19.76 15.83 36.19
C ILE A 371 -18.35 15.70 36.75
N GLU A 372 -17.76 16.82 37.14
CA GLU A 372 -16.36 16.86 37.58
C GLU A 372 -16.18 16.31 39.00
N ALA A 373 -17.15 16.54 39.87
CA ALA A 373 -17.06 16.06 41.26
C ALA A 373 -18.43 15.92 41.93
N LEU A 374 -18.49 15.05 42.93
CA LEU A 374 -19.69 14.84 43.74
C LEU A 374 -19.29 14.73 45.21
N THR A 375 -19.66 15.73 46.00
CA THR A 375 -19.39 15.75 47.44
C THR A 375 -20.64 15.35 48.22
N SER A 376 -20.52 15.28 49.54
CA SER A 376 -21.65 14.99 50.42
C SER A 376 -22.69 16.11 50.41
N ASP A 377 -22.23 17.34 50.21
CA ASP A 377 -23.10 18.52 50.28
C ASP A 377 -23.55 19.04 48.92
N TYR A 378 -22.67 18.98 47.92
CA TYR A 378 -22.95 19.59 46.60
C TYR A 378 -22.53 18.72 45.41
N LEU A 379 -23.06 19.06 44.24
CA LEU A 379 -22.76 18.37 42.97
C LEU A 379 -22.21 19.41 41.99
N TYR A 380 -21.05 19.12 41.42
CA TYR A 380 -20.40 20.00 40.45
C TYR A 380 -20.59 19.47 39.04
N TYR A 381 -20.92 20.36 38.10
CA TYR A 381 -21.07 19.98 36.69
C TYR A 381 -20.83 21.14 35.73
N ILE A 382 -20.48 20.81 34.49
CA ILE A 382 -20.34 21.80 33.43
C ILE A 382 -21.57 21.73 32.52
N SER A 383 -22.07 22.89 32.09
CA SER A 383 -23.22 22.96 31.20
C SER A 383 -23.05 24.04 30.15
N ASN A 384 -23.96 24.07 29.18
CA ASN A 384 -23.96 25.06 28.11
C ASN A 384 -25.20 25.96 28.17
N GLU A 385 -25.65 26.24 29.39
CA GLU A 385 -26.88 27.00 29.62
C GLU A 385 -26.68 28.50 29.47
N TYR A 386 -25.61 29.01 30.08
CA TYR A 386 -25.36 30.45 30.15
C TYR A 386 -25.49 31.14 28.79
N LYS A 387 -26.45 32.07 28.70
CA LYS A 387 -26.71 32.85 27.48
C LYS A 387 -27.20 32.00 26.31
N GLU A 388 -27.73 30.82 26.61
CA GLU A 388 -28.20 29.87 25.59
C GLU A 388 -27.16 29.66 24.49
N MET A 389 -25.94 29.31 24.91
CA MET A 389 -24.84 29.07 23.97
C MET A 389 -24.36 27.63 24.07
N PRO A 390 -24.74 26.78 23.10
CA PRO A 390 -24.21 25.41 23.04
C PRO A 390 -22.68 25.38 22.97
N GLY A 391 -22.09 26.39 22.32
CA GLY A 391 -20.65 26.52 22.22
C GLY A 391 -19.97 26.89 23.52
N GLY A 392 -20.66 27.63 24.38
CA GLY A 392 -20.09 28.08 25.66
C GLY A 392 -20.01 26.99 26.70
N ARG A 393 -19.10 27.17 27.65
CA ARG A 393 -18.90 26.21 28.75
C ARG A 393 -18.63 26.94 30.06
N ASN A 394 -19.40 26.60 31.10
CA ASN A 394 -19.28 27.22 32.42
C ASN A 394 -19.42 26.21 33.56
N LEU A 395 -18.74 26.47 34.67
CA LEU A 395 -18.79 25.60 35.85
C LEU A 395 -20.00 25.93 36.70
N TYR A 396 -20.85 24.92 36.94
CA TYR A 396 -22.06 25.08 37.74
C TYR A 396 -21.97 24.29 39.05
N LYS A 397 -22.86 24.61 39.98
CA LYS A 397 -22.90 23.98 41.30
C LYS A 397 -24.34 23.89 41.79
N ILE A 398 -24.76 22.69 42.18
CA ILE A 398 -26.12 22.45 42.65
C ILE A 398 -26.12 21.63 43.95
N GLN A 399 -27.04 21.99 44.86
CA GLN A 399 -27.15 21.30 46.15
C GLN A 399 -27.99 20.03 45.99
N LEU A 400 -27.70 19.04 46.82
CA LEU A 400 -28.29 17.70 46.69
C LEU A 400 -29.79 17.69 46.97
N THR A 401 -30.17 18.23 48.13
CA THR A 401 -31.58 18.29 48.53
C THR A 401 -32.28 19.44 47.80
N ASP A 402 -31.76 20.65 47.98
CA ASP A 402 -32.34 21.84 47.38
C ASP A 402 -31.84 22.02 45.94
N HIS A 403 -32.64 21.56 44.99
CA HIS A 403 -32.26 21.63 43.57
C HIS A 403 -32.25 23.07 43.05
N THR A 404 -33.09 23.92 43.63
CA THR A 404 -33.19 25.33 43.21
C THR A 404 -31.94 26.12 43.58
N ASN A 405 -31.20 25.68 44.59
CA ASN A 405 -29.90 26.25 44.92
C ASN A 405 -28.91 25.90 43.81
N LYS A 406 -28.93 26.71 42.75
CA LYS A 406 -28.26 26.39 41.48
C LYS A 406 -27.35 27.54 41.06
N LYS A 407 -26.07 27.45 41.46
CA LYS A 407 -25.09 28.50 41.22
C LYS A 407 -24.35 28.35 39.89
N CYS A 408 -23.59 29.38 39.54
CA CYS A 408 -22.59 29.32 38.47
C CYS A 408 -21.31 29.99 38.97
N LEU A 409 -20.21 29.25 38.98
CA LEU A 409 -18.96 29.75 39.54
C LEU A 409 -18.04 30.44 38.52
N SER A 410 -18.43 30.45 37.25
CA SER A 410 -17.57 31.00 36.19
C SER A 410 -18.32 31.85 35.14
N CYS A 411 -19.52 32.30 35.47
CA CYS A 411 -20.33 33.09 34.53
C CYS A 411 -19.86 34.55 34.43
N ASP A 412 -19.41 35.10 35.54
CA ASP A 412 -19.09 36.54 35.63
C ASP A 412 -17.62 36.85 35.92
N LEU A 413 -16.76 35.84 35.90
CA LEU A 413 -15.32 36.05 36.15
C LEU A 413 -14.72 37.04 35.16
N ASN A 414 -14.97 36.81 33.88
CA ASN A 414 -14.61 37.75 32.83
C ASN A 414 -15.46 37.45 31.58
N PRO A 415 -16.61 38.15 31.44
CA PRO A 415 -17.59 37.80 30.40
C PRO A 415 -17.13 38.03 28.96
N GLU A 416 -16.19 38.96 28.76
CA GLU A 416 -15.64 39.23 27.43
C GLU A 416 -14.53 38.23 27.08
N ARG A 417 -13.58 38.08 27.98
CA ARG A 417 -12.41 37.22 27.75
C ARG A 417 -12.73 35.72 27.86
N CYS A 418 -13.69 35.38 28.71
CA CYS A 418 -13.95 33.97 29.03
C CYS A 418 -15.42 33.57 28.90
N GLN A 419 -15.72 32.75 27.90
CA GLN A 419 -17.03 32.11 27.73
C GLN A 419 -16.91 30.58 27.60
N TYR A 420 -15.69 30.05 27.80
CA TYR A 420 -15.42 28.62 27.62
C TYR A 420 -14.46 28.14 28.71
N TYR A 421 -15.01 27.47 29.72
CA TYR A 421 -14.24 27.04 30.89
C TYR A 421 -14.06 25.53 30.98
N SER A 422 -12.97 25.11 31.62
CA SER A 422 -12.72 23.72 31.98
C SER A 422 -12.13 23.69 33.39
N VAL A 423 -12.48 22.67 34.17
CA VAL A 423 -12.16 22.64 35.59
C VAL A 423 -11.41 21.38 36.02
N SER A 424 -10.47 21.57 36.95
CA SER A 424 -9.73 20.47 37.57
C SER A 424 -9.79 20.62 39.10
N LEU A 425 -10.81 19.99 39.69
CA LEU A 425 -11.07 20.11 41.13
C LEU A 425 -10.08 19.33 41.99
N SER A 426 -10.10 19.62 43.30
CA SER A 426 -9.26 18.91 44.27
C SER A 426 -9.92 17.58 44.64
N LYS A 427 -9.28 16.83 45.54
CA LYS A 427 -9.74 15.48 45.93
C LYS A 427 -11.14 15.43 46.57
N GLU A 428 -11.57 16.54 47.19
CA GLU A 428 -12.94 16.63 47.70
C GLU A 428 -13.51 18.05 47.59
N ALA A 429 -13.23 18.69 46.46
CA ALA A 429 -13.83 19.99 46.12
C ALA A 429 -13.67 21.07 47.20
N LYS A 430 -12.45 21.24 47.68
CA LYS A 430 -12.11 22.34 48.59
C LYS A 430 -11.44 23.46 47.80
N TYR A 431 -10.55 23.09 46.88
CA TYR A 431 -9.93 24.03 45.95
C TYR A 431 -10.18 23.57 44.51
N TYR A 432 -10.06 24.47 43.56
CA TYR A 432 -10.21 24.12 42.14
C TYR A 432 -9.50 25.09 41.20
N GLN A 433 -9.12 24.57 40.04
CA GLN A 433 -8.50 25.35 38.98
C GLN A 433 -9.53 25.64 37.88
N LEU A 434 -9.59 26.89 37.42
CA LEU A 434 -10.41 27.25 36.28
C LEU A 434 -9.55 27.32 35.03
N GLY A 435 -10.07 26.79 33.93
CA GLY A 435 -9.35 26.75 32.66
C GLY A 435 -10.11 27.48 31.58
N CYS A 436 -9.96 28.81 31.56
CA CYS A 436 -10.56 29.64 30.52
C CYS A 436 -9.80 29.42 29.21
N ARG A 437 -10.47 28.82 28.23
CA ARG A 437 -9.84 28.49 26.95
C ARG A 437 -10.03 29.61 25.93
N GLY A 438 -11.24 30.15 25.85
CA GLY A 438 -11.56 31.23 24.90
C GLY A 438 -12.76 32.05 25.32
N PRO A 439 -13.18 33.02 24.47
CA PRO A 439 -12.59 33.36 23.17
C PRO A 439 -11.40 34.33 23.26
N GLY A 440 -11.09 34.83 24.45
CA GLY A 440 -9.89 35.64 24.65
C GLY A 440 -8.66 34.77 24.83
N LEU A 441 -7.54 35.40 25.18
CA LEU A 441 -6.31 34.65 25.47
C LEU A 441 -6.53 33.78 26.71
N PRO A 442 -6.13 32.50 26.66
CA PRO A 442 -6.44 31.58 27.76
C PRO A 442 -5.96 32.06 29.14
N LEU A 443 -6.79 31.85 30.15
CA LEU A 443 -6.52 32.29 31.52
C LEU A 443 -6.65 31.11 32.48
N TYR A 444 -5.70 30.96 33.40
CA TYR A 444 -5.73 29.89 34.39
C TYR A 444 -5.53 30.45 35.79
N THR A 445 -6.43 30.08 36.71
CA THR A 445 -6.45 30.63 38.06
C THR A 445 -6.79 29.58 39.11
N LEU A 446 -6.46 29.88 40.37
CA LEU A 446 -6.73 29.02 41.51
C LEU A 446 -7.93 29.58 42.27
N HIS A 447 -8.70 28.72 42.94
CA HIS A 447 -9.91 29.15 43.65
C HIS A 447 -10.19 28.36 44.94
N ARG A 448 -11.05 28.94 45.78
CA ARG A 448 -11.60 28.29 46.96
C ARG A 448 -13.06 27.94 46.68
N SER A 449 -13.51 26.81 47.24
CA SER A 449 -14.85 26.28 46.94
C SER A 449 -15.98 27.00 47.68
N THR A 450 -15.78 27.30 48.96
CA THR A 450 -16.83 27.95 49.77
C THR A 450 -17.15 29.35 49.24
N ASP A 451 -16.19 30.27 49.37
CA ASP A 451 -16.31 31.59 48.77
C ASP A 451 -15.56 31.59 47.43
N GLN A 452 -16.24 32.01 46.37
CA GLN A 452 -15.66 31.98 45.02
C GLN A 452 -14.59 33.08 44.90
N LYS A 453 -13.43 32.82 45.49
CA LYS A 453 -12.36 33.81 45.60
C LYS A 453 -11.12 33.35 44.84
N GLU A 454 -10.66 34.17 43.91
CA GLU A 454 -9.46 33.89 43.14
C GLU A 454 -8.22 34.10 44.02
N LEU A 455 -7.49 33.02 44.27
CA LEU A 455 -6.31 33.07 45.14
C LEU A 455 -5.12 33.67 44.40
N ARG A 456 -4.86 33.16 43.19
CA ARG A 456 -3.76 33.65 42.36
C ARG A 456 -3.97 33.33 40.87
N VAL A 457 -3.25 34.05 40.02
CA VAL A 457 -3.26 33.81 38.58
C VAL A 457 -2.14 32.85 38.20
N LEU A 458 -2.51 31.66 37.74
CA LEU A 458 -1.55 30.61 37.39
C LEU A 458 -0.92 30.90 36.03
N GLU A 459 -1.76 31.23 35.05
CA GLU A 459 -1.28 31.61 33.71
C GLU A 459 -2.20 32.65 33.08
N ASP A 460 -1.63 33.81 32.75
CA ASP A 460 -2.38 34.91 32.14
C ASP A 460 -2.09 35.06 30.63
N ASN A 461 -1.14 34.28 30.12
CA ASN A 461 -0.72 34.36 28.72
C ASN A 461 -0.24 35.75 28.31
N SER A 462 0.42 36.45 29.23
CA SER A 462 0.98 37.77 28.96
C SER A 462 2.18 37.68 28.02
N ALA A 463 2.99 36.64 28.19
CA ALA A 463 4.15 36.40 27.32
C ALA A 463 3.74 36.33 25.85
N LEU A 464 2.64 35.64 25.58
CA LEU A 464 2.04 35.58 24.25
C LEU A 464 1.50 36.94 23.82
N ASP A 465 0.92 37.66 24.77
CA ASP A 465 0.28 38.96 24.52
C ASP A 465 1.26 40.00 23.97
N LYS A 466 2.47 40.02 24.51
CA LYS A 466 3.51 40.97 24.06
C LYS A 466 4.04 40.68 22.65
N MET A 467 3.90 39.43 22.21
CA MET A 467 4.34 39.05 20.86
C MET A 467 3.28 39.31 19.79
N LEU A 468 2.01 39.23 20.18
CA LEU A 468 0.89 39.46 19.25
C LEU A 468 0.43 40.91 19.24
N GLN A 469 1.38 41.85 19.30
CA GLN A 469 1.06 43.28 19.30
C GLN A 469 1.45 43.98 17.99
N ASP A 470 2.15 43.26 17.10
CA ASP A 470 2.45 43.77 15.76
C ASP A 470 1.80 42.91 14.67
N VAL A 471 0.98 41.94 15.06
CA VAL A 471 0.34 41.02 14.12
C VAL A 471 -1.11 41.43 13.86
N GLN A 472 -1.55 41.24 12.62
CA GLN A 472 -2.93 41.54 12.25
C GLN A 472 -3.83 40.39 12.69
N MET A 473 -4.45 40.55 13.85
CA MET A 473 -5.23 39.48 14.48
C MET A 473 -6.59 39.30 13.82
N PRO A 474 -7.01 38.04 13.57
CA PRO A 474 -8.38 37.75 13.18
C PRO A 474 -9.37 37.98 14.33
N SER A 475 -10.65 37.72 14.08
CA SER A 475 -11.69 37.89 15.09
C SER A 475 -12.79 36.85 14.92
N LYS A 476 -13.16 36.20 16.03
CA LYS A 476 -14.14 35.11 16.00
C LYS A 476 -15.55 35.65 16.21
N LYS A 477 -16.47 35.22 15.33
CA LYS A 477 -17.86 35.67 15.38
C LYS A 477 -18.78 34.46 15.59
N LEU A 478 -19.17 34.24 16.83
CA LEU A 478 -20.05 33.13 17.19
C LEU A 478 -21.50 33.60 17.16
N ASP A 479 -22.33 32.95 16.35
CA ASP A 479 -23.74 33.32 16.21
C ASP A 479 -24.54 32.18 15.57
N PHE A 480 -25.79 32.44 15.19
CA PHE A 480 -26.66 31.41 14.63
C PHE A 480 -27.60 31.92 13.53
N ILE A 481 -28.29 30.97 12.91
CA ILE A 481 -29.35 31.26 11.94
C ILE A 481 -30.61 30.49 12.36
N VAL A 482 -31.71 30.70 11.66
CA VAL A 482 -32.97 30.02 11.97
C VAL A 482 -33.51 29.26 10.76
N LEU A 483 -33.53 27.94 10.86
CA LEU A 483 -34.08 27.06 9.82
C LEU A 483 -35.19 26.21 10.41
N ASN A 484 -36.40 26.33 9.84
CA ASN A 484 -37.58 25.59 10.30
C ASN A 484 -37.85 25.77 11.80
N GLU A 485 -37.79 27.02 12.25
CA GLU A 485 -38.04 27.39 13.66
C GLU A 485 -37.06 26.77 14.65
N THR A 486 -35.85 26.43 14.18
CA THR A 486 -34.80 25.89 15.05
C THR A 486 -33.50 26.62 14.74
N ARG A 487 -32.76 26.97 15.79
CA ARG A 487 -31.54 27.77 15.65
C ARG A 487 -30.28 26.89 15.59
N PHE A 488 -29.57 26.99 14.47
CA PHE A 488 -28.31 26.26 14.26
C PHE A 488 -27.15 27.24 14.34
N TRP A 489 -26.24 27.00 15.28
CA TRP A 489 -25.12 27.91 15.53
C TRP A 489 -23.97 27.68 14.56
N TYR A 490 -23.25 28.77 14.26
CA TYR A 490 -22.07 28.72 13.41
C TYR A 490 -20.96 29.59 14.01
N GLN A 491 -19.76 29.50 13.43
CA GLN A 491 -18.67 30.40 13.79
C GLN A 491 -17.92 30.83 12.52
N MET A 492 -17.26 31.98 12.61
CA MET A 492 -16.51 32.53 11.48
C MET A 492 -15.23 33.21 11.95
N ILE A 493 -14.09 32.74 11.45
CA ILE A 493 -12.81 33.35 11.75
C ILE A 493 -12.59 34.48 10.75
N LEU A 494 -13.09 35.66 11.11
CA LEU A 494 -13.08 36.82 10.22
C LEU A 494 -11.67 37.39 10.07
N PRO A 495 -11.34 37.93 8.88
CA PRO A 495 -10.02 38.54 8.67
C PRO A 495 -9.89 39.87 9.42
N PRO A 496 -8.64 40.32 9.67
CA PRO A 496 -8.40 41.54 10.44
C PRO A 496 -9.16 42.75 9.90
N HIS A 497 -9.89 43.43 10.79
CA HIS A 497 -10.69 44.60 10.43
C HIS A 497 -11.69 44.25 9.32
N PHE A 498 -12.51 43.24 9.61
CA PHE A 498 -13.47 42.71 8.64
C PHE A 498 -14.47 43.78 8.20
N ASP A 499 -14.46 44.07 6.90
CA ASP A 499 -15.34 45.08 6.30
C ASP A 499 -16.51 44.39 5.60
N LYS A 500 -17.71 44.56 6.15
CA LYS A 500 -18.91 43.91 5.63
C LYS A 500 -19.35 44.41 4.25
N SER A 501 -18.90 45.60 3.86
CA SER A 501 -19.19 46.15 2.53
C SER A 501 -18.46 45.36 1.44
N LYS A 502 -17.20 45.02 1.70
CA LYS A 502 -16.40 44.24 0.77
C LYS A 502 -16.79 42.76 0.80
N LYS A 503 -16.44 42.04 -0.27
CA LYS A 503 -16.71 40.61 -0.37
C LYS A 503 -15.41 39.81 -0.23
N TYR A 504 -15.49 38.69 0.49
CA TYR A 504 -14.31 37.84 0.75
C TYR A 504 -14.52 36.41 0.26
N PRO A 505 -13.42 35.64 0.10
CA PRO A 505 -13.54 34.22 -0.18
C PRO A 505 -13.93 33.44 1.07
N LEU A 506 -14.72 32.39 0.91
CA LEU A 506 -15.22 31.58 2.03
C LEU A 506 -14.58 30.20 2.01
N LEU A 507 -14.14 29.74 3.18
CA LEU A 507 -13.69 28.36 3.34
C LEU A 507 -14.50 27.72 4.47
N ILE A 508 -15.24 26.66 4.13
CA ILE A 508 -16.05 25.93 5.10
C ILE A 508 -15.23 24.84 5.76
N ASP A 509 -14.78 25.10 6.98
CA ASP A 509 -14.12 24.09 7.80
C ASP A 509 -15.19 23.18 8.37
N VAL A 510 -15.11 21.88 8.08
CA VAL A 510 -16.16 20.94 8.45
C VAL A 510 -15.62 19.65 9.09
N TYR A 511 -16.34 19.19 10.10
CA TYR A 511 -16.20 17.83 10.62
C TYR A 511 -17.59 17.18 10.60
N ALA A 512 -18.52 17.79 11.32
CA ALA A 512 -19.95 17.44 11.23
C ALA A 512 -20.27 15.97 11.51
N GLY A 513 -19.52 15.34 12.41
CA GLY A 513 -19.79 13.97 12.83
C GLY A 513 -20.91 13.94 13.83
N PRO A 514 -21.42 12.72 14.17
CA PRO A 514 -22.46 12.61 15.19
C PRO A 514 -21.96 13.09 16.56
N CYS A 515 -22.68 14.05 17.14
CA CYS A 515 -22.31 14.67 18.41
C CYS A 515 -21.00 15.46 18.34
N SER A 516 -20.78 16.13 17.20
CA SER A 516 -19.63 17.00 17.03
C SER A 516 -20.03 18.45 17.26
N GLN A 517 -19.04 19.31 17.49
CA GLN A 517 -19.28 20.74 17.68
C GLN A 517 -18.07 21.57 17.26
N LYS A 518 -18.09 22.03 16.01
CA LYS A 518 -17.04 22.91 15.49
C LYS A 518 -17.28 24.34 15.94
N ALA A 519 -18.52 24.80 15.83
CA ALA A 519 -18.90 26.14 16.28
C ALA A 519 -18.92 26.22 17.81
N ASP A 520 -17.86 26.80 18.39
CA ASP A 520 -17.75 26.94 19.84
C ASP A 520 -17.09 28.27 20.20
N ALA A 521 -16.92 28.54 21.49
CA ALA A 521 -16.35 29.80 21.97
C ALA A 521 -14.90 29.68 22.41
N ALA A 522 -14.18 28.67 21.91
CA ALA A 522 -12.79 28.43 22.29
C ALA A 522 -11.82 29.22 21.42
N PHE A 523 -10.65 29.51 21.96
CA PHE A 523 -9.62 30.25 21.24
C PHE A 523 -8.55 29.30 20.68
N ARG A 524 -8.25 29.46 19.40
CA ARG A 524 -7.29 28.60 18.70
C ARG A 524 -6.41 29.42 17.76
N LEU A 525 -5.10 29.15 17.81
CA LEU A 525 -4.12 29.86 16.99
C LEU A 525 -3.60 28.91 15.91
N ASN A 526 -4.53 28.38 15.11
CA ASN A 526 -4.26 27.28 14.19
C ASN A 526 -4.15 27.73 12.71
N TRP A 527 -4.41 26.82 11.77
CA TRP A 527 -4.31 27.11 10.33
C TRP A 527 -5.36 28.12 9.86
N ALA A 528 -6.53 28.12 10.49
CA ALA A 528 -7.61 29.04 10.11
C ALA A 528 -7.26 30.50 10.35
N THR A 529 -6.49 30.77 11.41
CA THR A 529 -6.09 32.15 11.73
C THR A 529 -5.12 32.70 10.67
N TYR A 530 -4.29 31.83 10.11
CA TYR A 530 -3.40 32.22 9.01
C TYR A 530 -4.17 32.61 7.75
N LEU A 531 -5.18 31.80 7.40
CA LEU A 531 -6.00 32.06 6.21
C LEU A 531 -6.80 33.35 6.34
N ALA A 532 -7.12 33.75 7.57
CA ALA A 532 -7.81 35.01 7.83
C ALA A 532 -6.82 36.16 7.94
N SER A 533 -5.75 35.96 8.69
CA SER A 533 -4.76 37.02 8.93
C SER A 533 -3.98 37.42 7.67
N THR A 534 -3.46 36.42 6.96
CA THR A 534 -2.57 36.65 5.82
C THR A 534 -3.33 36.68 4.49
N GLU A 535 -4.08 35.62 4.21
CA GLU A 535 -4.76 35.46 2.91
C GLU A 535 -6.12 36.17 2.84
N ASN A 536 -6.59 36.71 3.97
CA ASN A 536 -7.91 37.35 4.05
C ASN A 536 -9.05 36.46 3.55
N ILE A 537 -9.10 35.25 4.09
CA ILE A 537 -10.15 34.28 3.77
C ILE A 537 -10.98 34.03 5.01
N ILE A 538 -12.31 34.07 4.86
CA ILE A 538 -13.22 33.77 5.95
C ILE A 538 -13.29 32.26 6.14
N VAL A 539 -12.81 31.79 7.29
CA VAL A 539 -12.90 30.37 7.64
C VAL A 539 -14.09 30.19 8.56
N ALA A 540 -15.10 29.46 8.08
CA ALA A 540 -16.36 29.29 8.81
C ALA A 540 -16.63 27.82 9.13
N SER A 541 -17.41 27.59 10.18
CA SER A 541 -17.84 26.24 10.57
C SER A 541 -19.31 26.28 11.00
N PHE A 542 -20.01 25.15 10.81
CA PHE A 542 -21.45 25.09 11.04
C PHE A 542 -21.87 23.74 11.62
N ASP A 543 -22.60 23.80 12.75
CA ASP A 543 -23.09 22.60 13.43
C ASP A 543 -24.55 22.33 13.06
N GLY A 544 -24.76 21.68 11.92
CA GLY A 544 -26.11 21.35 11.44
C GLY A 544 -26.72 20.17 12.16
N ARG A 545 -27.69 19.52 11.52
CA ARG A 545 -28.36 18.36 12.09
C ARG A 545 -27.40 17.18 12.18
N GLY A 546 -27.30 16.60 13.37
CA GLY A 546 -26.32 15.56 13.67
C GLY A 546 -25.41 15.98 14.81
N SER A 547 -25.18 17.28 14.94
CA SER A 547 -24.36 17.83 16.02
C SER A 547 -25.05 17.66 17.38
N GLY A 548 -24.24 17.59 18.43
CA GLY A 548 -24.74 17.31 19.78
C GLY A 548 -24.77 18.52 20.67
N TYR A 549 -25.05 18.28 21.96
CA TYR A 549 -25.17 19.33 22.98
C TYR A 549 -26.36 20.27 22.72
N GLN A 550 -27.33 19.83 21.92
CA GLN A 550 -28.47 20.65 21.55
C GLN A 550 -29.76 19.81 21.48
N GLY A 551 -29.88 18.83 22.36
CA GLY A 551 -31.02 17.92 22.38
C GLY A 551 -30.82 16.73 21.46
N ASP A 552 -31.56 15.66 21.72
CA ASP A 552 -31.47 14.43 20.92
C ASP A 552 -32.33 14.48 19.65
N LYS A 553 -33.16 15.52 19.51
CA LYS A 553 -33.94 15.72 18.29
C LYS A 553 -33.00 16.07 17.13
N ILE A 554 -31.98 16.89 17.43
CA ILE A 554 -30.99 17.29 16.43
C ILE A 554 -29.95 16.19 16.20
N MET A 555 -29.45 15.61 17.29
CA MET A 555 -28.36 14.63 17.22
C MET A 555 -28.75 13.33 16.52
N HIS A 556 -29.98 12.85 16.77
CA HIS A 556 -30.44 11.57 16.24
C HIS A 556 -31.18 11.70 14.90
N ALA A 557 -31.09 12.87 14.27
CA ALA A 557 -31.70 13.11 12.96
C ALA A 557 -31.02 12.31 11.85
N ILE A 558 -29.73 11.99 12.06
CA ILE A 558 -28.94 11.25 11.08
C ILE A 558 -28.84 9.74 11.40
N ASN A 559 -29.75 9.23 12.23
CA ASN A 559 -29.75 7.82 12.60
C ASN A 559 -30.08 6.95 11.39
N LYS A 560 -29.22 5.94 11.16
CA LYS A 560 -29.27 5.10 9.96
C LYS A 560 -28.97 5.85 8.65
N ARG A 561 -28.63 7.13 8.76
CA ARG A 561 -28.49 8.01 7.60
C ARG A 561 -27.30 8.97 7.78
N LEU A 562 -26.08 8.46 7.57
CA LEU A 562 -24.85 9.23 7.83
C LEU A 562 -24.37 10.08 6.65
N GLY A 563 -25.07 10.03 5.52
CA GLY A 563 -24.64 10.79 4.34
C GLY A 563 -25.81 11.45 3.61
N THR A 564 -26.56 12.28 4.33
CA THR A 564 -27.72 12.94 3.73
C THR A 564 -28.07 14.31 4.37
N LEU A 565 -28.21 14.36 5.69
CA LEU A 565 -28.66 15.59 6.36
C LEU A 565 -27.49 16.53 6.67
N GLU A 566 -26.44 15.99 7.28
CA GLU A 566 -25.29 16.80 7.67
C GLU A 566 -24.52 17.36 6.46
N VAL A 567 -24.58 16.65 5.33
CA VAL A 567 -23.91 17.09 4.11
C VAL A 567 -24.69 18.22 3.41
N GLU A 568 -26.02 18.11 3.37
CA GLU A 568 -26.85 19.12 2.72
C GLU A 568 -27.05 20.35 3.61
N ASP A 569 -26.99 20.15 4.92
CA ASP A 569 -27.03 21.27 5.87
C ASP A 569 -25.73 22.09 5.83
N GLN A 570 -24.64 21.45 5.40
CA GLN A 570 -23.37 22.16 5.18
C GLN A 570 -23.44 23.00 3.90
N ILE A 571 -24.18 22.50 2.92
CA ILE A 571 -24.44 23.24 1.68
C ILE A 571 -25.38 24.41 1.97
N GLU A 572 -26.44 24.14 2.72
CA GLU A 572 -27.44 25.15 3.07
C GLU A 572 -26.83 26.28 3.90
N ALA A 573 -25.94 25.92 4.82
CA ALA A 573 -25.22 26.91 5.63
C ALA A 573 -24.39 27.85 4.76
N ALA A 574 -23.81 27.30 3.69
CA ALA A 574 -23.03 28.10 2.73
C ALA A 574 -23.94 29.08 1.99
N ARG A 575 -25.10 28.61 1.56
CA ARG A 575 -26.09 29.47 0.88
C ARG A 575 -26.52 30.64 1.76
N GLN A 576 -26.64 30.41 3.07
CA GLN A 576 -26.98 31.47 4.01
C GLN A 576 -25.87 32.51 4.12
N PHE A 577 -24.62 32.07 4.08
CA PHE A 577 -23.47 32.99 4.14
C PHE A 577 -23.39 33.86 2.87
N LEU A 578 -23.87 33.33 1.75
CA LEU A 578 -23.93 34.10 0.50
C LEU A 578 -24.97 35.23 0.60
N LYS A 579 -26.09 34.95 1.26
CA LYS A 579 -27.16 35.93 1.43
C LYS A 579 -26.77 37.11 2.33
N MET A 580 -25.82 36.88 3.24
CA MET A 580 -25.38 37.93 4.17
C MET A 580 -24.69 39.10 3.46
N GLY A 581 -24.09 38.84 2.31
CA GLY A 581 -23.59 39.89 1.41
C GLY A 581 -22.14 40.29 1.58
N PHE A 582 -21.34 39.45 2.23
CA PHE A 582 -19.89 39.68 2.35
C PHE A 582 -19.07 38.47 1.89
N VAL A 583 -19.69 37.57 1.13
CA VAL A 583 -19.03 36.39 0.60
C VAL A 583 -18.99 36.45 -0.92
N ASP A 584 -17.80 36.27 -1.48
CA ASP A 584 -17.64 36.16 -2.92
C ASP A 584 -18.14 34.78 -3.35
N SER A 585 -19.28 34.75 -4.04
CA SER A 585 -19.94 33.51 -4.41
C SER A 585 -19.13 32.66 -5.41
N LYS A 586 -18.26 33.32 -6.17
CA LYS A 586 -17.44 32.63 -7.17
C LYS A 586 -16.11 32.10 -6.60
N ARG A 587 -15.94 32.19 -5.28
CA ARG A 587 -14.75 31.69 -4.61
C ARG A 587 -15.10 31.11 -3.23
N VAL A 588 -15.74 29.95 -3.23
CA VAL A 588 -16.11 29.26 -2.00
C VAL A 588 -15.58 27.82 -2.04
N ALA A 589 -15.02 27.38 -0.91
CA ALA A 589 -14.45 26.04 -0.81
C ALA A 589 -14.83 25.37 0.51
N ILE A 590 -14.51 24.09 0.62
CA ILE A 590 -14.83 23.30 1.81
C ILE A 590 -13.73 22.25 2.05
N TRP A 591 -13.20 22.21 3.27
CA TRP A 591 -12.17 21.24 3.62
C TRP A 591 -12.48 20.56 4.95
N GLY A 592 -12.02 19.32 5.11
CA GLY A 592 -12.23 18.57 6.33
C GLY A 592 -11.31 17.38 6.50
N TRP A 593 -11.02 17.06 7.75
CA TRP A 593 -10.17 15.92 8.11
C TRP A 593 -11.06 14.81 8.67
N SER A 594 -10.71 13.56 8.38
CA SER A 594 -11.37 12.40 8.99
C SER A 594 -12.83 12.26 8.53
N TYR A 595 -13.80 12.44 9.42
CA TYR A 595 -15.22 12.49 9.03
C TYR A 595 -15.47 13.72 8.16
N GLY A 596 -14.77 14.80 8.45
CA GLY A 596 -14.82 16.01 7.62
C GLY A 596 -14.44 15.77 6.18
N GLY A 597 -13.48 14.87 5.96
CA GLY A 597 -13.08 14.46 4.62
C GLY A 597 -14.21 13.77 3.88
N TYR A 598 -14.99 12.96 4.60
CA TYR A 598 -16.17 12.31 4.04
C TYR A 598 -17.25 13.34 3.70
N VAL A 599 -17.50 14.26 4.63
CA VAL A 599 -18.50 15.31 4.43
C VAL A 599 -18.10 16.21 3.26
N THR A 600 -16.84 16.63 3.25
CA THR A 600 -16.28 17.41 2.14
C THR A 600 -16.50 16.70 0.80
N SER A 601 -16.15 15.42 0.76
CA SER A 601 -16.27 14.62 -0.45
C SER A 601 -17.72 14.48 -0.91
N MET A 602 -18.63 14.28 0.04
CA MET A 602 -20.05 14.15 -0.27
C MET A 602 -20.64 15.48 -0.73
N VAL A 603 -20.19 16.57 -0.12
CA VAL A 603 -20.61 17.93 -0.52
C VAL A 603 -20.16 18.24 -1.95
N LEU A 604 -18.90 17.93 -2.25
CA LEU A 604 -18.36 18.16 -3.60
C LEU A 604 -19.05 17.30 -4.65
N GLY A 605 -19.42 16.08 -4.27
CA GLY A 605 -20.11 15.16 -5.18
C GLY A 605 -21.63 15.32 -5.22
N SER A 606 -22.15 16.30 -4.49
CA SER A 606 -23.59 16.54 -4.42
C SER A 606 -24.14 17.14 -5.71
N GLY A 607 -23.37 18.04 -6.32
CA GLY A 607 -23.77 18.71 -7.56
C GLY A 607 -24.52 20.01 -7.33
N SER A 608 -24.26 20.66 -6.19
CA SER A 608 -24.93 21.89 -5.83
C SER A 608 -24.41 23.09 -6.64
N GLY A 609 -23.13 23.03 -7.02
CA GLY A 609 -22.50 24.12 -7.76
C GLY A 609 -22.16 25.32 -6.89
N VAL A 610 -22.16 25.12 -5.58
CA VAL A 610 -21.87 26.18 -4.62
C VAL A 610 -20.36 26.34 -4.41
N PHE A 611 -19.67 25.20 -4.32
CA PHE A 611 -18.25 25.17 -3.99
C PHE A 611 -17.39 25.02 -5.24
N LYS A 612 -16.34 25.83 -5.33
CA LYS A 612 -15.41 25.79 -6.46
C LYS A 612 -14.46 24.61 -6.33
N CYS A 613 -13.82 24.51 -5.17
CA CYS A 613 -12.87 23.44 -4.88
C CYS A 613 -13.02 22.92 -3.45
N GLY A 614 -12.26 21.89 -3.10
CA GLY A 614 -12.29 21.34 -1.74
C GLY A 614 -11.23 20.29 -1.49
N ILE A 615 -10.88 20.12 -0.22
CA ILE A 615 -9.80 19.22 0.19
C ILE A 615 -10.30 18.20 1.21
N ALA A 616 -10.11 16.92 0.92
CA ALA A 616 -10.47 15.84 1.84
C ALA A 616 -9.21 15.15 2.34
N VAL A 617 -8.97 15.22 3.64
CA VAL A 617 -7.78 14.64 4.26
C VAL A 617 -8.16 13.40 5.08
N ALA A 618 -7.60 12.25 4.71
CA ALA A 618 -7.92 10.97 5.34
C ALA A 618 -9.43 10.71 5.44
N PRO A 619 -10.13 10.75 4.29
CA PRO A 619 -11.58 10.61 4.28
C PRO A 619 -12.07 9.16 4.38
N VAL A 620 -13.25 8.99 4.95
CA VAL A 620 -13.99 7.74 4.84
C VAL A 620 -14.66 7.75 3.47
N SER A 621 -14.68 6.61 2.79
CA SER A 621 -15.21 6.52 1.42
C SER A 621 -16.56 5.83 1.43
N ARG A 622 -16.60 4.63 1.99
CA ARG A 622 -17.86 3.95 2.29
C ARG A 622 -17.76 3.32 3.67
N TRP A 623 -18.92 3.14 4.30
CA TRP A 623 -18.97 2.77 5.72
C TRP A 623 -18.69 1.30 5.99
N GLU A 624 -18.72 0.47 4.95
CA GLU A 624 -18.33 -0.94 5.09
C GLU A 624 -16.85 -1.08 5.47
N TYR A 625 -16.03 -0.10 5.07
CA TYR A 625 -14.59 -0.15 5.33
C TYR A 625 -14.21 0.25 6.76
N TYR A 626 -14.96 1.17 7.36
CA TYR A 626 -14.65 1.63 8.72
C TYR A 626 -15.10 0.61 9.78
N ASP A 627 -14.57 0.72 10.99
CA ASP A 627 -14.80 -0.29 12.04
C ASP A 627 -16.26 -0.43 12.47
N SER A 628 -16.56 -1.58 13.09
CA SER A 628 -17.93 -1.96 13.43
C SER A 628 -18.54 -1.11 14.53
N VAL A 629 -17.81 -0.92 15.63
CA VAL A 629 -18.34 -0.24 16.82
C VAL A 629 -18.86 1.16 16.50
N TYR A 630 -18.06 1.94 15.77
CA TYR A 630 -18.44 3.30 15.39
C TYR A 630 -19.56 3.29 14.35
N THR A 631 -19.35 2.52 13.28
CA THR A 631 -20.26 2.53 12.13
C THR A 631 -21.64 1.99 12.49
N GLU A 632 -21.68 0.83 13.17
CA GLU A 632 -22.94 0.17 13.50
C GLU A 632 -23.75 0.90 14.55
N ARG A 633 -23.09 1.78 15.31
CA ARG A 633 -23.77 2.63 16.29
C ARG A 633 -24.77 3.56 15.62
N TYR A 634 -24.42 4.05 14.43
CA TYR A 634 -25.26 4.98 13.68
C TYR A 634 -25.96 4.33 12.50
N MET A 635 -25.24 3.49 11.76
CA MET A 635 -25.75 2.89 10.52
C MET A 635 -26.41 1.52 10.71
N GLY A 636 -26.04 0.82 11.78
CA GLY A 636 -26.46 -0.57 11.98
C GLY A 636 -25.66 -1.52 11.12
N LEU A 637 -26.21 -2.71 10.88
CA LEU A 637 -25.52 -3.76 10.14
C LEU A 637 -25.75 -3.62 8.63
N PRO A 638 -24.71 -3.90 7.82
CA PRO A 638 -24.83 -3.84 6.35
C PRO A 638 -25.37 -5.15 5.78
N THR A 639 -26.64 -5.44 6.08
CA THR A 639 -27.29 -6.67 5.63
C THR A 639 -28.60 -6.35 4.90
N PRO A 640 -29.03 -7.22 3.97
CA PRO A 640 -30.31 -7.03 3.29
C PRO A 640 -31.51 -6.93 4.23
N GLU A 641 -31.41 -7.58 5.39
CA GLU A 641 -32.47 -7.57 6.40
C GLU A 641 -32.55 -6.25 7.18
N ASP A 642 -31.47 -5.45 7.13
CA ASP A 642 -31.39 -4.22 7.93
C ASP A 642 -31.21 -2.95 7.08
N ASN A 643 -29.97 -2.57 6.79
CA ASN A 643 -29.68 -1.25 6.22
C ASN A 643 -28.66 -1.26 5.08
N LEU A 644 -28.56 -2.38 4.38
CA LEU A 644 -27.59 -2.51 3.28
C LEU A 644 -27.84 -1.50 2.15
N ASP A 645 -29.10 -1.12 1.95
CA ASP A 645 -29.46 -0.17 0.91
C ASP A 645 -28.74 1.17 1.08
N HIS A 646 -28.81 1.75 2.27
CA HIS A 646 -28.17 3.03 2.53
C HIS A 646 -26.64 2.93 2.61
N TYR A 647 -26.14 1.77 3.00
CA TYR A 647 -24.69 1.50 2.93
C TYR A 647 -24.18 1.65 1.50
N ARG A 648 -24.90 1.07 0.54
CA ARG A 648 -24.54 1.16 -0.87
C ARG A 648 -24.77 2.56 -1.44
N ASN A 649 -25.78 3.27 -0.93
CA ASN A 649 -26.14 4.59 -1.45
C ASN A 649 -25.20 5.72 -1.00
N SER A 650 -24.75 5.66 0.26
CA SER A 650 -23.99 6.77 0.86
C SER A 650 -22.46 6.70 0.62
N THR A 651 -22.04 5.99 -0.43
CA THR A 651 -20.63 5.89 -0.77
C THR A 651 -20.18 7.13 -1.55
N VAL A 652 -18.90 7.48 -1.40
CA VAL A 652 -18.32 8.60 -2.14
C VAL A 652 -18.11 8.21 -3.60
N MET A 653 -17.77 6.95 -3.84
CA MET A 653 -17.48 6.45 -5.19
C MET A 653 -18.67 6.54 -6.14
N SER A 654 -19.88 6.42 -5.60
CA SER A 654 -21.10 6.53 -6.39
C SER A 654 -21.32 7.95 -6.97
N ARG A 655 -20.74 8.95 -6.30
CA ARG A 655 -20.85 10.34 -6.73
C ARG A 655 -19.66 10.81 -7.58
N ALA A 656 -18.96 9.86 -8.21
CA ALA A 656 -17.71 10.15 -8.92
C ALA A 656 -17.87 11.14 -10.08
N GLU A 657 -18.95 11.00 -10.84
CA GLU A 657 -19.16 11.79 -12.04
C GLU A 657 -19.37 13.28 -11.75
N ASN A 658 -19.91 13.60 -10.57
CA ASN A 658 -20.17 14.99 -10.17
C ASN A 658 -18.91 15.81 -9.86
N PHE A 659 -17.77 15.14 -9.66
CA PHE A 659 -16.51 15.82 -9.35
C PHE A 659 -15.90 16.59 -10.54
N LYS A 660 -16.50 16.45 -11.72
CA LYS A 660 -16.08 17.23 -12.89
C LYS A 660 -16.43 18.71 -12.77
N GLN A 661 -17.39 19.02 -11.91
CA GLN A 661 -17.80 20.40 -11.63
C GLN A 661 -16.89 21.12 -10.63
N VAL A 662 -15.95 20.40 -10.02
CA VAL A 662 -15.09 20.96 -8.96
C VAL A 662 -13.63 20.56 -9.12
N GLU A 663 -12.77 21.22 -8.34
CA GLU A 663 -11.36 20.84 -8.23
C GLU A 663 -11.13 20.17 -6.88
N TYR A 664 -10.71 18.92 -6.91
CA TYR A 664 -10.67 18.06 -5.73
C TYR A 664 -9.23 17.69 -5.36
N LEU A 665 -8.90 17.83 -4.08
CA LEU A 665 -7.59 17.41 -3.55
C LEU A 665 -7.80 16.29 -2.54
N LEU A 666 -7.22 15.12 -2.83
CA LEU A 666 -7.36 13.96 -1.96
C LEU A 666 -6.04 13.66 -1.26
N ILE A 667 -6.06 13.59 0.07
CA ILE A 667 -4.84 13.33 0.85
C ILE A 667 -5.08 12.19 1.85
N HIS A 668 -4.07 11.33 2.03
CA HIS A 668 -4.18 10.17 2.91
C HIS A 668 -2.81 9.58 3.24
N GLY A 669 -2.59 9.25 4.51
CA GLY A 669 -1.34 8.61 4.96
C GLY A 669 -1.35 7.11 4.69
N THR A 670 -0.25 6.58 4.18
CA THR A 670 -0.19 5.18 3.74
C THR A 670 -0.31 4.18 4.90
N ALA A 671 0.13 4.59 6.09
CA ALA A 671 0.10 3.72 7.27
C ALA A 671 -1.00 4.11 8.25
N ASP A 672 -2.14 4.53 7.72
CA ASP A 672 -3.29 4.89 8.56
C ASP A 672 -3.98 3.61 9.03
N ASP A 673 -4.05 3.44 10.33
CA ASP A 673 -4.72 2.29 10.95
C ASP A 673 -6.19 2.60 11.27
N ASN A 674 -6.53 3.88 11.37
CA ASN A 674 -7.89 4.31 11.70
C ASN A 674 -8.78 4.29 10.46
N VAL A 675 -8.51 5.19 9.52
CA VAL A 675 -9.20 5.22 8.24
C VAL A 675 -8.18 4.77 7.21
N HIS A 676 -8.26 3.50 6.83
CA HIS A 676 -7.22 2.87 6.03
C HIS A 676 -7.07 3.54 4.66
N PHE A 677 -5.85 3.51 4.12
CA PHE A 677 -5.55 4.07 2.81
C PHE A 677 -6.42 3.48 1.71
N GLN A 678 -6.90 2.26 1.95
CA GLN A 678 -7.92 1.62 1.11
C GLN A 678 -9.03 2.57 0.67
N GLN A 679 -9.56 3.34 1.62
CA GLN A 679 -10.75 4.15 1.37
C GLN A 679 -10.50 5.20 0.30
N SER A 680 -9.42 5.96 0.43
CA SER A 680 -9.03 6.94 -0.58
C SER A 680 -8.61 6.26 -1.89
N ALA A 681 -8.00 5.08 -1.77
CA ALA A 681 -7.59 4.31 -2.94
C ALA A 681 -8.80 3.91 -3.79
N GLN A 682 -9.92 3.62 -3.14
CA GLN A 682 -11.16 3.30 -3.84
C GLN A 682 -11.81 4.54 -4.43
N ILE A 683 -11.74 5.66 -3.69
CA ILE A 683 -12.26 6.94 -4.18
C ILE A 683 -11.54 7.33 -5.47
N SER A 684 -10.21 7.35 -5.40
CA SER A 684 -9.37 7.72 -6.54
C SER A 684 -9.62 6.80 -7.74
N LYS A 685 -9.78 5.51 -7.49
CA LYS A 685 -10.04 4.54 -8.55
C LYS A 685 -11.40 4.77 -9.23
N ALA A 686 -12.38 5.23 -8.44
CA ALA A 686 -13.70 5.56 -8.97
C ALA A 686 -13.66 6.81 -9.84
N LEU A 687 -12.90 7.81 -9.41
CA LEU A 687 -12.72 9.04 -10.19
C LEU A 687 -11.97 8.79 -11.49
N VAL A 688 -11.02 7.86 -11.46
CA VAL A 688 -10.23 7.52 -12.66
C VAL A 688 -11.13 6.83 -13.69
N ASP A 689 -11.92 5.86 -13.24
CA ASP A 689 -12.88 5.18 -14.10
C ASP A 689 -13.93 6.15 -14.66
N ALA A 690 -14.34 7.12 -13.83
CA ALA A 690 -15.30 8.14 -14.24
C ALA A 690 -14.70 9.16 -15.22
N GLY A 691 -13.37 9.19 -15.32
CA GLY A 691 -12.69 10.11 -16.22
C GLY A 691 -12.58 11.52 -15.68
N VAL A 692 -12.64 11.65 -14.35
CA VAL A 692 -12.56 12.96 -13.69
C VAL A 692 -11.11 13.26 -13.30
N ASP A 693 -10.65 14.47 -13.61
CA ASP A 693 -9.31 14.89 -13.22
C ASP A 693 -9.33 15.53 -11.83
N PHE A 694 -8.35 15.17 -11.01
CA PHE A 694 -8.24 15.67 -9.64
C PHE A 694 -6.79 15.66 -9.19
N GLN A 695 -6.54 16.18 -8.00
CA GLN A 695 -5.21 16.21 -7.42
C GLN A 695 -5.14 15.28 -6.22
N ALA A 696 -3.97 14.68 -6.01
CA ALA A 696 -3.77 13.71 -4.95
C ALA A 696 -2.41 13.90 -4.27
N MET A 697 -2.28 13.32 -3.08
CA MET A 697 -1.02 13.31 -2.35
C MET A 697 -1.08 12.24 -1.27
N TRP A 698 -0.20 11.24 -1.36
CA TRP A 698 -0.04 10.27 -0.30
C TRP A 698 1.05 10.75 0.66
N TYR A 699 1.12 10.13 1.84
CA TYR A 699 2.19 10.40 2.80
C TYR A 699 2.72 9.09 3.38
N THR A 700 3.93 8.73 2.96
CA THR A 700 4.55 7.46 3.30
C THR A 700 4.74 7.28 4.80
N ASP A 701 4.19 6.18 5.32
CA ASP A 701 4.33 5.78 6.73
C ASP A 701 3.74 6.79 7.73
N GLU A 702 2.74 7.55 7.30
CA GLU A 702 2.02 8.46 8.20
C GLU A 702 0.67 7.85 8.57
N ASP A 703 0.27 8.05 9.83
CA ASP A 703 -0.99 7.52 10.34
C ASP A 703 -2.13 8.53 10.14
N HIS A 704 -3.21 8.40 10.91
CA HIS A 704 -4.40 9.22 10.73
C HIS A 704 -4.19 10.70 11.07
N GLY A 705 -3.37 10.96 12.08
CA GLY A 705 -3.09 12.34 12.48
C GLY A 705 -2.17 13.08 11.54
N ILE A 706 -1.30 12.35 10.83
CA ILE A 706 -0.23 12.95 10.03
C ILE A 706 0.54 13.94 10.92
N ALA A 707 0.83 13.49 12.14
CA ALA A 707 1.36 14.37 13.19
C ALA A 707 2.89 14.43 13.21
N SER A 708 3.54 13.68 12.33
CA SER A 708 4.98 13.79 12.16
C SER A 708 5.33 15.21 11.75
N SER A 709 6.39 15.76 12.34
CA SER A 709 6.73 17.18 12.19
C SER A 709 6.81 17.62 10.72
N THR A 710 7.63 16.94 9.93
CA THR A 710 7.86 17.34 8.54
C THR A 710 6.64 17.06 7.65
N ALA A 711 5.92 15.98 7.94
CA ALA A 711 4.68 15.65 7.24
C ALA A 711 3.57 16.64 7.58
N HIS A 712 3.59 17.14 8.82
CA HIS A 712 2.64 18.16 9.26
C HIS A 712 2.86 19.49 8.55
N GLN A 713 4.11 19.88 8.41
CA GLN A 713 4.46 21.11 7.70
C GLN A 713 4.15 21.02 6.21
N HIS A 714 4.35 19.83 5.63
CA HIS A 714 4.18 19.64 4.19
C HIS A 714 2.72 19.68 3.76
N ILE A 715 1.86 18.96 4.48
CA ILE A 715 0.43 18.90 4.12
C ILE A 715 -0.26 20.25 4.18
N TYR A 716 0.02 21.04 5.22
CA TYR A 716 -0.60 22.37 5.35
C TYR A 716 0.00 23.39 4.38
N SER A 717 1.24 23.16 3.97
CA SER A 717 1.85 23.96 2.90
C SER A 717 1.24 23.61 1.55
N HIS A 718 0.97 22.31 1.34
CA HIS A 718 0.39 21.82 0.09
C HIS A 718 -1.07 22.25 -0.05
N MET A 719 -1.82 22.18 1.05
CA MET A 719 -3.22 22.64 1.05
C MET A 719 -3.32 24.16 0.90
N SER A 720 -2.36 24.88 1.47
CA SER A 720 -2.30 26.35 1.33
C SER A 720 -2.06 26.75 -0.12
N HIS A 721 -1.18 26.03 -0.80
CA HIS A 721 -0.89 26.27 -2.22
C HIS A 721 -2.14 26.01 -3.07
N PHE A 722 -2.87 24.95 -2.71
CA PHE A 722 -4.11 24.58 -3.41
C PHE A 722 -5.16 25.70 -3.35
N LEU A 723 -5.32 26.30 -2.17
CA LEU A 723 -6.31 27.37 -1.99
C LEU A 723 -5.87 28.68 -2.64
N GLN A 724 -4.58 28.97 -2.62
CA GLN A 724 -4.03 30.12 -3.34
C GLN A 724 -4.31 29.98 -4.84
N GLN A 725 -4.05 28.79 -5.37
CA GLN A 725 -4.34 28.49 -6.78
C GLN A 725 -5.84 28.50 -7.07
N CYS A 726 -6.64 28.05 -6.11
CA CYS A 726 -8.10 27.98 -6.27
C CYS A 726 -8.78 29.36 -6.22
N PHE A 727 -8.30 30.24 -5.36
CA PHE A 727 -8.93 31.56 -5.17
C PHE A 727 -8.27 32.68 -5.96
N SER A 728 -6.94 32.77 -5.92
CA SER A 728 -6.22 33.82 -6.64
C SER A 728 -6.12 33.49 -8.12
N ARG B 2 -7.93 21.71 -37.84
CA ARG B 2 -7.81 21.05 -36.51
C ARG B 2 -6.44 20.38 -36.34
N THR B 3 -6.15 19.95 -35.12
CA THR B 3 -4.86 19.34 -34.79
C THR B 3 -5.03 17.94 -34.22
N TYR B 4 -3.91 17.23 -34.03
CA TYR B 4 -3.91 15.92 -33.40
C TYR B 4 -4.10 16.12 -31.89
N THR B 5 -5.36 16.12 -31.46
CA THR B 5 -5.72 16.44 -30.07
C THR B 5 -5.43 15.28 -29.11
N LEU B 6 -5.54 15.59 -27.82
CA LEU B 6 -5.37 14.58 -26.77
C LEU B 6 -6.43 13.49 -26.88
N ALA B 7 -7.64 13.87 -27.24
CA ALA B 7 -8.74 12.93 -27.44
C ALA B 7 -8.44 11.93 -28.56
N ASP B 8 -7.84 12.41 -29.64
CA ASP B 8 -7.50 11.56 -30.79
C ASP B 8 -6.47 10.49 -30.42
N TYR B 9 -5.54 10.85 -29.53
CA TYR B 9 -4.55 9.90 -29.04
C TYR B 9 -5.17 8.88 -28.08
N LEU B 10 -5.96 9.37 -27.12
CA LEU B 10 -6.53 8.52 -26.07
C LEU B 10 -7.64 7.61 -26.58
N LYS B 11 -8.56 8.15 -27.35
CA LYS B 11 -9.64 7.36 -27.96
C LYS B 11 -9.14 6.53 -29.15
N ASN B 12 -7.98 6.92 -29.68
CA ASN B 12 -7.29 6.18 -30.76
C ASN B 12 -8.09 6.20 -32.07
N THR B 13 -8.40 7.41 -32.53
CA THR B 13 -9.15 7.61 -33.77
C THR B 13 -8.30 7.26 -34.99
N PHE B 14 -7.10 7.83 -35.04
CA PHE B 14 -6.16 7.57 -36.14
C PHE B 14 -5.30 6.35 -35.81
N ARG B 15 -5.70 5.19 -36.33
CA ARG B 15 -5.08 3.91 -35.99
C ARG B 15 -3.98 3.54 -36.98
N VAL B 16 -2.76 3.35 -36.47
CA VAL B 16 -1.62 2.91 -37.28
C VAL B 16 -1.68 1.40 -37.45
N LYS B 17 -1.93 0.95 -38.68
CA LYS B 17 -2.11 -0.47 -38.96
C LYS B 17 -0.79 -1.22 -39.16
N SER B 18 -0.87 -2.53 -39.05
CA SER B 18 0.25 -3.43 -39.33
C SER B 18 -0.29 -4.66 -40.06
N TYR B 19 0.58 -5.60 -40.39
CA TYR B 19 0.17 -6.84 -41.04
C TYR B 19 0.86 -8.04 -40.39
N SER B 20 0.14 -8.71 -39.49
CA SER B 20 0.64 -9.91 -38.82
C SER B 20 0.36 -11.13 -39.68
N LEU B 21 1.36 -12.01 -39.79
CA LEU B 21 1.22 -13.27 -40.53
C LEU B 21 2.06 -14.37 -39.90
N ARG B 22 1.62 -15.61 -40.07
CA ARG B 22 2.32 -16.77 -39.51
C ARG B 22 2.80 -17.68 -40.63
N TRP B 23 4.11 -17.73 -40.83
CA TRP B 23 4.71 -18.60 -41.85
C TRP B 23 4.58 -20.06 -41.46
N VAL B 24 3.68 -20.76 -42.13
CA VAL B 24 3.43 -22.18 -41.88
C VAL B 24 4.40 -23.04 -42.68
N SER B 25 4.57 -22.71 -43.96
CA SER B 25 5.47 -23.42 -44.86
C SER B 25 6.54 -22.49 -45.42
N ASP B 26 7.31 -22.99 -46.37
CA ASP B 26 8.36 -22.21 -47.03
C ASP B 26 7.77 -21.18 -48.01
N SER B 27 6.55 -21.42 -48.46
CA SER B 27 5.87 -20.50 -49.39
C SER B 27 4.37 -20.37 -49.10
N GLU B 28 3.98 -20.51 -47.84
CA GLU B 28 2.58 -20.35 -47.42
C GLU B 28 2.50 -19.70 -46.04
N TYR B 29 1.52 -18.82 -45.85
CA TYR B 29 1.31 -18.17 -44.55
C TYR B 29 -0.17 -18.03 -44.20
N LEU B 30 -0.43 -17.63 -42.96
CA LEU B 30 -1.78 -17.45 -42.44
C LEU B 30 -2.00 -15.98 -42.07
N TYR B 31 -3.18 -15.45 -42.38
CA TYR B 31 -3.51 -14.04 -42.09
C TYR B 31 -4.98 -13.85 -41.74
N LYS B 32 -5.26 -12.90 -40.84
CA LYS B 32 -6.61 -12.64 -40.35
C LYS B 32 -7.34 -11.63 -41.23
N GLN B 33 -8.66 -11.75 -41.30
CA GLN B 33 -9.51 -10.85 -42.09
C GLN B 33 -10.97 -10.93 -41.63
N GLU B 34 -11.43 -9.89 -40.94
CA GLU B 34 -12.78 -9.86 -40.35
C GLU B 34 -13.06 -11.07 -39.46
N ASN B 35 -12.10 -11.39 -38.60
CA ASN B 35 -12.18 -12.53 -37.67
C ASN B 35 -12.22 -13.90 -38.38
N ASN B 36 -11.79 -13.94 -39.64
CA ASN B 36 -11.71 -15.17 -40.42
C ASN B 36 -10.25 -15.40 -40.82
N ILE B 37 -9.61 -16.39 -40.20
CA ILE B 37 -8.22 -16.73 -40.53
C ILE B 37 -8.17 -17.44 -41.89
N LEU B 38 -7.39 -16.88 -42.81
CA LEU B 38 -7.29 -17.39 -44.17
C LEU B 38 -5.91 -17.95 -44.45
N LEU B 39 -5.84 -18.94 -45.35
CA LEU B 39 -4.58 -19.54 -45.78
C LEU B 39 -4.16 -18.95 -47.12
N PHE B 40 -2.93 -18.43 -47.18
CA PHE B 40 -2.39 -17.87 -48.41
C PHE B 40 -1.22 -18.73 -48.91
N ASN B 41 -1.20 -18.98 -50.22
CA ASN B 41 -0.08 -19.66 -50.87
C ASN B 41 0.70 -18.66 -51.71
N ALA B 42 1.97 -18.45 -51.35
CA ALA B 42 2.83 -17.50 -52.05
C ALA B 42 3.36 -18.03 -53.38
N GLU B 43 3.16 -19.32 -53.64
CA GLU B 43 3.51 -19.92 -54.93
C GLU B 43 2.70 -19.27 -56.05
N HIS B 44 1.41 -19.09 -55.82
CA HIS B 44 0.53 -18.37 -56.74
C HIS B 44 0.13 -17.04 -56.10
N GLY B 45 -0.90 -16.41 -56.65
CA GLY B 45 -1.49 -15.20 -56.06
C GLY B 45 -2.92 -15.44 -55.63
N ASN B 46 -3.15 -16.56 -54.94
CA ASN B 46 -4.50 -16.95 -54.49
C ASN B 46 -4.56 -17.21 -52.99
N SER B 47 -5.78 -17.35 -52.48
CA SER B 47 -6.01 -17.62 -51.06
C SER B 47 -7.13 -18.64 -50.89
N SER B 48 -6.99 -19.48 -49.86
CA SER B 48 -7.98 -20.49 -49.53
C SER B 48 -8.47 -20.31 -48.10
N ILE B 49 -9.77 -20.51 -47.88
CA ILE B 49 -10.37 -20.42 -46.54
C ILE B 49 -9.84 -21.55 -45.67
N PHE B 50 -9.30 -21.20 -44.49
CA PHE B 50 -8.68 -22.16 -43.58
C PHE B 50 -9.61 -22.52 -42.42
N LEU B 51 -10.07 -21.50 -41.70
CA LEU B 51 -10.90 -21.69 -40.52
C LEU B 51 -11.78 -20.46 -40.30
N GLU B 52 -13.08 -20.66 -40.34
CA GLU B 52 -14.05 -19.55 -40.38
C GLU B 52 -14.28 -18.89 -39.03
N ASN B 53 -14.88 -17.70 -39.07
CA ASN B 53 -15.24 -16.95 -37.86
C ASN B 53 -16.30 -17.66 -37.01
N SER B 54 -17.09 -18.51 -37.66
CA SER B 54 -18.08 -19.35 -36.98
C SER B 54 -17.42 -20.32 -35.99
N THR B 55 -16.19 -20.73 -36.28
CA THR B 55 -15.44 -21.65 -35.42
C THR B 55 -14.99 -20.97 -34.13
N PHE B 56 -14.43 -19.76 -34.25
CA PHE B 56 -14.05 -18.97 -33.08
C PHE B 56 -15.28 -18.49 -32.30
N GLU B 57 -16.37 -18.27 -33.02
CA GLU B 57 -17.65 -17.89 -32.42
C GLU B 57 -18.19 -18.96 -31.47
N ILE B 58 -17.80 -20.22 -31.68
CA ILE B 58 -18.24 -21.33 -30.84
C ILE B 58 -17.99 -21.08 -29.35
N PHE B 59 -16.91 -20.36 -29.04
CA PHE B 59 -16.57 -19.97 -27.67
C PHE B 59 -16.93 -18.51 -27.38
N GLY B 60 -17.66 -17.86 -28.29
CA GLY B 60 -18.02 -16.46 -28.15
C GLY B 60 -16.82 -15.54 -28.37
N ASP B 61 -16.77 -14.45 -27.59
CA ASP B 61 -15.68 -13.48 -27.66
C ASP B 61 -14.53 -13.84 -26.70
N SER B 62 -14.62 -14.99 -26.05
CA SER B 62 -13.59 -15.41 -25.08
C SER B 62 -12.29 -15.89 -25.73
N ILE B 63 -12.32 -16.12 -27.04
CA ILE B 63 -11.11 -16.53 -27.77
C ILE B 63 -10.12 -15.37 -27.80
N SER B 64 -8.98 -15.55 -27.14
CA SER B 64 -7.92 -14.54 -27.10
C SER B 64 -6.86 -14.79 -28.17
N ASP B 65 -6.55 -16.06 -28.41
CA ASP B 65 -5.52 -16.44 -29.38
C ASP B 65 -5.74 -17.88 -29.85
N TYR B 66 -5.05 -18.24 -30.93
CA TYR B 66 -5.05 -19.62 -31.42
C TYR B 66 -3.63 -20.05 -31.78
N SER B 67 -3.46 -21.34 -32.07
CA SER B 67 -2.16 -21.87 -32.48
C SER B 67 -2.32 -23.19 -33.23
N VAL B 68 -2.08 -23.15 -34.54
CA VAL B 68 -2.19 -24.33 -35.40
C VAL B 68 -0.94 -25.19 -35.28
N SER B 69 -1.13 -26.51 -35.28
CA SER B 69 -0.01 -27.46 -35.18
C SER B 69 0.81 -27.47 -36.47
N PRO B 70 2.12 -27.83 -36.37
CA PRO B 70 3.00 -27.88 -37.54
C PRO B 70 2.50 -28.75 -38.69
N ASP B 71 1.75 -29.81 -38.38
CA ASP B 71 1.20 -30.71 -39.40
C ASP B 71 -0.13 -30.24 -40.01
N ARG B 72 -0.64 -29.10 -39.53
CA ARG B 72 -1.90 -28.52 -39.98
C ARG B 72 -3.10 -29.46 -39.83
N LEU B 73 -3.11 -30.27 -38.77
CA LEU B 73 -4.24 -31.16 -38.50
C LEU B 73 -5.00 -30.79 -37.22
N PHE B 74 -4.39 -29.97 -36.35
CA PHE B 74 -5.01 -29.59 -35.09
C PHE B 74 -4.78 -28.11 -34.78
N VAL B 75 -5.75 -27.49 -34.10
CA VAL B 75 -5.67 -26.09 -33.72
C VAL B 75 -5.88 -25.96 -32.21
N LEU B 76 -4.95 -25.27 -31.55
CA LEU B 76 -5.05 -25.00 -30.12
C LEU B 76 -5.81 -23.69 -29.93
N LEU B 77 -6.99 -23.77 -29.30
CA LEU B 77 -7.85 -22.59 -29.10
C LEU B 77 -7.72 -22.04 -27.67
N GLU B 78 -6.99 -20.94 -27.54
CA GLU B 78 -6.81 -20.27 -26.25
C GLU B 78 -8.06 -19.45 -25.91
N TYR B 79 -8.53 -19.56 -24.68
CA TYR B 79 -9.67 -18.77 -24.21
C TYR B 79 -9.67 -18.60 -22.69
N ASN B 80 -10.52 -17.68 -22.20
CA ASN B 80 -10.53 -17.25 -20.80
C ASN B 80 -9.15 -16.75 -20.34
N TYR B 81 -8.63 -15.78 -21.08
CA TYR B 81 -7.31 -15.20 -20.83
C TYR B 81 -7.28 -14.42 -19.52
N VAL B 82 -6.30 -14.71 -18.68
CA VAL B 82 -6.08 -13.98 -17.43
C VAL B 82 -4.59 -13.62 -17.30
N LYS B 83 -4.29 -12.32 -17.41
CA LYS B 83 -2.92 -11.84 -17.34
C LYS B 83 -2.35 -12.01 -15.94
N GLN B 84 -1.04 -12.26 -15.88
CA GLN B 84 -0.32 -12.29 -14.60
C GLN B 84 0.73 -11.17 -14.59
N TRP B 85 1.92 -11.41 -15.14
CA TRP B 85 2.96 -10.39 -15.23
C TRP B 85 3.08 -9.93 -16.70
N ARG B 86 4.28 -9.51 -17.12
CA ARG B 86 4.47 -8.96 -18.46
C ARG B 86 4.21 -9.98 -19.56
N HIS B 87 4.77 -11.18 -19.40
CA HIS B 87 4.62 -12.26 -20.38
C HIS B 87 3.75 -13.41 -19.87
N SER B 88 3.78 -13.67 -18.57
CA SER B 88 3.05 -14.77 -17.97
C SER B 88 1.54 -14.52 -17.95
N TYR B 89 0.76 -15.57 -18.21
CA TYR B 89 -0.69 -15.50 -18.13
C TYR B 89 -1.33 -16.89 -17.97
N THR B 90 -2.64 -16.89 -17.70
CA THR B 90 -3.41 -18.10 -17.46
C THR B 90 -4.56 -18.18 -18.47
N ALA B 91 -4.82 -19.39 -18.97
CA ALA B 91 -5.88 -19.60 -19.96
C ALA B 91 -6.36 -21.05 -20.02
N SER B 92 -7.62 -21.23 -20.41
CA SER B 92 -8.18 -22.55 -20.70
C SER B 92 -7.91 -22.88 -22.17
N TYR B 93 -7.93 -24.16 -22.51
CA TYR B 93 -7.62 -24.61 -23.87
C TYR B 93 -8.49 -25.77 -24.35
N SER B 94 -8.63 -25.88 -25.67
CA SER B 94 -9.37 -26.97 -26.29
C SER B 94 -8.90 -27.15 -27.73
N ILE B 95 -8.77 -28.40 -28.17
CA ILE B 95 -8.19 -28.72 -29.47
C ILE B 95 -9.28 -28.97 -30.52
N TYR B 96 -9.07 -28.41 -31.71
CA TYR B 96 -10.01 -28.53 -32.83
C TYR B 96 -9.40 -29.39 -33.92
N ASP B 97 -10.10 -30.46 -34.32
CA ASP B 97 -9.65 -31.35 -35.39
C ASP B 97 -10.07 -30.77 -36.74
N LEU B 98 -9.15 -30.76 -37.69
CA LEU B 98 -9.38 -30.13 -39.00
C LEU B 98 -10.05 -31.06 -40.02
N ASN B 99 -9.64 -32.33 -40.06
CA ASN B 99 -10.24 -33.31 -40.96
C ASN B 99 -11.70 -33.59 -40.59
N LYS B 100 -11.90 -33.99 -39.33
CA LYS B 100 -13.24 -34.34 -38.84
C LYS B 100 -14.09 -33.11 -38.52
N ARG B 101 -13.44 -31.95 -38.38
CA ARG B 101 -14.13 -30.67 -38.15
C ARG B 101 -14.99 -30.71 -36.88
N GLN B 102 -14.35 -31.06 -35.76
CA GLN B 102 -15.03 -31.09 -34.46
C GLN B 102 -14.03 -30.99 -33.30
N LEU B 103 -14.55 -30.69 -32.11
CA LEU B 103 -13.72 -30.57 -30.90
C LEU B 103 -13.40 -31.93 -30.29
N ILE B 104 -12.23 -32.01 -29.66
CA ILE B 104 -11.79 -33.21 -28.95
C ILE B 104 -12.13 -33.05 -27.47
N THR B 105 -13.22 -33.71 -27.05
CA THR B 105 -13.73 -33.57 -25.68
C THR B 105 -13.32 -34.71 -24.74
N GLU B 106 -12.40 -35.56 -25.19
CA GLU B 106 -11.86 -36.63 -24.35
C GLU B 106 -10.41 -36.33 -23.98
N GLU B 107 -10.09 -36.47 -22.69
CA GLU B 107 -8.79 -36.13 -22.14
C GLU B 107 -8.44 -34.67 -22.48
N LYS B 108 -9.14 -33.75 -21.82
CA LYS B 108 -9.02 -32.32 -22.13
C LYS B 108 -7.85 -31.66 -21.41
N ILE B 109 -7.54 -30.44 -21.83
CA ILE B 109 -6.53 -29.60 -21.18
C ILE B 109 -7.20 -28.97 -19.95
N PRO B 110 -6.55 -29.04 -18.78
CA PRO B 110 -7.19 -28.54 -17.55
C PRO B 110 -7.29 -27.01 -17.49
N ASN B 111 -8.11 -26.52 -16.55
CA ASN B 111 -8.25 -25.08 -16.32
C ASN B 111 -6.96 -24.46 -15.81
N ASN B 112 -6.81 -23.16 -16.04
CA ASN B 112 -5.67 -22.40 -15.55
C ASN B 112 -4.33 -22.99 -15.99
N THR B 113 -4.25 -23.32 -17.29
CA THR B 113 -3.02 -23.83 -17.87
C THR B 113 -2.04 -22.67 -18.04
N GLN B 114 -0.86 -22.83 -17.45
CA GLN B 114 0.12 -21.75 -17.38
C GLN B 114 0.89 -21.60 -18.69
N TRP B 115 1.06 -22.69 -19.43
CA TRP B 115 1.71 -22.66 -20.74
C TRP B 115 1.39 -23.92 -21.56
N ILE B 116 1.39 -23.77 -22.88
CA ILE B 116 1.21 -24.89 -23.83
C ILE B 116 2.15 -24.72 -25.02
N THR B 117 2.49 -25.82 -25.68
CA THR B 117 3.32 -25.77 -26.89
C THR B 117 3.15 -27.00 -27.76
N TRP B 118 3.05 -26.79 -29.07
CA TRP B 118 3.20 -27.88 -30.03
C TRP B 118 4.69 -28.17 -30.17
N SER B 119 5.02 -29.36 -30.68
CA SER B 119 6.41 -29.70 -30.96
C SER B 119 6.87 -28.99 -32.24
N GLN B 120 8.18 -29.01 -32.50
CA GLN B 120 8.72 -28.40 -33.71
C GLN B 120 8.19 -29.09 -34.96
N GLU B 121 8.13 -30.41 -34.91
CA GLU B 121 7.59 -31.22 -36.01
C GLU B 121 6.56 -32.20 -35.46
N GLY B 122 5.30 -32.05 -35.88
CA GLY B 122 4.24 -32.98 -35.52
C GLY B 122 3.31 -32.47 -34.44
N HIS B 123 2.15 -33.10 -34.33
CA HIS B 123 1.10 -32.72 -33.39
C HIS B 123 1.29 -33.24 -31.95
N LYS B 124 2.48 -33.04 -31.39
CA LYS B 124 2.75 -33.38 -29.98
C LYS B 124 2.51 -32.15 -29.10
N LEU B 125 1.96 -32.37 -27.92
CA LEU B 125 1.67 -31.28 -26.97
C LEU B 125 2.37 -31.49 -25.63
N ALA B 126 3.01 -30.43 -25.13
CA ALA B 126 3.47 -30.37 -23.75
C ALA B 126 2.84 -29.14 -23.10
N TYR B 127 2.60 -29.22 -21.80
CA TYR B 127 2.00 -28.09 -21.08
C TYR B 127 2.31 -28.08 -19.59
N VAL B 128 2.26 -26.89 -19.01
CA VAL B 128 2.52 -26.70 -17.58
C VAL B 128 1.21 -26.38 -16.84
N TRP B 129 1.00 -27.07 -15.73
CA TRP B 129 -0.20 -26.89 -14.92
C TRP B 129 0.17 -27.03 -13.44
N LYS B 130 -0.11 -25.99 -12.67
CA LYS B 130 0.27 -25.92 -11.25
C LYS B 130 1.76 -26.22 -11.06
N ASN B 131 2.58 -25.56 -11.88
CA ASN B 131 4.04 -25.69 -11.83
C ASN B 131 4.57 -27.11 -12.05
N ASP B 132 3.82 -27.91 -12.81
CA ASP B 132 4.24 -29.27 -13.17
C ASP B 132 4.03 -29.51 -14.65
N ILE B 133 4.98 -30.17 -15.30
CA ILE B 133 4.96 -30.37 -16.75
C ILE B 133 4.22 -31.65 -17.11
N TYR B 134 3.43 -31.56 -18.18
CA TYR B 134 2.66 -32.68 -18.70
C TYR B 134 2.96 -32.85 -20.18
N VAL B 135 2.88 -34.09 -20.67
CA VAL B 135 3.11 -34.40 -22.08
C VAL B 135 1.91 -35.15 -22.64
N LYS B 136 1.52 -34.78 -23.86
CA LYS B 136 0.35 -35.36 -24.51
C LYS B 136 0.71 -35.72 -25.95
N ILE B 137 0.89 -37.00 -26.21
CA ILE B 137 1.40 -37.47 -27.51
C ILE B 137 0.32 -37.34 -28.59
N GLU B 138 -0.91 -37.72 -28.27
CA GLU B 138 -2.04 -37.53 -29.15
C GLU B 138 -3.10 -36.71 -28.41
N PRO B 139 -3.68 -35.68 -29.07
CA PRO B 139 -4.72 -34.83 -28.50
C PRO B 139 -5.86 -35.55 -27.75
N HIS B 140 -6.17 -36.79 -28.16
CA HIS B 140 -7.25 -37.56 -27.55
C HIS B 140 -6.79 -38.50 -26.43
N LEU B 141 -5.48 -38.66 -26.25
CA LEU B 141 -4.93 -39.61 -25.28
C LEU B 141 -4.59 -38.94 -23.94
N PRO B 142 -4.58 -39.72 -22.84
CA PRO B 142 -4.22 -39.19 -21.52
C PRO B 142 -2.81 -38.59 -21.46
N SER B 143 -2.64 -37.55 -20.66
CA SER B 143 -1.35 -36.86 -20.54
C SER B 143 -0.46 -37.54 -19.50
N HIS B 144 0.80 -37.78 -19.87
CA HIS B 144 1.76 -38.40 -18.96
C HIS B 144 2.44 -37.33 -18.11
N ARG B 145 2.31 -37.45 -16.78
CA ARG B 145 2.90 -36.48 -15.86
C ARG B 145 4.41 -36.65 -15.80
N ILE B 146 5.14 -35.56 -16.02
CA ILE B 146 6.60 -35.58 -16.03
C ILE B 146 7.16 -35.27 -14.64
N THR B 147 6.65 -34.21 -14.01
CA THR B 147 7.15 -33.76 -12.72
C THR B 147 6.03 -33.76 -11.67
N SER B 148 6.43 -33.96 -10.41
CA SER B 148 5.52 -33.89 -9.28
C SER B 148 6.13 -33.14 -8.09
N THR B 149 7.05 -32.23 -8.38
CA THR B 149 7.70 -31.41 -7.36
C THR B 149 7.11 -30.01 -7.30
N GLY B 150 6.25 -29.67 -8.26
CA GLY B 150 5.72 -28.33 -8.41
C GLY B 150 4.99 -27.81 -7.18
N LYS B 151 5.21 -26.54 -6.88
CA LYS B 151 4.51 -25.85 -5.80
C LYS B 151 4.43 -24.36 -6.11
N GLU B 152 3.29 -23.75 -5.82
CA GLU B 152 3.05 -22.35 -6.15
C GLU B 152 4.08 -21.42 -5.49
N ASN B 153 4.77 -20.64 -6.31
CA ASN B 153 5.79 -19.68 -5.84
C ASN B 153 6.97 -20.30 -5.09
N VAL B 154 7.26 -21.57 -5.37
CA VAL B 154 8.41 -22.25 -4.76
C VAL B 154 9.17 -23.06 -5.81
N ILE B 155 8.53 -24.09 -6.35
CA ILE B 155 9.14 -24.95 -7.37
C ILE B 155 8.42 -24.76 -8.70
N PHE B 156 9.15 -24.29 -9.71
CA PHE B 156 8.62 -24.06 -11.05
C PHE B 156 9.18 -25.09 -12.03
N ASN B 157 8.32 -25.88 -12.63
CA ASN B 157 8.73 -26.85 -13.66
C ASN B 157 8.19 -26.44 -15.04
N GLY B 158 9.10 -26.09 -15.94
CA GLY B 158 8.73 -25.73 -17.32
C GLY B 158 8.23 -24.32 -17.50
N ILE B 159 8.37 -23.49 -16.47
CA ILE B 159 8.01 -22.08 -16.53
C ILE B 159 8.96 -21.25 -15.68
N ASN B 160 9.17 -19.99 -16.07
CA ASN B 160 10.04 -19.09 -15.33
C ASN B 160 9.32 -18.47 -14.15
N ASP B 161 10.05 -18.21 -13.07
CA ASP B 161 9.50 -17.45 -11.93
C ASP B 161 9.42 -15.97 -12.33
N TRP B 162 9.55 -15.04 -11.39
CA TRP B 162 9.41 -13.62 -11.73
C TRP B 162 10.65 -13.07 -12.46
N VAL B 163 11.81 -13.23 -11.84
CA VAL B 163 13.04 -12.60 -12.35
C VAL B 163 13.54 -13.20 -13.67
N TYR B 164 13.36 -14.51 -13.84
CA TYR B 164 13.77 -15.17 -15.09
C TYR B 164 12.86 -14.78 -16.24
N GLU B 165 11.56 -14.67 -15.96
CA GLU B 165 10.60 -14.23 -16.96
C GLU B 165 10.92 -12.82 -17.44
N GLU B 166 11.23 -11.94 -16.49
CA GLU B 166 11.40 -10.52 -16.78
C GLU B 166 12.75 -10.21 -17.44
N GLU B 167 13.83 -10.66 -16.80
CA GLU B 167 15.18 -10.19 -17.14
C GLU B 167 16.00 -11.17 -18.00
N ILE B 168 15.67 -12.46 -17.97
CA ILE B 168 16.44 -13.47 -18.68
C ILE B 168 15.82 -13.81 -20.04
N PHE B 169 14.78 -14.63 -20.05
CA PHE B 169 14.22 -15.15 -21.29
C PHE B 169 13.23 -14.20 -21.97
N GLY B 170 12.70 -13.23 -21.21
CA GLY B 170 11.68 -12.32 -21.75
C GLY B 170 10.42 -13.06 -22.14
N ALA B 171 10.11 -14.13 -21.41
CA ALA B 171 8.99 -15.00 -21.70
C ALA B 171 8.71 -15.91 -20.51
N TYR B 172 7.49 -16.45 -20.45
CA TYR B 172 7.07 -17.28 -19.34
C TYR B 172 7.53 -18.73 -19.51
N SER B 173 7.61 -19.18 -20.76
CA SER B 173 7.95 -20.57 -21.06
C SER B 173 9.40 -20.92 -20.72
N ALA B 174 9.59 -22.10 -20.15
CA ALA B 174 10.93 -22.62 -19.84
C ALA B 174 11.04 -24.09 -20.23
N LEU B 175 10.45 -24.45 -21.37
CA LEU B 175 10.57 -25.80 -21.93
C LEU B 175 10.78 -25.72 -23.43
N TRP B 176 11.50 -26.70 -23.98
CA TRP B 176 11.90 -26.67 -25.39
C TRP B 176 11.86 -28.07 -26.02
N TRP B 177 11.01 -28.23 -27.03
CA TRP B 177 10.89 -29.49 -27.76
C TRP B 177 12.09 -29.74 -28.67
N SER B 178 12.41 -31.01 -28.88
CA SER B 178 13.47 -31.40 -29.82
C SER B 178 12.96 -31.26 -31.26
N PRO B 179 13.88 -31.24 -32.25
CA PRO B 179 13.47 -31.03 -33.64
C PRO B 179 12.42 -32.04 -34.15
N ASN B 180 12.73 -33.33 -34.08
CA ASN B 180 11.81 -34.37 -34.55
C ASN B 180 10.70 -34.64 -33.52
N GLY B 181 11.04 -34.49 -32.25
CA GLY B 181 10.07 -34.63 -31.16
C GLY B 181 10.33 -35.74 -30.15
N THR B 182 11.56 -36.29 -30.15
CA THR B 182 11.90 -37.39 -29.26
C THR B 182 12.07 -36.91 -27.81
N PHE B 183 12.74 -35.77 -27.64
CA PHE B 183 13.01 -35.23 -26.30
C PHE B 183 12.21 -33.98 -26.00
N LEU B 184 12.13 -33.65 -24.71
CA LEU B 184 11.52 -32.43 -24.23
C LEU B 184 12.41 -31.87 -23.12
N ALA B 185 13.12 -30.79 -23.41
CA ALA B 185 13.99 -30.14 -22.43
C ALA B 185 13.17 -29.16 -21.59
N TYR B 186 13.57 -28.99 -20.33
CA TYR B 186 12.92 -28.02 -19.45
C TYR B 186 13.82 -27.62 -18.28
N ALA B 187 13.57 -26.43 -17.73
CA ALA B 187 14.32 -25.92 -16.59
C ALA B 187 13.46 -25.95 -15.33
N GLN B 188 14.12 -26.08 -14.18
CA GLN B 188 13.44 -26.08 -12.89
C GLN B 188 14.05 -25.01 -11.98
N PHE B 189 13.19 -24.19 -11.38
CA PHE B 189 13.62 -23.12 -10.49
C PHE B 189 13.09 -23.32 -9.08
N ASN B 190 13.95 -23.09 -8.09
CA ASN B 190 13.57 -23.17 -6.68
C ASN B 190 13.70 -21.78 -6.04
N ASP B 191 12.60 -21.29 -5.45
CA ASP B 191 12.56 -19.96 -4.84
C ASP B 191 12.53 -20.00 -3.30
N THR B 192 13.01 -21.10 -2.72
CA THR B 192 12.91 -21.31 -1.27
C THR B 192 13.57 -20.21 -0.44
N GLY B 193 14.77 -19.81 -0.84
CA GLY B 193 15.50 -18.76 -0.14
C GLY B 193 15.15 -17.34 -0.55
N VAL B 194 14.43 -17.21 -1.67
CA VAL B 194 14.14 -15.89 -2.24
C VAL B 194 13.13 -15.13 -1.37
N PRO B 195 13.52 -13.94 -0.87
CA PRO B 195 12.58 -13.15 -0.05
C PRO B 195 11.37 -12.64 -0.84
N LEU B 196 10.32 -12.26 -0.13
CA LEU B 196 9.07 -11.86 -0.74
C LEU B 196 8.85 -10.36 -0.71
N ILE B 197 8.51 -9.78 -1.86
CA ILE B 197 7.90 -8.44 -1.88
C ILE B 197 6.42 -8.61 -1.56
N GLU B 198 5.88 -7.72 -0.74
CA GLU B 198 4.49 -7.78 -0.32
C GLU B 198 3.83 -6.41 -0.46
N TYR B 199 2.81 -6.33 -1.32
CA TYR B 199 2.01 -5.10 -1.47
C TYR B 199 0.52 -5.42 -1.38
N SER B 200 -0.28 -4.37 -1.22
CA SER B 200 -1.72 -4.51 -1.06
C SER B 200 -2.44 -4.39 -2.40
N PHE B 201 -3.41 -5.27 -2.62
CA PHE B 201 -4.32 -5.17 -3.76
C PHE B 201 -5.72 -4.91 -3.23
N TYR B 202 -6.28 -3.76 -3.60
CA TYR B 202 -7.56 -3.32 -3.06
C TYR B 202 -8.77 -3.91 -3.80
N SER B 203 -8.58 -4.25 -5.07
CA SER B 203 -9.61 -4.86 -5.91
C SER B 203 -10.82 -3.93 -6.09
N ASP B 204 -11.95 -4.51 -6.50
CA ASP B 204 -13.19 -3.76 -6.65
C ASP B 204 -13.70 -3.30 -5.28
N GLU B 205 -14.55 -2.28 -5.27
CA GLU B 205 -15.01 -1.68 -4.01
C GLU B 205 -15.81 -2.64 -3.13
N SER B 206 -16.38 -3.68 -3.74
CA SER B 206 -17.11 -4.70 -2.98
C SER B 206 -16.24 -5.44 -1.97
N LEU B 207 -14.94 -5.58 -2.28
CA LEU B 207 -14.01 -6.25 -1.39
C LEU B 207 -13.81 -5.41 -0.13
N GLN B 208 -14.08 -5.98 1.03
CA GLN B 208 -14.05 -5.25 2.29
C GLN B 208 -12.63 -5.10 2.84
N TYR B 209 -11.91 -6.22 2.90
CA TYR B 209 -10.52 -6.24 3.36
C TYR B 209 -9.58 -6.40 2.16
N PRO B 210 -8.62 -5.47 1.99
CA PRO B 210 -7.65 -5.59 0.89
C PRO B 210 -6.78 -6.84 1.00
N LYS B 211 -6.48 -7.45 -0.15
CA LYS B 211 -5.63 -8.64 -0.20
C LYS B 211 -4.16 -8.25 -0.29
N THR B 212 -3.32 -8.98 0.43
CA THR B 212 -1.87 -8.80 0.37
C THR B 212 -1.28 -9.74 -0.67
N VAL B 213 -0.92 -9.18 -1.82
CA VAL B 213 -0.21 -9.93 -2.85
C VAL B 213 1.25 -10.11 -2.43
N TRP B 214 1.83 -11.26 -2.73
CA TRP B 214 3.25 -11.50 -2.48
C TRP B 214 3.90 -12.22 -3.65
N ILE B 215 5.14 -11.84 -3.96
CA ILE B 215 5.91 -12.47 -5.04
C ILE B 215 7.31 -12.78 -4.54
N PRO B 216 7.84 -13.98 -4.85
CA PRO B 216 9.28 -14.21 -4.63
C PRO B 216 10.08 -13.31 -5.56
N TYR B 217 10.78 -12.33 -4.97
CA TYR B 217 11.42 -11.26 -5.72
C TYR B 217 12.83 -11.03 -5.18
N PRO B 218 13.86 -11.46 -5.94
CA PRO B 218 15.23 -11.24 -5.49
C PRO B 218 15.70 -9.82 -5.78
N LYS B 219 15.73 -8.99 -4.74
CA LYS B 219 16.28 -7.64 -4.87
C LYS B 219 17.82 -7.71 -4.93
N ALA B 220 18.44 -6.60 -5.32
CA ALA B 220 19.88 -6.53 -5.51
C ALA B 220 20.64 -6.96 -4.25
N GLY B 221 21.42 -8.03 -4.37
CA GLY B 221 22.22 -8.55 -3.26
C GLY B 221 21.55 -9.69 -2.50
N ALA B 222 20.25 -9.85 -2.70
CA ALA B 222 19.47 -10.87 -1.97
C ALA B 222 19.67 -12.26 -2.57
N VAL B 223 19.10 -13.26 -1.89
CA VAL B 223 19.20 -14.64 -2.34
C VAL B 223 18.41 -14.82 -3.64
N ASN B 224 19.10 -15.31 -4.67
CA ASN B 224 18.49 -15.58 -5.97
C ASN B 224 17.89 -16.98 -6.02
N PRO B 225 17.08 -17.28 -7.05
CA PRO B 225 16.63 -18.65 -7.24
C PRO B 225 17.75 -19.54 -7.76
N THR B 226 17.63 -20.85 -7.54
CA THR B 226 18.54 -21.82 -8.12
C THR B 226 17.89 -22.44 -9.34
N VAL B 227 18.71 -22.93 -10.28
CA VAL B 227 18.21 -23.48 -11.54
C VAL B 227 18.69 -24.93 -11.72
N LYS B 228 17.87 -25.73 -12.39
CA LYS B 228 18.23 -27.12 -12.73
C LYS B 228 17.65 -27.48 -14.09
N PHE B 229 18.51 -27.92 -15.00
CA PHE B 229 18.10 -28.28 -16.36
C PHE B 229 17.87 -29.79 -16.46
N PHE B 230 16.83 -30.18 -17.19
CA PHE B 230 16.48 -31.59 -17.36
C PHE B 230 16.04 -31.89 -18.79
N ILE B 231 16.16 -33.16 -19.19
CA ILE B 231 15.60 -33.65 -20.45
C ILE B 231 14.86 -34.95 -20.18
N VAL B 232 13.66 -35.07 -20.74
CA VAL B 232 12.85 -36.29 -20.61
C VAL B 232 12.53 -36.87 -21.98
N ASN B 233 12.65 -38.18 -22.10
CA ASN B 233 12.36 -38.89 -23.34
C ASN B 233 10.85 -39.08 -23.51
N THR B 234 10.27 -38.37 -24.48
CA THR B 234 8.83 -38.41 -24.71
C THR B 234 8.38 -39.67 -25.45
N ASP B 235 9.28 -40.25 -26.23
CA ASP B 235 8.97 -41.48 -26.99
C ASP B 235 8.95 -42.74 -26.12
N SER B 236 9.48 -42.64 -24.89
CA SER B 236 9.51 -43.79 -23.97
C SER B 236 8.49 -43.67 -22.84
N LEU B 237 7.56 -42.72 -22.94
CA LEU B 237 6.59 -42.47 -21.88
C LEU B 237 5.51 -43.54 -21.84
N SER B 238 5.35 -44.18 -20.69
CA SER B 238 4.32 -45.18 -20.47
C SER B 238 3.80 -45.11 -19.04
N SER B 239 2.55 -45.50 -18.85
CA SER B 239 1.95 -45.54 -17.50
C SER B 239 2.41 -46.76 -16.71
N THR B 240 2.99 -47.74 -17.41
CA THR B 240 3.49 -48.96 -16.79
C THR B 240 4.82 -48.70 -16.08
N THR B 241 5.74 -48.02 -16.77
CA THR B 241 7.03 -47.67 -16.19
C THR B 241 7.01 -46.24 -15.64
N THR B 242 7.93 -45.94 -14.72
CA THR B 242 8.02 -44.59 -14.15
C THR B 242 8.77 -43.67 -15.10
N THR B 243 8.23 -42.47 -15.31
CA THR B 243 8.87 -41.48 -16.19
C THR B 243 10.03 -40.85 -15.45
N ILE B 244 11.24 -41.05 -15.96
CA ILE B 244 12.46 -40.60 -15.30
C ILE B 244 13.24 -39.64 -16.21
N PRO B 245 13.14 -38.32 -15.95
CA PRO B 245 13.99 -37.35 -16.64
C PRO B 245 15.46 -37.48 -16.23
N MET B 246 16.34 -36.82 -16.98
CA MET B 246 17.78 -36.88 -16.72
C MET B 246 18.38 -35.47 -16.69
N GLN B 247 19.18 -35.20 -15.66
CA GLN B 247 19.68 -33.86 -15.38
C GLN B 247 21.06 -33.61 -16.03
N ILE B 248 21.21 -32.45 -16.64
CA ILE B 248 22.52 -31.99 -17.11
C ILE B 248 23.17 -31.15 -16.01
N THR B 249 24.29 -31.64 -15.50
CA THR B 249 25.05 -30.93 -14.45
C THR B 249 26.04 -29.97 -15.08
N ALA B 250 26.79 -29.25 -14.24
CA ALA B 250 27.89 -28.41 -14.69
C ALA B 250 27.40 -27.24 -15.58
N PRO B 251 28.32 -26.46 -16.18
CA PRO B 251 29.79 -26.42 -16.10
C PRO B 251 30.34 -26.25 -14.69
N ALA B 252 31.57 -26.70 -14.49
CA ALA B 252 32.25 -26.57 -13.19
C ALA B 252 32.69 -25.15 -12.89
N SER B 253 32.94 -24.36 -13.95
CA SER B 253 33.39 -22.98 -13.81
C SER B 253 32.28 -22.06 -13.30
N VAL B 254 31.08 -22.21 -13.84
CA VAL B 254 29.94 -21.38 -13.45
C VAL B 254 29.33 -21.78 -12.11
N THR B 255 29.43 -23.06 -11.76
CA THR B 255 28.86 -23.57 -10.51
C THR B 255 29.75 -23.35 -9.28
N THR B 256 30.78 -22.52 -9.41
CA THR B 256 31.59 -22.11 -8.27
C THR B 256 30.75 -21.32 -7.27
N GLY B 257 29.95 -20.39 -7.79
CA GLY B 257 28.99 -19.62 -6.99
C GLY B 257 27.60 -19.68 -7.60
N ASP B 258 26.84 -18.60 -7.45
CA ASP B 258 25.51 -18.50 -8.05
C ASP B 258 25.62 -18.28 -9.55
N HIS B 259 24.63 -18.74 -10.30
CA HIS B 259 24.65 -18.67 -11.76
C HIS B 259 23.24 -18.67 -12.37
N TYR B 260 23.18 -18.40 -13.68
CA TYR B 260 21.92 -18.36 -14.42
C TYR B 260 21.95 -19.25 -15.65
N LEU B 261 20.78 -19.75 -16.03
CA LEU B 261 20.57 -20.37 -17.34
C LEU B 261 19.94 -19.31 -18.23
N CYS B 262 20.68 -18.86 -19.26
CA CYS B 262 20.27 -17.70 -20.04
C CYS B 262 20.20 -17.94 -21.55
N ASP B 263 19.71 -19.12 -21.94
CA ASP B 263 19.42 -19.49 -23.34
C ASP B 263 19.67 -20.98 -23.56
N VAL B 264 18.89 -21.58 -24.47
CA VAL B 264 19.06 -22.98 -24.83
C VAL B 264 18.48 -23.22 -26.23
N ALA B 265 19.19 -24.00 -27.04
CA ALA B 265 18.79 -24.26 -28.42
C ALA B 265 19.17 -25.68 -28.86
N TRP B 266 18.21 -26.40 -29.42
CA TRP B 266 18.46 -27.73 -29.97
C TRP B 266 19.21 -27.61 -31.29
N VAL B 267 20.32 -28.36 -31.41
CA VAL B 267 21.09 -28.41 -32.64
C VAL B 267 20.57 -29.54 -33.52
N SER B 268 20.55 -30.75 -32.95
CA SER B 268 20.02 -31.93 -33.63
C SER B 268 19.10 -32.71 -32.68
N GLU B 269 18.75 -33.94 -33.05
CA GLU B 269 17.88 -34.78 -32.22
C GLU B 269 18.61 -35.35 -31.01
N ASP B 270 19.95 -35.36 -31.05
CA ASP B 270 20.77 -35.82 -29.93
C ASP B 270 21.92 -34.86 -29.65
N ARG B 271 21.66 -33.57 -29.82
CA ARG B 271 22.65 -32.52 -29.55
C ARG B 271 21.93 -31.24 -29.14
N ILE B 272 22.42 -30.59 -28.08
CA ILE B 272 21.77 -29.39 -27.55
C ILE B 272 22.81 -28.44 -26.91
N SER B 273 22.61 -27.15 -27.10
CA SER B 273 23.50 -26.12 -26.57
C SER B 273 22.87 -25.42 -25.36
N LEU B 274 23.62 -25.33 -24.26
CA LEU B 274 23.15 -24.69 -23.04
C LEU B 274 24.03 -23.47 -22.72
N GLN B 275 23.41 -22.29 -22.71
CA GLN B 275 24.10 -21.06 -22.34
C GLN B 275 23.99 -20.84 -20.83
N TRP B 276 25.14 -20.62 -20.19
CA TRP B 276 25.19 -20.37 -18.75
C TRP B 276 25.81 -19.00 -18.47
N LEU B 277 25.71 -18.54 -17.23
CA LEU B 277 26.13 -17.20 -16.86
C LEU B 277 26.25 -17.06 -15.33
N ARG B 278 27.36 -16.50 -14.86
CA ARG B 278 27.57 -16.30 -13.42
C ARG B 278 26.72 -15.13 -12.89
N ARG B 279 26.57 -15.05 -11.58
CA ARG B 279 25.87 -13.93 -10.94
C ARG B 279 26.58 -12.63 -11.28
N ILE B 280 27.91 -12.65 -11.22
CA ILE B 280 28.72 -11.56 -11.78
C ILE B 280 28.73 -11.77 -13.29
N GLN B 281 27.95 -10.97 -14.00
CA GLN B 281 27.62 -11.24 -15.40
C GLN B 281 28.69 -10.76 -16.38
N ASN B 282 29.92 -11.23 -16.20
CA ASN B 282 31.02 -10.98 -17.15
C ASN B 282 31.69 -12.29 -17.57
N TYR B 283 30.92 -13.38 -17.52
CA TYR B 283 31.45 -14.72 -17.77
C TYR B 283 30.30 -15.62 -18.23
N SER B 284 30.32 -16.02 -19.50
CA SER B 284 29.30 -16.88 -20.08
C SER B 284 29.93 -18.11 -20.73
N VAL B 285 29.31 -19.27 -20.54
CA VAL B 285 29.77 -20.52 -21.15
C VAL B 285 28.64 -21.14 -21.97
N MET B 286 28.94 -21.49 -23.22
CA MET B 286 28.00 -22.19 -24.09
C MET B 286 28.42 -23.64 -24.24
N ALA B 287 27.88 -24.51 -23.39
CA ALA B 287 28.21 -25.93 -23.40
C ALA B 287 27.30 -26.70 -24.34
N ILE B 288 27.88 -27.29 -25.38
CA ILE B 288 27.15 -28.18 -26.29
C ILE B 288 27.25 -29.59 -25.71
N CYS B 289 26.11 -30.26 -25.61
CA CYS B 289 26.04 -31.59 -24.99
C CYS B 289 25.41 -32.62 -25.93
N ASP B 290 25.95 -33.83 -25.90
CA ASP B 290 25.48 -34.93 -26.76
C ASP B 290 24.89 -36.06 -25.93
N TYR B 291 23.89 -36.75 -26.50
CA TYR B 291 23.20 -37.83 -25.81
C TYR B 291 23.91 -39.17 -26.02
N ASP B 292 24.38 -39.76 -24.93
CA ASP B 292 24.97 -41.10 -24.96
C ASP B 292 23.87 -42.12 -24.65
N LYS B 293 23.30 -42.70 -25.71
CA LYS B 293 22.14 -43.58 -25.59
C LYS B 293 22.42 -44.96 -24.97
N THR B 294 23.69 -45.33 -24.85
CA THR B 294 24.07 -46.59 -24.21
C THR B 294 23.99 -46.53 -22.68
N THR B 295 24.27 -45.36 -22.12
CA THR B 295 24.21 -45.14 -20.66
C THR B 295 23.09 -44.17 -20.23
N LEU B 296 22.38 -43.59 -21.20
CA LEU B 296 21.28 -42.66 -20.94
C LEU B 296 21.70 -41.45 -20.10
N VAL B 297 22.83 -40.84 -20.47
CA VAL B 297 23.32 -39.63 -19.82
C VAL B 297 23.87 -38.68 -20.88
N TRP B 298 23.53 -37.39 -20.76
CA TRP B 298 23.98 -36.38 -21.70
C TRP B 298 25.40 -35.94 -21.35
N ASN B 299 26.34 -36.18 -22.27
CA ASN B 299 27.74 -35.88 -22.04
C ASN B 299 28.06 -34.45 -22.44
N CYS B 300 28.80 -33.74 -21.59
CA CYS B 300 29.18 -32.34 -21.84
C CYS B 300 30.69 -32.16 -21.61
N PRO B 301 31.50 -32.36 -22.66
CA PRO B 301 32.95 -32.23 -22.52
C PRO B 301 33.42 -30.78 -22.52
N THR B 302 34.64 -30.55 -22.05
CA THR B 302 35.22 -29.20 -21.99
C THR B 302 35.62 -28.65 -23.36
N THR B 303 35.79 -29.54 -24.34
CA THR B 303 36.15 -29.15 -25.70
C THR B 303 35.01 -28.46 -26.44
N GLN B 304 33.78 -28.85 -26.13
CA GLN B 304 32.60 -28.29 -26.79
C GLN B 304 32.05 -27.04 -26.08
N GLU B 305 32.72 -26.60 -25.02
CA GLU B 305 32.35 -25.36 -24.33
C GLU B 305 32.92 -24.15 -25.07
N HIS B 306 32.18 -23.04 -25.05
CA HIS B 306 32.61 -21.79 -25.66
C HIS B 306 32.47 -20.64 -24.67
N ILE B 307 33.59 -20.24 -24.05
CA ILE B 307 33.61 -19.16 -23.07
C ILE B 307 33.46 -17.80 -23.75
N GLU B 308 32.79 -16.88 -23.04
CA GLU B 308 32.62 -15.50 -23.50
C GLU B 308 32.75 -14.56 -22.29
N THR B 309 33.65 -13.60 -22.38
CA THR B 309 33.94 -12.70 -21.26
C THR B 309 33.97 -11.23 -21.68
N SER B 310 34.06 -10.34 -20.70
CA SER B 310 34.10 -8.90 -20.95
C SER B 310 34.73 -8.14 -19.78
N ALA B 311 35.86 -7.48 -20.05
CA ALA B 311 36.57 -6.71 -19.03
C ALA B 311 35.94 -5.32 -18.81
N THR B 312 35.40 -4.76 -19.90
CA THR B 312 34.80 -3.42 -19.85
C THR B 312 33.44 -3.38 -19.15
N GLY B 313 32.69 -4.48 -19.22
CA GLY B 313 31.36 -4.53 -18.62
C GLY B 313 30.74 -5.93 -18.54
N TRP B 314 29.70 -6.16 -19.34
CA TRP B 314 28.90 -7.37 -19.26
C TRP B 314 28.76 -8.08 -20.62
N CYS B 315 28.40 -9.36 -20.58
CA CYS B 315 28.29 -10.19 -21.77
C CYS B 315 27.03 -9.86 -22.56
N GLY B 316 27.18 -9.63 -23.86
CA GLY B 316 26.06 -9.29 -24.72
C GLY B 316 25.48 -7.91 -24.44
N ARG B 317 24.34 -7.63 -25.04
CA ARG B 317 23.64 -6.37 -24.81
C ARG B 317 22.88 -6.43 -23.49
N PHE B 318 21.93 -7.38 -23.40
CA PHE B 318 21.28 -7.74 -22.14
C PHE B 318 21.60 -9.17 -21.74
N ARG B 319 22.05 -9.98 -22.69
CA ARG B 319 22.44 -11.37 -22.42
C ARG B 319 23.23 -11.90 -23.61
N PRO B 320 24.06 -12.94 -23.39
CA PRO B 320 24.73 -13.64 -24.49
C PRO B 320 23.74 -14.02 -25.60
N ALA B 321 24.08 -13.68 -26.84
CA ALA B 321 23.15 -13.84 -27.97
C ALA B 321 22.91 -15.30 -28.34
N GLU B 322 21.95 -15.51 -29.24
CA GLU B 322 21.59 -16.85 -29.72
C GLU B 322 22.63 -17.36 -30.70
N PRO B 323 23.01 -18.65 -30.58
CA PRO B 323 23.81 -19.31 -31.60
C PRO B 323 22.91 -19.95 -32.66
N HIS B 324 23.11 -19.56 -33.92
CA HIS B 324 22.33 -20.12 -35.03
C HIS B 324 23.11 -21.25 -35.71
N PHE B 325 22.76 -22.49 -35.37
CA PHE B 325 23.45 -23.67 -35.89
C PHE B 325 23.02 -24.00 -37.32
N THR B 326 23.92 -24.66 -38.05
CA THR B 326 23.63 -25.15 -39.40
C THR B 326 22.85 -26.46 -39.32
N SER B 327 22.31 -26.87 -40.47
CA SER B 327 21.47 -28.08 -40.53
C SER B 327 22.19 -29.32 -40.02
N ASP B 328 23.45 -29.48 -40.41
CA ASP B 328 24.26 -30.63 -39.98
C ASP B 328 24.65 -30.55 -38.50
N GLY B 329 24.79 -29.33 -37.97
CA GLY B 329 25.08 -29.12 -36.56
C GLY B 329 26.55 -29.13 -36.23
N SER B 330 27.35 -28.43 -37.03
CA SER B 330 28.79 -28.29 -36.79
C SER B 330 29.15 -26.83 -36.50
N SER B 331 28.81 -25.95 -37.45
CA SER B 331 29.11 -24.53 -37.33
C SER B 331 27.88 -23.76 -36.84
N PHE B 332 28.13 -22.74 -36.01
CA PHE B 332 27.06 -21.83 -35.56
C PHE B 332 27.54 -20.38 -35.56
N TYR B 333 26.66 -19.48 -35.98
CA TYR B 333 26.96 -18.05 -36.04
C TYR B 333 26.37 -17.34 -34.83
N LYS B 334 27.09 -16.33 -34.33
CA LYS B 334 26.74 -15.65 -33.10
C LYS B 334 27.18 -14.19 -33.15
N ILE B 335 26.30 -13.29 -32.74
CA ILE B 335 26.63 -11.86 -32.68
C ILE B 335 27.50 -11.59 -31.45
N VAL B 336 28.77 -11.26 -31.70
CA VAL B 336 29.75 -11.05 -30.62
C VAL B 336 30.53 -9.77 -30.88
N SER B 337 30.96 -9.12 -29.79
CA SER B 337 31.76 -7.90 -29.89
C SER B 337 33.19 -8.21 -30.32
N ASP B 338 33.67 -7.51 -31.34
CA ASP B 338 35.02 -7.72 -31.88
C ASP B 338 36.08 -6.94 -31.06
N LYS B 339 37.31 -6.94 -31.54
CA LYS B 339 38.42 -6.25 -30.86
C LYS B 339 38.25 -4.73 -30.81
N ASP B 340 37.54 -4.15 -31.79
CA ASP B 340 37.23 -2.72 -31.80
C ASP B 340 36.04 -2.37 -30.91
N GLY B 341 35.33 -3.39 -30.42
CA GLY B 341 34.14 -3.19 -29.60
C GLY B 341 32.93 -2.92 -30.47
N TYR B 342 32.59 -3.87 -31.32
CA TYR B 342 31.45 -3.76 -32.24
C TYR B 342 30.76 -5.11 -32.44
N LYS B 343 29.45 -5.13 -32.24
CA LYS B 343 28.66 -6.36 -32.33
C LYS B 343 28.55 -6.83 -33.78
N HIS B 344 29.25 -7.92 -34.10
CA HIS B 344 29.28 -8.46 -35.46
C HIS B 344 29.13 -9.98 -35.46
N ILE B 345 28.64 -10.52 -36.58
CA ILE B 345 28.49 -11.95 -36.75
C ILE B 345 29.86 -12.58 -36.96
N CYS B 346 30.16 -13.64 -36.20
CA CYS B 346 31.39 -14.40 -36.39
C CYS B 346 31.13 -15.90 -36.24
N GLN B 347 31.88 -16.69 -37.00
CA GLN B 347 31.63 -18.12 -37.11
C GLN B 347 32.42 -18.94 -36.09
N PHE B 348 31.71 -19.80 -35.37
CA PHE B 348 32.32 -20.79 -34.48
C PHE B 348 32.04 -22.18 -35.02
N GLN B 349 32.94 -23.12 -34.74
CA GLN B 349 32.68 -24.54 -34.98
C GLN B 349 32.37 -25.22 -33.65
N LYS B 350 31.79 -26.40 -33.72
CA LYS B 350 31.36 -27.16 -32.53
C LYS B 350 32.52 -27.41 -31.56
N ASP B 351 33.71 -27.67 -32.10
CA ASP B 351 34.92 -27.79 -31.28
C ASP B 351 35.52 -26.40 -31.06
N ARG B 352 35.99 -26.15 -29.84
CA ARG B 352 36.63 -24.88 -29.50
C ARG B 352 38.10 -24.89 -29.92
N LYS B 353 38.75 -23.73 -29.79
CA LYS B 353 40.16 -23.58 -30.15
C LYS B 353 40.95 -23.07 -28.94
N PRO B 354 42.28 -23.31 -28.91
CA PRO B 354 43.13 -22.90 -27.79
C PRO B 354 42.80 -21.50 -27.27
N GLU B 355 42.75 -20.54 -28.17
CA GLU B 355 42.14 -19.24 -27.92
C GLU B 355 41.03 -19.10 -28.95
N GLN B 356 39.79 -19.23 -28.49
CA GLN B 356 38.63 -19.27 -29.40
C GLN B 356 38.45 -17.99 -30.22
N VAL B 357 39.21 -17.89 -31.31
CA VAL B 357 39.08 -16.81 -32.28
C VAL B 357 38.02 -17.22 -33.29
N CYS B 358 37.07 -16.33 -33.57
CA CYS B 358 36.02 -16.59 -34.55
C CYS B 358 36.16 -15.65 -35.74
N THR B 359 35.94 -16.19 -36.94
CA THR B 359 36.08 -15.42 -38.18
C THR B 359 34.89 -14.48 -38.36
N PHE B 360 35.10 -13.20 -38.08
CA PHE B 360 34.06 -12.19 -38.21
C PHE B 360 33.72 -11.95 -39.68
N ILE B 361 32.47 -12.18 -40.07
CA ILE B 361 32.03 -11.99 -41.45
C ILE B 361 31.63 -10.54 -41.75
N THR B 362 31.64 -9.69 -40.72
CA THR B 362 31.41 -8.25 -40.88
C THR B 362 32.38 -7.47 -39.99
N LYS B 363 32.93 -6.38 -40.51
CA LYS B 363 33.97 -5.60 -39.82
C LYS B 363 33.67 -4.10 -39.64
N GLY B 364 32.65 -3.58 -40.33
CA GLY B 364 32.42 -2.13 -40.39
C GLY B 364 32.07 -1.46 -39.08
N ALA B 365 32.14 -0.13 -39.07
CA ALA B 365 31.84 0.68 -37.87
C ALA B 365 30.33 0.80 -37.65
N TRP B 366 29.71 -0.34 -37.34
CA TRP B 366 28.27 -0.42 -37.12
C TRP B 366 27.98 -1.78 -36.49
N GLU B 367 26.73 -2.00 -36.07
CA GLU B 367 26.38 -3.25 -35.38
C GLU B 367 25.29 -4.05 -36.08
N VAL B 368 25.39 -5.37 -35.98
CA VAL B 368 24.34 -6.27 -36.44
C VAL B 368 23.28 -6.36 -35.34
N ILE B 369 22.01 -6.19 -35.73
CA ILE B 369 20.91 -6.17 -34.75
C ILE B 369 20.45 -7.59 -34.44
N SER B 370 20.15 -8.37 -35.48
CA SER B 370 19.64 -9.72 -35.29
C SER B 370 19.90 -10.61 -36.51
N ILE B 371 20.02 -11.91 -36.27
CA ILE B 371 20.13 -12.90 -37.34
C ILE B 371 18.74 -13.49 -37.58
N GLU B 372 18.14 -13.12 -38.71
CA GLU B 372 16.74 -13.46 -39.00
C GLU B 372 16.59 -14.87 -39.57
N ALA B 373 17.56 -15.32 -40.35
CA ALA B 373 17.53 -16.66 -40.94
C ALA B 373 18.92 -17.16 -41.32
N LEU B 374 19.04 -18.48 -41.47
CA LEU B 374 20.29 -19.12 -41.87
C LEU B 374 19.99 -20.28 -42.83
N THR B 375 20.27 -20.06 -44.11
CA THR B 375 20.07 -21.09 -45.14
C THR B 375 21.37 -21.83 -45.43
N SER B 376 21.31 -22.81 -46.33
CA SER B 376 22.46 -23.64 -46.67
C SER B 376 23.62 -22.84 -47.30
N ASP B 377 23.28 -21.78 -48.04
CA ASP B 377 24.29 -21.00 -48.78
C ASP B 377 24.25 -19.47 -48.54
N TYR B 378 23.26 -18.99 -47.78
CA TYR B 378 23.16 -17.55 -47.46
C TYR B 378 22.74 -17.32 -46.02
N LEU B 379 22.89 -16.07 -45.56
CA LEU B 379 22.51 -15.68 -44.20
C LEU B 379 21.83 -14.31 -44.21
N TYR B 380 20.68 -14.21 -43.54
CA TYR B 380 19.91 -12.98 -43.47
C TYR B 380 20.13 -12.31 -42.11
N TYR B 381 20.30 -10.98 -42.13
CA TYR B 381 20.48 -10.23 -40.88
C TYR B 381 20.10 -8.76 -41.03
N ILE B 382 19.86 -8.11 -39.89
CA ILE B 382 19.54 -6.68 -39.85
C ILE B 382 20.72 -5.92 -39.24
N SER B 383 21.01 -4.74 -39.78
CA SER B 383 22.09 -3.88 -39.26
C SER B 383 21.73 -2.40 -39.36
N ASN B 384 22.54 -1.58 -38.72
CA ASN B 384 22.37 -0.12 -38.75
C ASN B 384 23.49 0.54 -39.56
N GLU B 385 23.69 0.03 -40.77
CA GLU B 385 24.80 0.45 -41.63
C GLU B 385 24.40 1.55 -42.60
N TYR B 386 23.23 1.40 -43.22
CA TYR B 386 22.78 2.30 -44.30
C TYR B 386 22.81 3.77 -43.90
N LYS B 387 23.55 4.57 -44.65
CA LYS B 387 23.75 6.01 -44.40
C LYS B 387 24.33 6.31 -43.02
N GLU B 388 25.09 5.36 -42.47
CA GLU B 388 25.80 5.54 -41.19
C GLU B 388 24.88 6.02 -40.05
N MET B 389 23.65 5.51 -40.03
CA MET B 389 22.67 5.87 -38.99
C MET B 389 22.51 4.72 -38.01
N PRO B 390 22.85 4.94 -36.72
CA PRO B 390 22.60 3.92 -35.70
C PRO B 390 21.10 3.65 -35.47
N GLY B 391 20.28 4.68 -35.67
CA GLY B 391 18.83 4.55 -35.49
C GLY B 391 18.09 3.90 -36.65
N GLY B 392 18.82 3.59 -37.73
CA GLY B 392 18.23 2.94 -38.91
C GLY B 392 18.27 1.42 -38.83
N ARG B 393 17.35 0.78 -39.55
CA ARG B 393 17.29 -0.68 -39.65
C ARG B 393 17.02 -1.09 -41.10
N ASN B 394 17.91 -1.92 -41.65
CA ASN B 394 17.76 -2.45 -43.00
C ASN B 394 18.15 -3.92 -43.10
N LEU B 395 17.53 -4.65 -44.02
CA LEU B 395 17.79 -6.07 -44.20
C LEU B 395 19.00 -6.29 -45.10
N TYR B 396 19.92 -7.15 -44.65
CA TYR B 396 21.13 -7.46 -45.40
C TYR B 396 21.26 -8.97 -45.66
N LYS B 397 21.89 -9.30 -46.79
CA LYS B 397 22.10 -10.68 -47.20
C LYS B 397 23.59 -10.91 -47.42
N ILE B 398 24.11 -12.00 -46.83
CA ILE B 398 25.54 -12.30 -46.93
C ILE B 398 25.76 -13.79 -47.24
N GLN B 399 26.80 -14.06 -48.04
CA GLN B 399 27.12 -15.42 -48.46
C GLN B 399 28.19 -16.02 -47.54
N LEU B 400 28.06 -17.31 -47.25
CA LEU B 400 28.94 -17.99 -46.29
C LEU B 400 30.30 -18.32 -46.91
N THR B 401 30.30 -18.71 -48.19
CA THR B 401 31.54 -19.05 -48.89
C THR B 401 32.38 -17.80 -49.16
N ASP B 402 31.78 -16.84 -49.85
CA ASP B 402 32.44 -15.57 -50.17
C ASP B 402 31.80 -14.45 -49.35
N HIS B 403 32.53 -13.95 -48.35
CA HIS B 403 31.99 -12.96 -47.42
C HIS B 403 31.77 -11.58 -48.05
N THR B 404 32.54 -11.27 -49.10
CA THR B 404 32.47 -9.95 -49.74
C THR B 404 31.13 -9.67 -50.42
N ASN B 405 30.40 -10.72 -50.80
CA ASN B 405 29.06 -10.58 -51.37
C ASN B 405 28.07 -10.15 -50.28
N LYS B 406 27.90 -8.83 -50.15
CA LYS B 406 27.01 -8.25 -49.12
C LYS B 406 25.99 -7.31 -49.75
N LYS B 407 24.86 -7.87 -50.20
CA LYS B 407 23.79 -7.07 -50.81
C LYS B 407 22.76 -6.64 -49.77
N CYS B 408 22.25 -5.41 -49.92
CA CYS B 408 21.16 -4.92 -49.09
C CYS B 408 19.83 -5.23 -49.77
N LEU B 409 18.84 -5.60 -48.97
CA LEU B 409 17.54 -6.04 -49.47
C LEU B 409 16.43 -4.98 -49.36
N SER B 410 16.59 -4.04 -48.44
CA SER B 410 15.54 -3.04 -48.15
C SER B 410 16.04 -1.59 -48.13
N CYS B 411 17.23 -1.34 -48.66
CA CYS B 411 17.83 -0.01 -48.61
C CYS B 411 17.10 1.01 -49.48
N ASP B 412 17.05 0.75 -50.78
CA ASP B 412 16.53 1.72 -51.75
C ASP B 412 15.16 1.34 -52.33
N LEU B 413 14.38 0.57 -51.57
CA LEU B 413 13.01 0.22 -51.98
C LEU B 413 12.10 1.46 -51.90
N ASN B 414 12.25 2.21 -50.81
CA ASN B 414 11.61 3.51 -50.68
C ASN B 414 12.40 4.35 -49.65
N PRO B 415 13.49 5.00 -50.11
CA PRO B 415 14.46 5.62 -49.20
C PRO B 415 13.94 6.82 -48.42
N GLU B 416 12.88 7.47 -48.90
CA GLU B 416 12.28 8.60 -48.21
C GLU B 416 11.30 8.12 -47.15
N ARG B 417 10.35 7.26 -47.56
CA ARG B 417 9.30 6.76 -46.68
C ARG B 417 9.80 5.72 -45.68
N CYS B 418 10.77 4.91 -46.09
CA CYS B 418 11.21 3.76 -45.29
C CYS B 418 12.70 3.76 -44.98
N GLN B 419 13.03 3.95 -43.70
CA GLN B 419 14.40 3.87 -43.20
C GLN B 419 14.51 2.98 -41.95
N TYR B 420 13.46 2.22 -41.66
CA TYR B 420 13.39 1.37 -40.46
C TYR B 420 12.58 0.11 -40.79
N TYR B 421 13.29 -1.00 -40.99
CA TYR B 421 12.67 -2.24 -41.46
C TYR B 421 12.71 -3.37 -40.42
N SER B 422 11.71 -4.25 -40.49
CA SER B 422 11.66 -5.46 -39.69
C SER B 422 11.08 -6.59 -40.54
N VAL B 423 11.77 -7.72 -40.59
CA VAL B 423 11.46 -8.78 -41.55
C VAL B 423 10.92 -10.06 -40.89
N SER B 424 10.04 -10.76 -41.61
CA SER B 424 9.51 -12.05 -41.19
C SER B 424 9.70 -13.07 -42.32
N LEU B 425 10.79 -13.83 -42.23
CA LEU B 425 11.16 -14.77 -43.30
C LEU B 425 10.43 -16.11 -43.21
N SER B 426 10.43 -16.85 -44.31
CA SER B 426 9.82 -18.17 -44.38
C SER B 426 10.77 -19.23 -43.77
N LYS B 427 10.41 -20.51 -43.89
CA LYS B 427 11.17 -21.58 -43.25
C LYS B 427 12.58 -21.73 -43.82
N GLU B 428 12.68 -21.91 -45.13
CA GLU B 428 13.98 -21.97 -45.81
C GLU B 428 14.31 -20.65 -46.53
N ALA B 429 13.55 -19.60 -46.23
CA ALA B 429 13.83 -18.23 -46.68
C ALA B 429 13.83 -18.06 -48.20
N LYS B 430 12.77 -18.57 -48.85
CA LYS B 430 12.57 -18.36 -50.28
C LYS B 430 11.46 -17.32 -50.54
N TYR B 431 10.73 -16.98 -49.49
CA TYR B 431 9.80 -15.84 -49.50
C TYR B 431 9.98 -15.04 -48.22
N TYR B 432 9.67 -13.75 -48.24
CA TYR B 432 9.78 -12.92 -47.04
C TYR B 432 8.90 -11.66 -47.06
N GLN B 433 8.55 -11.19 -45.86
CA GLN B 433 7.71 -10.02 -45.68
C GLN B 433 8.51 -8.87 -45.06
N LEU B 434 8.62 -7.76 -45.77
CA LEU B 434 9.27 -6.55 -45.24
C LEU B 434 8.28 -5.74 -44.41
N GLY B 435 8.75 -5.22 -43.28
CA GLY B 435 7.94 -4.41 -42.39
C GLY B 435 8.51 -3.02 -42.21
N CYS B 436 8.15 -2.11 -43.10
CA CYS B 436 8.55 -0.71 -43.00
C CYS B 436 7.80 -0.03 -41.87
N ARG B 437 8.54 0.43 -40.86
CA ARG B 437 7.95 1.06 -39.68
C ARG B 437 7.94 2.59 -39.77
N GLY B 438 9.01 3.18 -40.28
CA GLY B 438 9.13 4.64 -40.40
C GLY B 438 10.23 5.08 -41.35
N PRO B 439 10.44 6.41 -41.47
CA PRO B 439 9.74 7.47 -40.74
C PRO B 439 8.38 7.86 -41.34
N GLY B 440 8.09 7.38 -42.55
CA GLY B 440 6.79 7.63 -43.18
C GLY B 440 5.72 6.70 -42.64
N LEU B 441 4.56 6.70 -43.29
CA LEU B 441 3.46 5.82 -42.91
C LEU B 441 3.86 4.36 -43.13
N PRO B 442 3.69 3.49 -42.10
CA PRO B 442 4.15 2.11 -42.21
C PRO B 442 3.64 1.36 -43.46
N LEU B 443 4.53 0.58 -44.06
CA LEU B 443 4.25 -0.15 -45.29
C LEU B 443 4.67 -1.61 -45.16
N TYR B 444 3.81 -2.52 -45.61
CA TYR B 444 4.07 -3.96 -45.52
C TYR B 444 3.89 -4.64 -46.87
N THR B 445 4.93 -5.35 -47.32
CA THR B 445 4.95 -5.96 -48.64
C THR B 445 5.53 -7.37 -48.62
N LEU B 446 5.06 -8.20 -49.56
CA LEU B 446 5.54 -9.58 -49.70
C LEU B 446 6.56 -9.65 -50.83
N HIS B 447 7.57 -10.51 -50.66
CA HIS B 447 8.71 -10.57 -51.59
C HIS B 447 9.17 -12.00 -51.90
N ARG B 448 9.86 -12.15 -53.02
CA ARG B 448 10.56 -13.40 -53.37
C ARG B 448 12.05 -13.19 -53.12
N SER B 449 12.72 -14.24 -52.63
CA SER B 449 14.12 -14.13 -52.18
C SER B 449 15.14 -14.00 -53.31
N THR B 450 14.93 -14.74 -54.40
CA THR B 450 15.87 -14.76 -55.52
C THR B 450 15.86 -13.47 -56.33
N ASP B 451 14.67 -12.97 -56.64
CA ASP B 451 14.50 -11.78 -57.48
C ASP B 451 14.44 -10.47 -56.69
N GLN B 452 14.30 -10.56 -55.36
CA GLN B 452 14.03 -9.40 -54.51
C GLN B 452 12.83 -8.59 -55.02
N LYS B 453 11.88 -9.28 -55.65
CA LYS B 453 10.78 -8.63 -56.35
C LYS B 453 9.54 -8.58 -55.45
N GLU B 454 8.93 -7.40 -55.35
CA GLU B 454 7.72 -7.21 -54.57
C GLU B 454 6.54 -7.90 -55.24
N LEU B 455 5.96 -8.88 -54.56
CA LEU B 455 4.82 -9.63 -55.10
C LEU B 455 3.54 -8.80 -54.99
N ARG B 456 3.33 -8.17 -53.83
CA ARG B 456 2.15 -7.34 -53.60
C ARG B 456 2.31 -6.40 -52.40
N VAL B 457 1.35 -5.50 -52.24
CA VAL B 457 1.28 -4.60 -51.10
C VAL B 457 0.24 -5.14 -50.11
N LEU B 458 0.72 -5.58 -48.94
CA LEU B 458 -0.14 -6.16 -47.92
C LEU B 458 -0.90 -5.09 -47.14
N GLU B 459 -0.17 -4.06 -46.71
CA GLU B 459 -0.76 -2.92 -46.00
C GLU B 459 0.10 -1.67 -46.22
N ASP B 460 -0.54 -0.60 -46.70
CA ASP B 460 0.16 0.67 -46.97
C ASP B 460 -0.44 1.86 -46.21
N ASN B 461 -1.35 1.58 -45.28
CA ASN B 461 -2.00 2.63 -44.47
C ASN B 461 -2.69 3.70 -45.31
N SER B 462 -3.48 3.26 -46.29
CA SER B 462 -4.26 4.16 -47.14
C SER B 462 -5.40 4.82 -46.35
N ALA B 463 -5.98 4.08 -45.41
CA ALA B 463 -7.01 4.63 -44.53
C ALA B 463 -6.42 5.67 -43.60
N LEU B 464 -5.21 5.41 -43.10
CA LEU B 464 -4.49 6.36 -42.25
C LEU B 464 -3.96 7.55 -43.05
N ASP B 465 -3.74 7.36 -44.35
CA ASP B 465 -3.36 8.46 -45.23
C ASP B 465 -4.53 9.45 -45.35
N LYS B 466 -5.74 8.91 -45.50
CA LYS B 466 -6.96 9.69 -45.31
C LYS B 466 -7.12 9.96 -43.81
N MET B 467 -8.16 10.66 -43.41
CA MET B 467 -8.41 10.98 -42.00
C MET B 467 -7.42 12.05 -41.49
N LEU B 468 -6.13 11.83 -41.72
CA LEU B 468 -5.08 12.80 -41.39
C LEU B 468 -4.93 13.91 -42.44
N GLN B 469 -5.93 14.12 -43.28
CA GLN B 469 -5.89 15.12 -44.33
C GLN B 469 -6.13 16.54 -43.80
N ASP B 470 -6.84 16.65 -42.68
CA ASP B 470 -7.17 17.95 -42.10
C ASP B 470 -6.43 18.22 -40.78
N VAL B 471 -5.43 17.39 -40.46
CA VAL B 471 -4.69 17.51 -39.20
C VAL B 471 -3.31 18.13 -39.43
N GLN B 472 -2.88 18.99 -38.50
CA GLN B 472 -1.57 19.60 -38.58
C GLN B 472 -0.51 18.60 -38.09
N MET B 473 0.05 17.85 -39.03
CA MET B 473 1.00 16.77 -38.70
C MET B 473 2.37 17.31 -38.29
N PRO B 474 2.92 16.83 -37.15
CA PRO B 474 4.30 17.14 -36.79
C PRO B 474 5.31 16.45 -37.71
N SER B 475 6.56 16.91 -37.65
CA SER B 475 7.63 16.35 -38.49
C SER B 475 8.79 15.88 -37.63
N LYS B 476 9.24 14.65 -37.86
CA LYS B 476 10.35 14.07 -37.12
C LYS B 476 11.68 14.44 -37.76
N LYS B 477 12.65 14.81 -36.92
CA LYS B 477 13.97 15.23 -37.40
C LYS B 477 15.07 14.44 -36.70
N LEU B 478 15.66 13.49 -37.42
CA LEU B 478 16.70 12.62 -36.88
C LEU B 478 18.07 13.18 -37.29
N ASP B 479 18.91 13.47 -36.29
CA ASP B 479 20.23 14.06 -36.54
C ASP B 479 21.14 13.85 -35.34
N PHE B 480 22.37 14.36 -35.42
CA PHE B 480 23.36 14.19 -34.35
C PHE B 480 24.17 15.46 -34.07
N ILE B 481 24.98 15.39 -33.03
CA ILE B 481 25.94 16.43 -32.67
C ILE B 481 27.28 15.80 -32.32
N VAL B 482 28.34 16.61 -32.33
CA VAL B 482 29.68 16.14 -31.99
C VAL B 482 30.04 16.62 -30.58
N LEU B 483 30.20 15.66 -29.67
CA LEU B 483 30.61 15.96 -28.29
C LEU B 483 31.84 15.14 -27.92
N ASN B 484 32.94 15.83 -27.61
CA ASN B 484 34.15 15.19 -27.12
C ASN B 484 34.72 14.15 -28.11
N GLU B 485 34.81 14.57 -29.37
CA GLU B 485 35.44 13.76 -30.43
C GLU B 485 34.64 12.51 -30.82
N THR B 486 33.31 12.62 -30.81
CA THR B 486 32.44 11.50 -31.22
C THR B 486 30.98 11.93 -31.43
N ARG B 487 30.28 11.20 -32.29
CA ARG B 487 28.89 11.51 -32.63
C ARG B 487 27.92 11.06 -31.53
N PHE B 488 26.82 11.80 -31.39
CA PHE B 488 25.74 11.44 -30.48
C PHE B 488 24.40 11.84 -31.10
N TRP B 489 23.64 10.85 -31.54
CA TRP B 489 22.40 11.09 -32.28
C TRP B 489 21.25 11.50 -31.37
N TYR B 490 20.32 12.30 -31.91
CA TYR B 490 19.14 12.75 -31.18
C TYR B 490 17.90 12.74 -32.07
N GLN B 491 16.76 13.03 -31.45
CA GLN B 491 15.46 13.01 -32.14
C GLN B 491 14.67 14.25 -31.73
N MET B 492 13.82 14.73 -32.63
CA MET B 492 12.96 15.88 -32.36
C MET B 492 11.64 15.79 -33.10
N ILE B 493 10.54 15.68 -32.36
CA ILE B 493 9.21 15.78 -32.94
C ILE B 493 8.84 17.26 -32.95
N LEU B 494 9.13 17.91 -34.07
CA LEU B 494 8.95 19.35 -34.20
C LEU B 494 7.48 19.69 -34.49
N PRO B 495 7.01 20.87 -34.02
CA PRO B 495 5.63 21.28 -34.31
C PRO B 495 5.36 21.46 -35.81
N PRO B 496 4.07 21.47 -36.20
CA PRO B 496 3.73 21.60 -37.62
C PRO B 496 4.20 22.92 -38.21
N HIS B 497 4.82 22.86 -39.38
CA HIS B 497 5.38 24.05 -40.04
C HIS B 497 6.38 24.74 -39.12
N PHE B 498 7.40 24.00 -38.74
CA PHE B 498 8.39 24.47 -37.77
C PHE B 498 9.19 25.67 -38.30
N ASP B 499 9.23 26.74 -37.51
CA ASP B 499 9.91 27.97 -37.87
C ASP B 499 11.17 28.13 -37.02
N LYS B 500 12.33 28.14 -37.67
CA LYS B 500 13.62 28.25 -36.96
C LYS B 500 13.81 29.60 -36.26
N SER B 501 13.18 30.65 -36.78
CA SER B 501 13.28 31.99 -36.19
C SER B 501 12.58 32.09 -34.84
N LYS B 502 11.49 31.34 -34.67
CA LYS B 502 10.70 31.39 -33.43
C LYS B 502 11.29 30.48 -32.36
N LYS B 503 10.94 30.76 -31.11
CA LYS B 503 11.36 29.94 -29.96
C LYS B 503 10.17 29.14 -29.44
N TYR B 504 10.41 27.87 -29.11
CA TYR B 504 9.37 26.97 -28.61
C TYR B 504 9.74 26.38 -27.25
N PRO B 505 8.74 25.85 -26.51
CA PRO B 505 9.04 25.07 -25.31
C PRO B 505 9.64 23.71 -25.66
N LEU B 506 10.57 23.24 -24.84
CA LEU B 506 11.27 21.98 -25.08
C LEU B 506 10.94 20.96 -24.00
N LEU B 507 10.58 19.75 -24.42
CA LEU B 507 10.37 18.64 -23.50
C LEU B 507 11.33 17.50 -23.87
N ILE B 508 12.16 17.09 -22.91
CA ILE B 508 13.08 15.98 -23.13
C ILE B 508 12.40 14.67 -22.76
N ASP B 509 12.07 13.88 -23.78
CA ASP B 509 11.58 12.53 -23.59
C ASP B 509 12.80 11.65 -23.36
N VAL B 510 12.87 11.00 -22.20
CA VAL B 510 14.07 10.27 -21.77
C VAL B 510 13.77 8.87 -21.26
N TYR B 511 14.58 7.91 -21.70
CA TYR B 511 14.67 6.60 -21.07
C TYR B 511 16.12 6.40 -20.64
N ALA B 512 17.03 6.40 -21.62
CA ALA B 512 18.48 6.44 -21.37
C ALA B 512 18.99 5.30 -20.49
N GLY B 513 18.40 4.12 -20.62
CA GLY B 513 18.88 2.93 -19.92
C GLY B 513 20.05 2.33 -20.65
N PRO B 514 20.76 1.37 -20.01
CA PRO B 514 21.87 0.70 -20.70
C PRO B 514 21.40 -0.05 -21.95
N CYS B 515 22.01 0.27 -23.09
CA CYS B 515 21.66 -0.32 -24.38
C CYS B 515 20.25 0.09 -24.87
N SER B 516 19.83 1.30 -24.51
CA SER B 516 18.55 1.84 -24.98
C SER B 516 18.78 2.70 -26.23
N GLN B 517 17.70 2.96 -26.96
CA GLN B 517 17.77 3.81 -28.15
C GLN B 517 16.44 4.51 -28.41
N LYS B 518 16.34 5.75 -27.94
CA LYS B 518 15.14 6.57 -28.16
C LYS B 518 15.19 7.31 -29.50
N ALA B 519 16.40 7.66 -29.94
CA ALA B 519 16.60 8.31 -31.23
C ALA B 519 16.66 7.26 -32.34
N ASP B 520 15.56 7.12 -33.08
CA ASP B 520 15.47 6.17 -34.19
C ASP B 520 14.64 6.77 -35.33
N ALA B 521 14.46 6.00 -36.40
CA ALA B 521 13.71 6.47 -37.58
C ALA B 521 12.32 5.85 -37.71
N ALA B 522 11.72 5.46 -36.58
CA ALA B 522 10.40 4.83 -36.57
C ALA B 522 9.29 5.88 -36.51
N PHE B 523 8.11 5.52 -37.01
CA PHE B 523 6.94 6.41 -37.01
C PHE B 523 6.00 6.03 -35.87
N ARG B 524 5.50 7.03 -35.15
CA ARG B 524 4.62 6.83 -34.00
C ARG B 524 3.57 7.93 -33.88
N LEU B 525 2.33 7.53 -33.62
CA LEU B 525 1.26 8.48 -33.29
C LEU B 525 0.95 8.37 -31.81
N ASN B 526 1.81 8.99 -31.01
CA ASN B 526 1.78 8.85 -29.55
C ASN B 526 1.55 10.19 -28.85
N TRP B 527 1.83 10.26 -27.55
CA TRP B 527 1.64 11.49 -26.78
C TRP B 527 2.51 12.66 -27.26
N ALA B 528 3.71 12.34 -27.74
CA ALA B 528 4.63 13.36 -28.26
C ALA B 528 4.05 14.06 -29.50
N THR B 529 3.36 13.30 -30.33
CA THR B 529 2.70 13.85 -31.53
C THR B 529 1.67 14.92 -31.15
N TYR B 530 0.95 14.69 -30.06
CA TYR B 530 -0.05 15.64 -29.57
C TYR B 530 0.58 16.93 -29.05
N LEU B 531 1.67 16.80 -28.29
CA LEU B 531 2.34 17.96 -27.70
C LEU B 531 2.94 18.90 -28.75
N ALA B 532 3.32 18.35 -29.90
CA ALA B 532 3.84 19.15 -31.01
C ALA B 532 2.69 19.70 -31.85
N SER B 533 1.75 18.83 -32.21
CA SER B 533 0.65 19.21 -33.10
C SER B 533 -0.27 20.28 -32.50
N THR B 534 -0.62 20.13 -31.22
CA THR B 534 -1.58 21.01 -30.57
C THR B 534 -0.90 22.10 -29.74
N GLU B 535 -0.07 21.70 -28.79
CA GLU B 535 0.54 22.63 -27.84
C GLU B 535 1.81 23.32 -28.36
N ASN B 536 2.26 22.93 -29.56
CA ASN B 536 3.47 23.49 -30.16
C ASN B 536 4.71 23.35 -29.26
N ILE B 537 4.91 22.13 -28.77
CA ILE B 537 6.05 21.80 -27.90
C ILE B 537 6.99 20.85 -28.64
N ILE B 538 8.27 21.17 -28.65
CA ILE B 538 9.28 20.29 -29.24
C ILE B 538 9.57 19.16 -28.26
N VAL B 539 9.24 17.93 -28.66
CA VAL B 539 9.53 16.74 -27.86
C VAL B 539 10.80 16.10 -28.42
N ALA B 540 11.87 16.12 -27.61
CA ALA B 540 13.17 15.63 -28.04
C ALA B 540 13.56 14.35 -27.32
N SER B 541 14.56 13.66 -27.87
CA SER B 541 15.15 12.48 -27.25
C SER B 541 16.62 12.38 -27.62
N PHE B 542 17.43 11.84 -26.72
CA PHE B 542 18.88 11.83 -26.89
C PHE B 542 19.52 10.56 -26.34
N ASP B 543 20.36 9.92 -27.17
CA ASP B 543 21.06 8.70 -26.79
C ASP B 543 22.51 8.99 -26.42
N GLY B 544 22.73 9.38 -25.16
CA GLY B 544 24.06 9.71 -24.66
C GLY B 544 24.90 8.48 -24.36
N ARG B 545 25.87 8.65 -23.46
CA ARG B 545 26.75 7.54 -23.06
C ARG B 545 25.97 6.50 -22.26
N GLY B 546 26.08 5.24 -22.66
CA GLY B 546 25.30 4.15 -22.09
C GLY B 546 24.36 3.53 -23.10
N SER B 547 23.98 4.31 -24.11
CA SER B 547 23.08 3.83 -25.17
C SER B 547 23.77 2.77 -26.04
N GLY B 548 22.96 1.94 -26.70
CA GLY B 548 23.46 0.80 -27.44
C GLY B 548 23.45 0.98 -28.95
N TYR B 549 23.86 -0.07 -29.65
CA TYR B 549 23.93 -0.11 -31.12
C TYR B 549 24.98 0.85 -31.69
N GLN B 550 25.95 1.25 -30.87
CA GLN B 550 27.01 2.17 -31.29
C GLN B 550 28.39 1.75 -30.76
N GLY B 551 28.55 0.46 -30.49
CA GLY B 551 29.81 -0.06 -29.96
C GLY B 551 29.80 -0.19 -28.45
N ASP B 552 30.74 -0.96 -27.91
CA ASP B 552 30.83 -1.22 -26.48
C ASP B 552 31.64 -0.15 -25.72
N LYS B 553 32.18 0.82 -26.44
CA LYS B 553 32.85 1.96 -25.80
C LYS B 553 31.80 2.91 -25.21
N ILE B 554 30.74 3.14 -25.98
CA ILE B 554 29.63 4.00 -25.54
C ILE B 554 28.71 3.28 -24.56
N MET B 555 28.41 2.00 -24.84
CA MET B 555 27.47 1.23 -24.03
C MET B 555 27.99 0.91 -22.64
N HIS B 556 29.27 0.56 -22.53
CA HIS B 556 29.88 0.15 -21.26
C HIS B 556 30.54 1.33 -20.52
N ALA B 557 30.25 2.56 -20.95
CA ALA B 557 30.77 3.75 -20.28
C ALA B 557 30.18 3.94 -18.88
N ILE B 558 28.99 3.37 -18.67
CA ILE B 558 28.27 3.49 -17.39
C ILE B 558 28.36 2.22 -16.55
N ASN B 559 29.43 1.45 -16.72
CA ASN B 559 29.63 0.23 -15.96
C ASN B 559 29.96 0.54 -14.50
N LYS B 560 29.23 -0.07 -13.58
CA LYS B 560 29.28 0.25 -12.14
C LYS B 560 28.95 1.72 -11.82
N ARG B 561 28.47 2.46 -12.82
CA ARG B 561 28.16 3.89 -12.69
C ARG B 561 26.81 4.15 -13.37
N LEU B 562 25.75 3.57 -12.81
CA LEU B 562 24.45 3.50 -13.48
C LEU B 562 23.63 4.78 -13.43
N GLY B 563 24.08 5.78 -12.68
CA GLY B 563 23.36 7.05 -12.57
C GLY B 563 24.26 8.27 -12.53
N THR B 564 25.06 8.47 -13.58
CA THR B 564 26.00 9.60 -13.63
C THR B 564 26.25 10.18 -15.03
N LEU B 565 26.64 9.33 -16.00
CA LEU B 565 26.97 9.83 -17.34
C LEU B 565 25.71 10.09 -18.16
N GLU B 566 24.80 9.11 -18.18
CA GLU B 566 23.50 9.28 -18.84
C GLU B 566 22.62 10.36 -18.18
N VAL B 567 22.94 10.71 -16.93
CA VAL B 567 22.31 11.86 -16.26
C VAL B 567 22.89 13.16 -16.84
N GLU B 568 24.21 13.27 -16.84
CA GLU B 568 24.90 14.49 -17.31
C GLU B 568 24.78 14.70 -18.82
N ASP B 569 24.78 13.61 -19.58
CA ASP B 569 24.66 13.69 -21.04
C ASP B 569 23.27 14.12 -21.49
N GLN B 570 22.26 13.91 -20.65
CA GLN B 570 20.91 14.40 -20.93
C GLN B 570 20.80 15.90 -20.64
N ILE B 571 21.60 16.37 -19.70
CA ILE B 571 21.68 17.80 -19.38
C ILE B 571 22.44 18.54 -20.48
N GLU B 572 23.57 17.98 -20.90
CA GLU B 572 24.38 18.54 -21.98
C GLU B 572 23.59 18.62 -23.29
N ALA B 573 22.82 17.58 -23.58
CA ALA B 573 21.97 17.55 -24.77
C ALA B 573 21.01 18.74 -24.79
N ALA B 574 20.44 19.06 -23.63
CA ALA B 574 19.54 20.20 -23.49
C ALA B 574 20.26 21.52 -23.76
N ARG B 575 21.44 21.68 -23.18
CA ARG B 575 22.26 22.88 -23.40
C ARG B 575 22.61 23.07 -24.88
N GLN B 576 22.85 21.97 -25.58
CA GLN B 576 23.14 22.01 -27.01
C GLN B 576 21.91 22.43 -27.84
N PHE B 577 20.73 22.05 -27.39
CA PHE B 577 19.49 22.45 -28.06
C PHE B 577 19.16 23.93 -27.82
N LEU B 578 19.62 24.47 -26.70
CA LEU B 578 19.46 25.90 -26.40
C LEU B 578 20.35 26.76 -27.33
N LYS B 579 21.51 26.23 -27.67
CA LYS B 579 22.45 26.93 -28.58
C LYS B 579 21.91 27.04 -30.01
N MET B 580 21.05 26.11 -30.40
CA MET B 580 20.49 26.10 -31.76
C MET B 580 19.58 27.30 -32.03
N GLY B 581 18.97 27.85 -30.98
CA GLY B 581 18.28 29.14 -31.07
C GLY B 581 16.79 29.10 -31.34
N PHE B 582 16.17 27.91 -31.25
CA PHE B 582 14.72 27.78 -31.40
C PHE B 582 14.04 27.20 -30.15
N VAL B 583 14.76 27.22 -29.03
CA VAL B 583 14.24 26.72 -27.75
C VAL B 583 14.12 27.86 -26.74
N ASP B 584 12.96 27.96 -26.11
CA ASP B 584 12.75 28.90 -25.02
C ASP B 584 13.48 28.34 -23.79
N SER B 585 14.46 29.10 -23.30
CA SER B 585 15.30 28.63 -22.19
C SER B 585 14.57 28.60 -20.85
N LYS B 586 13.53 29.41 -20.72
CA LYS B 586 12.75 29.47 -19.48
C LYS B 586 11.63 28.42 -19.42
N ARG B 587 11.44 27.66 -20.49
CA ARG B 587 10.40 26.66 -20.58
C ARG B 587 10.97 25.34 -21.12
N VAL B 588 11.88 24.76 -20.36
CA VAL B 588 12.49 23.47 -20.69
C VAL B 588 12.13 22.45 -19.62
N ALA B 589 11.58 21.32 -20.04
CA ALA B 589 11.17 20.26 -19.12
C ALA B 589 11.67 18.89 -19.56
N ILE B 590 11.44 17.89 -18.73
CA ILE B 590 11.91 16.52 -18.99
C ILE B 590 10.97 15.50 -18.35
N TRP B 591 10.64 14.44 -19.08
CA TRP B 591 9.78 13.38 -18.55
C TRP B 591 10.23 12.00 -19.02
N GLY B 592 9.96 10.99 -18.19
CA GLY B 592 10.35 9.62 -18.50
C GLY B 592 9.63 8.58 -17.66
N TRP B 593 9.42 7.41 -18.25
CA TRP B 593 8.76 6.28 -17.60
C TRP B 593 9.82 5.27 -17.19
N SER B 594 9.61 4.61 -16.05
CA SER B 594 10.45 3.49 -15.64
C SER B 594 11.88 3.93 -15.31
N TYR B 595 12.87 3.49 -16.10
CA TYR B 595 14.25 3.98 -15.97
C TYR B 595 14.30 5.48 -16.29
N GLY B 596 13.47 5.90 -17.25
CA GLY B 596 13.33 7.32 -17.59
C GLY B 596 12.90 8.18 -16.40
N GLY B 597 12.07 7.61 -15.53
CA GLY B 597 11.70 8.27 -14.29
C GLY B 597 12.87 8.48 -13.36
N TYR B 598 13.76 7.50 -13.29
CA TYR B 598 15.00 7.63 -12.51
C TYR B 598 15.91 8.70 -13.10
N VAL B 599 16.06 8.70 -14.43
CA VAL B 599 16.89 9.68 -15.11
C VAL B 599 16.29 11.07 -14.94
N THR B 600 14.99 11.20 -15.19
CA THR B 600 14.26 12.45 -14.97
C THR B 600 14.48 12.97 -13.55
N SER B 601 14.31 12.09 -12.57
CA SER B 601 14.45 12.47 -11.17
C SER B 601 15.87 12.90 -10.81
N MET B 602 16.86 12.19 -11.35
CA MET B 602 18.27 12.52 -11.14
C MET B 602 18.65 13.83 -11.83
N VAL B 603 18.10 14.05 -13.02
CA VAL B 603 18.32 15.30 -13.76
C VAL B 603 17.80 16.50 -12.98
N LEU B 604 16.58 16.39 -12.46
CA LEU B 604 15.99 17.44 -11.66
C LEU B 604 16.73 17.65 -10.34
N GLY B 605 17.22 16.55 -9.76
CA GLY B 605 17.97 16.60 -8.50
C GLY B 605 19.41 17.08 -8.63
N SER B 606 19.90 17.18 -9.87
CA SER B 606 21.27 17.63 -10.13
C SER B 606 21.47 19.11 -9.80
N GLY B 607 20.43 19.91 -10.01
CA GLY B 607 20.48 21.34 -9.73
C GLY B 607 21.24 22.11 -10.79
N SER B 608 21.07 21.72 -12.05
CA SER B 608 21.75 22.37 -13.17
C SER B 608 21.14 23.74 -13.48
N GLY B 609 19.84 23.88 -13.19
CA GLY B 609 19.12 25.12 -13.47
C GLY B 609 18.56 25.19 -14.88
N VAL B 610 18.79 24.14 -15.67
CA VAL B 610 18.36 24.11 -17.06
C VAL B 610 16.88 23.77 -17.16
N PHE B 611 16.44 22.80 -16.37
CA PHE B 611 15.06 22.30 -16.43
C PHE B 611 14.17 22.98 -15.39
N LYS B 612 13.02 23.46 -15.84
CA LYS B 612 12.06 24.14 -14.98
C LYS B 612 11.24 23.11 -14.19
N CYS B 613 10.63 22.18 -14.89
CA CYS B 613 9.81 21.14 -14.28
C CYS B 613 10.08 19.77 -14.91
N GLY B 614 9.47 18.73 -14.36
CA GLY B 614 9.61 17.39 -14.91
C GLY B 614 8.70 16.36 -14.27
N ILE B 615 8.45 15.27 -14.99
CA ILE B 615 7.51 14.23 -14.56
C ILE B 615 8.18 12.87 -14.55
N ALA B 616 8.18 12.21 -13.38
CA ALA B 616 8.70 10.86 -13.25
C ALA B 616 7.55 9.89 -13.05
N VAL B 617 7.44 8.90 -13.96
CA VAL B 617 6.38 7.90 -13.89
C VAL B 617 6.99 6.54 -13.54
N ALA B 618 6.57 5.98 -12.41
CA ALA B 618 7.08 4.71 -11.90
C ALA B 618 8.61 4.66 -11.87
N PRO B 619 9.24 5.64 -11.19
CA PRO B 619 10.70 5.74 -11.18
C PRO B 619 11.37 4.74 -10.24
N VAL B 620 12.57 4.30 -10.61
CA VAL B 620 13.48 3.65 -9.67
C VAL B 620 14.05 4.75 -8.80
N SER B 621 14.16 4.50 -7.49
CA SER B 621 14.64 5.51 -6.55
C SER B 621 16.09 5.23 -6.17
N ARG B 622 16.33 4.04 -5.62
CA ARG B 622 17.67 3.53 -5.43
C ARG B 622 17.73 2.09 -5.92
N TRP B 623 18.94 1.64 -6.27
CA TRP B 623 19.10 0.38 -6.97
C TRP B 623 19.01 -0.86 -6.07
N GLU B 624 19.09 -0.66 -4.75
CA GLU B 624 18.92 -1.77 -3.81
C GLU B 624 17.49 -2.33 -3.84
N TYR B 625 16.53 -1.49 -4.24
CA TYR B 625 15.13 -1.91 -4.31
C TYR B 625 14.78 -2.71 -5.57
N TYR B 626 15.52 -2.51 -6.66
CA TYR B 626 15.24 -3.20 -7.92
C TYR B 626 15.86 -4.61 -7.93
N ASP B 627 15.39 -5.47 -8.83
CA ASP B 627 15.80 -6.88 -8.86
C ASP B 627 17.29 -7.09 -9.13
N SER B 628 17.78 -8.27 -8.77
CA SER B 628 19.21 -8.58 -8.79
C SER B 628 19.77 -8.72 -10.22
N VAL B 629 19.10 -9.50 -11.06
CA VAL B 629 19.61 -9.80 -12.41
C VAL B 629 19.93 -8.54 -13.20
N TYR B 630 18.95 -7.64 -13.30
CA TYR B 630 19.11 -6.40 -14.06
C TYR B 630 20.13 -5.48 -13.39
N THR B 631 19.98 -5.27 -12.08
CA THR B 631 20.80 -4.32 -11.34
C THR B 631 22.27 -4.75 -11.29
N GLU B 632 22.51 -6.02 -10.98
CA GLU B 632 23.87 -6.54 -10.82
C GLU B 632 24.58 -6.78 -12.15
N ARG B 633 23.86 -6.65 -13.26
CA ARG B 633 24.45 -6.70 -14.59
C ARG B 633 25.27 -5.45 -14.86
N TYR B 634 24.78 -4.30 -14.42
CA TYR B 634 25.42 -3.00 -14.66
C TYR B 634 26.14 -2.53 -13.40
N MET B 635 25.45 -2.57 -12.27
CA MET B 635 26.06 -2.28 -10.97
C MET B 635 26.74 -3.55 -10.46
N GLY B 636 27.48 -3.43 -9.37
CA GLY B 636 28.07 -4.60 -8.71
C GLY B 636 27.09 -5.22 -7.74
N LEU B 637 27.61 -5.74 -6.63
CA LEU B 637 26.81 -6.18 -5.51
C LEU B 637 26.88 -5.09 -4.43
N PRO B 638 25.78 -4.86 -3.70
CA PRO B 638 25.78 -3.81 -2.68
C PRO B 638 26.55 -4.24 -1.42
N THR B 639 27.87 -4.32 -1.55
CA THR B 639 28.76 -4.73 -0.46
C THR B 639 29.99 -3.84 -0.43
N PRO B 640 30.61 -3.69 0.76
CA PRO B 640 31.87 -2.92 0.85
C PRO B 640 32.99 -3.50 0.00
N GLU B 641 32.94 -4.82 -0.24
CA GLU B 641 33.95 -5.51 -1.05
C GLU B 641 33.84 -5.19 -2.54
N ASP B 642 32.66 -4.75 -2.99
CA ASP B 642 32.42 -4.53 -4.42
C ASP B 642 32.06 -3.07 -4.76
N ASN B 643 30.80 -2.67 -4.54
CA ASN B 643 30.31 -1.39 -5.07
C ASN B 643 29.19 -0.74 -4.25
N LEU B 644 29.22 -0.93 -2.93
CA LEU B 644 28.20 -0.35 -2.04
C LEU B 644 28.23 1.17 -2.02
N ASP B 645 29.40 1.76 -2.24
CA ASP B 645 29.56 3.21 -2.17
C ASP B 645 28.80 3.96 -3.26
N HIS B 646 28.72 3.39 -4.46
CA HIS B 646 27.95 3.99 -5.55
C HIS B 646 26.46 3.66 -5.44
N TYR B 647 26.13 2.49 -4.88
CA TYR B 647 24.74 2.17 -4.53
C TYR B 647 24.17 3.25 -3.59
N ARG B 648 24.95 3.63 -2.59
CA ARG B 648 24.54 4.65 -1.61
C ARG B 648 24.55 6.08 -2.17
N ASN B 649 25.32 6.32 -3.22
CA ASN B 649 25.46 7.66 -3.79
C ASN B 649 24.58 7.95 -5.02
N SER B 650 24.08 6.91 -5.67
CA SER B 650 23.26 7.07 -6.87
C SER B 650 21.75 7.01 -6.59
N THR B 651 21.36 7.40 -5.38
CA THR B 651 19.95 7.40 -4.97
C THR B 651 19.32 8.75 -5.28
N VAL B 652 18.02 8.75 -5.53
CA VAL B 652 17.28 9.98 -5.83
C VAL B 652 17.09 10.83 -4.56
N MET B 653 16.72 10.17 -3.46
CA MET B 653 16.39 10.88 -2.21
C MET B 653 17.56 11.59 -1.55
N SER B 654 18.80 11.19 -1.89
CA SER B 654 19.98 11.91 -1.43
C SER B 654 20.02 13.33 -2.00
N ARG B 655 19.42 13.51 -3.18
CA ARG B 655 19.41 14.79 -3.88
C ARG B 655 18.06 15.50 -3.73
N ALA B 656 17.43 15.34 -2.58
CA ALA B 656 16.08 15.85 -2.35
C ALA B 656 16.02 17.37 -2.15
N GLU B 657 17.10 17.95 -1.62
CA GLU B 657 17.14 19.38 -1.33
C GLU B 657 17.14 20.23 -2.61
N ASN B 658 17.67 19.66 -3.69
CA ASN B 658 17.77 20.36 -4.97
C ASN B 658 16.44 20.48 -5.74
N PHE B 659 15.41 19.76 -5.29
CA PHE B 659 14.10 19.80 -5.93
C PHE B 659 13.34 21.11 -5.68
N LYS B 660 13.81 21.91 -4.73
CA LYS B 660 13.21 23.23 -4.45
C LYS B 660 13.32 24.18 -5.65
N GLN B 661 14.28 23.92 -6.53
CA GLN B 661 14.49 24.74 -7.72
C GLN B 661 13.61 24.33 -8.91
N VAL B 662 12.76 23.32 -8.72
CA VAL B 662 11.94 22.79 -9.82
C VAL B 662 10.54 22.38 -9.37
N GLU B 663 9.65 22.16 -10.34
CA GLU B 663 8.32 21.62 -10.10
C GLU B 663 8.30 20.14 -10.51
N TYR B 664 7.96 19.27 -9.56
CA TYR B 664 8.12 17.83 -9.72
C TYR B 664 6.77 17.12 -9.64
N LEU B 665 6.52 16.21 -10.58
CA LEU B 665 5.32 15.38 -10.55
C LEU B 665 5.72 13.91 -10.45
N LEU B 666 5.38 13.27 -9.34
CA LEU B 666 5.73 11.88 -9.10
C LEU B 666 4.48 11.01 -9.28
N ILE B 667 4.57 10.01 -10.16
CA ILE B 667 3.44 9.11 -10.44
C ILE B 667 3.89 7.65 -10.30
N HIS B 668 3.03 6.81 -9.73
CA HIS B 668 3.36 5.40 -9.51
C HIS B 668 2.11 4.56 -9.20
N GLY B 669 1.98 3.42 -9.88
CA GLY B 669 0.88 2.48 -9.63
C GLY B 669 1.11 1.65 -8.37
N THR B 670 0.06 1.49 -7.57
CA THR B 670 0.19 0.83 -6.26
C THR B 670 0.49 -0.66 -6.35
N ALA B 671 0.06 -1.29 -7.45
CA ALA B 671 0.27 -2.73 -7.64
C ALA B 671 1.38 -3.02 -8.66
N ASP B 672 2.42 -2.18 -8.66
CA ASP B 672 3.54 -2.37 -9.57
C ASP B 672 4.44 -3.49 -9.05
N ASP B 673 4.53 -4.57 -9.82
CA ASP B 673 5.36 -5.72 -9.47
C ASP B 673 6.81 -5.56 -9.94
N ASN B 674 7.02 -4.74 -10.97
CA ASN B 674 8.35 -4.47 -11.49
C ASN B 674 9.07 -3.45 -10.61
N VAL B 675 8.71 -2.18 -10.75
CA VAL B 675 9.28 -1.11 -9.92
C VAL B 675 8.27 -0.82 -8.82
N HIS B 676 8.49 -1.40 -7.65
CA HIS B 676 7.48 -1.38 -6.59
C HIS B 676 7.19 0.05 -6.10
N PHE B 677 5.96 0.25 -5.63
CA PHE B 677 5.50 1.54 -5.13
C PHE B 677 6.38 2.05 -3.98
N GLN B 678 7.04 1.13 -3.29
CA GLN B 678 8.08 1.45 -2.30
C GLN B 678 9.03 2.55 -2.77
N GLN B 679 9.50 2.44 -4.01
CA GLN B 679 10.55 3.31 -4.52
C GLN B 679 10.11 4.78 -4.52
N SER B 680 8.94 5.05 -5.10
CA SER B 680 8.37 6.40 -5.06
C SER B 680 7.99 6.81 -3.64
N ALA B 681 7.52 5.84 -2.85
CA ALA B 681 7.16 6.09 -1.46
C ALA B 681 8.35 6.63 -0.66
N GLN B 682 9.54 6.10 -0.95
CA GLN B 682 10.76 6.57 -0.31
C GLN B 682 11.17 7.96 -0.82
N ILE B 683 11.07 8.16 -2.15
CA ILE B 683 11.36 9.47 -2.75
C ILE B 683 10.51 10.56 -2.10
N SER B 684 9.20 10.34 -2.09
CA SER B 684 8.25 11.32 -1.55
C SER B 684 8.53 11.61 -0.08
N LYS B 685 8.87 10.59 0.69
CA LYS B 685 9.17 10.74 2.12
C LYS B 685 10.42 11.59 2.35
N ALA B 686 11.41 11.45 1.46
CA ALA B 686 12.63 12.25 1.52
C ALA B 686 12.37 13.71 1.17
N LEU B 687 11.52 13.93 0.16
CA LEU B 687 11.12 15.29 -0.21
C LEU B 687 10.33 15.97 0.91
N VAL B 688 9.51 15.20 1.62
CA VAL B 688 8.74 15.71 2.75
C VAL B 688 9.67 16.14 3.89
N ASP B 689 10.67 15.31 4.18
CA ASP B 689 11.64 15.60 5.25
C ASP B 689 12.49 16.83 4.93
N ALA B 690 12.86 16.98 3.66
CA ALA B 690 13.66 18.12 3.22
C ALA B 690 12.85 19.43 3.15
N GLY B 691 11.53 19.32 3.21
CA GLY B 691 10.65 20.48 3.21
C GLY B 691 10.46 21.09 1.83
N VAL B 692 10.50 20.24 0.81
CA VAL B 692 10.32 20.68 -0.58
C VAL B 692 8.93 20.28 -1.08
N ASP B 693 8.23 21.22 -1.69
CA ASP B 693 6.88 20.99 -2.20
C ASP B 693 6.93 20.34 -3.57
N PHE B 694 6.07 19.35 -3.78
CA PHE B 694 6.00 18.64 -5.05
C PHE B 694 4.56 18.19 -5.30
N GLN B 695 4.32 17.61 -6.47
CA GLN B 695 3.02 17.03 -6.81
C GLN B 695 3.15 15.52 -6.94
N ALA B 696 2.11 14.80 -6.54
CA ALA B 696 2.12 13.35 -6.53
C ALA B 696 0.83 12.78 -7.11
N MET B 697 0.88 11.51 -7.49
CA MET B 697 -0.30 10.80 -7.96
C MET B 697 -0.08 9.31 -7.89
N TRP B 698 -0.94 8.61 -7.16
CA TRP B 698 -0.93 7.15 -7.14
C TRP B 698 -2.05 6.63 -8.03
N TYR B 699 -1.91 5.39 -8.51
CA TYR B 699 -2.96 4.73 -9.27
C TYR B 699 -3.28 3.37 -8.67
N THR B 700 -4.46 3.28 -8.06
CA THR B 700 -4.90 2.10 -7.33
C THR B 700 -4.99 0.87 -8.24
N ASP B 701 -4.30 -0.20 -7.84
CA ASP B 701 -4.31 -1.49 -8.52
C ASP B 701 -3.67 -1.52 -9.92
N GLU B 702 -2.99 -0.44 -10.31
CA GLU B 702 -2.29 -0.39 -11.60
C GLU B 702 -0.86 -0.88 -11.45
N ASP B 703 -0.38 -1.62 -12.45
CA ASP B 703 0.97 -2.17 -12.44
C ASP B 703 1.97 -1.20 -13.09
N HIS B 704 3.09 -1.72 -13.57
CA HIS B 704 4.15 -0.89 -14.15
C HIS B 704 3.74 -0.20 -15.45
N GLY B 705 2.97 -0.89 -16.27
CA GLY B 705 2.52 -0.33 -17.55
C GLY B 705 1.47 0.76 -17.42
N ILE B 706 0.65 0.68 -16.37
CA ILE B 706 -0.52 1.55 -16.22
C ILE B 706 -1.33 1.49 -17.52
N ALA B 707 -1.65 0.26 -17.92
CA ALA B 707 -2.21 -0.01 -19.24
C ALA B 707 -3.73 -0.21 -19.23
N SER B 708 -4.37 0.00 -18.08
CA SER B 708 -5.83 0.00 -18.01
C SER B 708 -6.35 1.21 -18.78
N SER B 709 -7.40 1.00 -19.58
CA SER B 709 -7.93 2.03 -20.47
C SER B 709 -8.14 3.37 -19.76
N THR B 710 -8.87 3.34 -18.65
CA THR B 710 -9.21 4.57 -17.93
C THR B 710 -8.01 5.18 -17.20
N ALA B 711 -7.16 4.32 -16.63
CA ALA B 711 -5.93 4.78 -15.97
C ALA B 711 -4.94 5.35 -16.98
N HIS B 712 -4.91 4.77 -18.18
CA HIS B 712 -4.08 5.26 -19.28
C HIS B 712 -4.54 6.64 -19.73
N GLN B 713 -5.86 6.81 -19.85
CA GLN B 713 -6.44 8.11 -20.20
C GLN B 713 -6.20 9.15 -19.11
N HIS B 714 -6.28 8.73 -17.84
CA HIS B 714 -6.17 9.66 -16.73
C HIS B 714 -4.76 10.21 -16.57
N ILE B 715 -3.75 9.33 -16.62
CA ILE B 715 -2.35 9.75 -16.41
C ILE B 715 -1.85 10.72 -17.49
N TYR B 716 -2.15 10.42 -18.75
CA TYR B 716 -1.69 11.29 -19.85
C TYR B 716 -2.48 12.59 -19.92
N SER B 717 -3.72 12.56 -19.44
CA SER B 717 -4.52 13.78 -19.31
C SER B 717 -4.04 14.60 -18.12
N HIS B 718 -3.70 13.91 -17.02
CA HIS B 718 -3.17 14.58 -15.82
C HIS B 718 -1.80 15.19 -16.08
N MET B 719 -0.95 14.47 -16.81
CA MET B 719 0.38 14.97 -17.18
C MET B 719 0.31 16.18 -18.13
N SER B 720 -0.71 16.20 -18.98
CA SER B 720 -0.91 17.31 -19.91
C SER B 720 -1.25 18.60 -19.17
N HIS B 721 -2.14 18.52 -18.20
CA HIS B 721 -2.49 19.68 -17.36
C HIS B 721 -1.25 20.25 -16.68
N PHE B 722 -0.43 19.36 -16.12
CA PHE B 722 0.82 19.74 -15.46
C PHE B 722 1.77 20.47 -16.42
N LEU B 723 1.88 19.95 -17.64
CA LEU B 723 2.80 20.51 -18.63
C LEU B 723 2.30 21.85 -19.18
N GLN B 724 0.98 22.00 -19.29
CA GLN B 724 0.37 23.28 -19.67
C GLN B 724 0.59 24.34 -18.60
N GLN B 725 0.40 23.96 -17.34
CA GLN B 725 0.61 24.85 -16.21
C GLN B 725 2.09 25.22 -16.04
N CYS B 726 2.97 24.27 -16.32
CA CYS B 726 4.42 24.50 -16.25
C CYS B 726 4.89 25.51 -17.31
N PHE B 727 4.39 25.37 -18.53
CA PHE B 727 4.77 26.25 -19.64
C PHE B 727 3.83 27.45 -19.84
N SER B 728 2.80 27.56 -19.00
CA SER B 728 1.83 28.66 -19.07
C SER B 728 1.08 28.70 -20.40
N LEU B 729 0.31 27.64 -20.67
CA LEU B 729 -0.48 27.51 -21.90
C LEU B 729 -1.97 27.65 -21.63
N ARG B 730 -2.46 26.93 -20.62
CA ARG B 730 -3.87 26.94 -20.25
C ARG B 730 -4.28 28.29 -19.66
N GLN C 1 -18.92 -20.44 -13.76
CA GLN C 1 -17.95 -19.49 -14.38
C GLN C 1 -18.05 -18.10 -13.73
N ILE C 2 -18.69 -17.13 -14.38
CA ILE C 2 -18.83 -15.79 -13.83
C ILE C 2 -20.26 -15.63 -13.33
N VAL C 3 -20.41 -15.47 -12.02
CA VAL C 3 -21.73 -15.31 -11.41
C VAL C 3 -22.18 -13.85 -11.51
N LEU C 4 -23.08 -13.58 -12.46
CA LEU C 4 -23.65 -12.25 -12.62
C LEU C 4 -24.75 -12.03 -11.59
N SER C 5 -24.77 -10.83 -11.00
CA SER C 5 -25.75 -10.49 -9.97
C SER C 5 -26.54 -9.25 -10.37
N GLN C 6 -27.83 -9.44 -10.66
CA GLN C 6 -28.72 -8.35 -11.03
C GLN C 6 -29.14 -7.58 -9.79
N SER C 7 -29.25 -6.25 -9.92
CA SER C 7 -29.54 -5.38 -8.78
C SER C 7 -30.68 -4.40 -9.10
N PRO C 8 -31.87 -4.61 -8.49
CA PRO C 8 -32.35 -5.71 -7.68
C PRO C 8 -33.35 -6.59 -8.46
N ALA C 9 -34.13 -7.41 -7.76
CA ALA C 9 -35.11 -8.29 -8.39
C ALA C 9 -36.16 -7.53 -9.21
N ILE C 10 -37.00 -6.76 -8.53
CA ILE C 10 -38.07 -6.00 -9.19
C ILE C 10 -37.88 -4.50 -8.90
N LEU C 11 -38.15 -3.67 -9.90
CA LEU C 11 -37.94 -2.23 -9.79
C LEU C 11 -39.06 -1.47 -10.52
N SER C 12 -39.63 -0.47 -9.84
CA SER C 12 -40.77 0.28 -10.37
C SER C 12 -40.43 1.75 -10.64
N ALA C 13 -41.02 2.30 -11.70
CA ALA C 13 -40.82 3.70 -12.08
C ALA C 13 -41.96 4.17 -12.99
N SER C 14 -42.41 5.41 -12.79
CA SER C 14 -43.56 5.95 -13.52
C SER C 14 -43.24 6.20 -15.00
N PRO C 15 -44.28 6.33 -15.85
CA PRO C 15 -44.02 6.64 -17.27
C PRO C 15 -43.44 8.04 -17.47
N GLY C 16 -42.37 8.12 -18.24
CA GLY C 16 -41.68 9.39 -18.50
C GLY C 16 -40.50 9.67 -17.58
N GLU C 17 -40.26 8.77 -16.63
CA GLU C 17 -39.14 8.92 -15.68
C GLU C 17 -37.88 8.23 -16.20
N LYS C 18 -36.75 8.59 -15.60
CA LYS C 18 -35.48 7.90 -15.86
C LYS C 18 -35.48 6.50 -15.23
N VAL C 19 -34.77 5.57 -15.86
CA VAL C 19 -34.60 4.22 -15.33
C VAL C 19 -33.21 3.69 -15.69
N THR C 20 -32.37 3.48 -14.67
CA THR C 20 -31.04 2.91 -14.85
C THR C 20 -31.05 1.43 -14.48
N MET C 21 -30.15 0.66 -15.09
CA MET C 21 -30.11 -0.79 -14.92
C MET C 21 -28.67 -1.27 -14.98
N THR C 22 -28.24 -2.04 -13.98
CA THR C 22 -26.84 -2.49 -13.89
C THR C 22 -26.71 -4.00 -13.65
N CYS C 23 -25.66 -4.58 -14.23
CA CYS C 23 -25.35 -6.01 -14.08
C CYS C 23 -23.95 -6.15 -13.48
N ARG C 24 -23.88 -6.70 -12.26
CA ARG C 24 -22.62 -6.81 -11.52
C ARG C 24 -21.98 -8.19 -11.69
N ALA C 25 -20.81 -8.22 -12.32
CA ALA C 25 -20.06 -9.46 -12.52
C ALA C 25 -19.15 -9.75 -11.33
N SER C 26 -18.53 -10.93 -11.33
CA SER C 26 -17.64 -11.35 -10.25
C SER C 26 -16.18 -11.15 -10.65
N SER C 27 -15.80 -11.63 -11.82
CA SER C 27 -14.41 -11.56 -12.30
C SER C 27 -14.17 -10.32 -13.16
N SER C 28 -14.56 -10.38 -14.43
CA SER C 28 -14.38 -9.27 -15.37
C SER C 28 -15.14 -9.53 -16.67
N VAL C 29 -15.54 -8.46 -17.35
CA VAL C 29 -16.23 -8.55 -18.63
C VAL C 29 -15.75 -7.47 -19.59
N ASN C 30 -15.52 -7.84 -20.85
CA ASN C 30 -15.11 -6.89 -21.89
C ASN C 30 -16.31 -6.17 -22.49
N ASN C 31 -17.40 -6.90 -22.69
CA ASN C 31 -18.60 -6.36 -23.35
C ASN C 31 -19.86 -7.04 -22.84
N MET C 32 -20.71 -6.29 -22.15
CA MET C 32 -21.95 -6.81 -21.56
C MET C 32 -23.12 -6.68 -22.54
N HIS C 33 -23.97 -7.70 -22.58
CA HIS C 33 -25.16 -7.72 -23.44
C HIS C 33 -26.43 -7.74 -22.58
N TRP C 34 -27.55 -7.40 -23.19
CA TRP C 34 -28.84 -7.35 -22.49
C TRP C 34 -29.96 -7.97 -23.31
N TYR C 35 -30.98 -8.51 -22.62
CA TYR C 35 -32.10 -9.18 -23.26
C TYR C 35 -33.42 -8.91 -22.53
N GLN C 36 -34.45 -8.54 -23.28
CA GLN C 36 -35.79 -8.30 -22.73
C GLN C 36 -36.67 -9.52 -22.98
N GLN C 37 -37.40 -9.95 -21.95
CA GLN C 37 -38.31 -11.09 -22.07
C GLN C 37 -39.65 -10.78 -21.43
N LYS C 38 -40.71 -10.78 -22.25
CA LYS C 38 -42.07 -10.66 -21.74
C LYS C 38 -42.52 -12.02 -21.19
N PRO C 39 -43.33 -12.03 -20.12
CA PRO C 39 -43.84 -13.30 -19.59
C PRO C 39 -44.56 -14.14 -20.65
N SER C 40 -44.28 -15.44 -20.66
CA SER C 40 -44.84 -16.38 -21.64
C SER C 40 -44.47 -16.02 -23.08
N SER C 41 -43.22 -15.59 -23.27
CA SER C 41 -42.69 -15.28 -24.60
C SER C 41 -41.17 -15.42 -24.62
N SER C 42 -40.62 -15.60 -25.81
CA SER C 42 -39.18 -15.78 -25.97
C SER C 42 -38.43 -14.46 -25.72
N PRO C 43 -37.23 -14.55 -25.09
CA PRO C 43 -36.40 -13.35 -24.90
C PRO C 43 -36.04 -12.65 -26.22
N LYS C 44 -35.99 -11.32 -26.18
CA LYS C 44 -35.71 -10.51 -27.37
C LYS C 44 -34.36 -9.80 -27.21
N PRO C 45 -33.62 -9.64 -28.31
CA PRO C 45 -32.33 -8.92 -28.28
C PRO C 45 -32.56 -7.41 -28.14
N TRP C 46 -31.75 -6.76 -27.31
CA TRP C 46 -31.95 -5.36 -26.98
C TRP C 46 -30.72 -4.49 -27.26
N LEU C 47 -29.66 -4.67 -26.47
CA LEU C 47 -28.43 -3.90 -26.65
C LEU C 47 -27.22 -4.82 -26.75
N HIS C 48 -26.58 -4.83 -27.92
CA HIS C 48 -25.32 -5.53 -28.13
C HIS C 48 -24.17 -4.54 -28.13
N GLY C 49 -23.00 -4.98 -27.68
CA GLY C 49 -21.86 -4.09 -27.50
C GLY C 49 -22.09 -3.06 -26.41
N THR C 50 -22.97 -3.38 -25.46
CA THR C 50 -23.34 -2.49 -24.34
C THR C 50 -24.20 -1.28 -24.76
N SER C 51 -23.88 -0.66 -25.90
CA SER C 51 -24.54 0.57 -26.33
C SER C 51 -25.40 0.40 -27.59
N ASN C 52 -24.83 -0.20 -28.63
CA ASN C 52 -25.47 -0.27 -29.94
C ASN C 52 -26.84 -0.95 -29.95
N LEU C 53 -27.74 -0.42 -30.78
CA LEU C 53 -29.11 -0.94 -30.89
C LEU C 53 -29.14 -2.17 -31.80
N ALA C 54 -30.03 -3.10 -31.51
CA ALA C 54 -30.25 -4.26 -32.37
C ALA C 54 -31.15 -3.88 -33.54
N SER C 55 -31.28 -4.78 -34.51
CA SER C 55 -32.08 -4.53 -35.71
C SER C 55 -33.56 -4.47 -35.38
N GLY C 56 -34.03 -3.27 -35.01
CA GLY C 56 -35.43 -3.05 -34.65
C GLY C 56 -35.65 -2.38 -33.30
N VAL C 57 -34.61 -2.35 -32.47
CA VAL C 57 -34.70 -1.77 -31.12
C VAL C 57 -34.81 -0.24 -31.21
N PRO C 58 -35.73 0.37 -30.43
CA PRO C 58 -35.92 1.82 -30.47
C PRO C 58 -34.71 2.65 -29.98
N VAL C 59 -34.83 3.97 -30.08
CA VAL C 59 -33.70 4.89 -29.85
C VAL C 59 -33.55 5.39 -28.41
N ARG C 60 -34.58 5.23 -27.59
CA ARG C 60 -34.53 5.69 -26.19
C ARG C 60 -33.67 4.81 -25.28
N PHE C 61 -33.32 3.62 -25.75
CA PHE C 61 -32.55 2.66 -24.95
C PHE C 61 -31.07 2.72 -25.29
N SER C 62 -30.22 2.80 -24.28
CA SER C 62 -28.77 2.90 -24.46
C SER C 62 -28.03 2.62 -23.15
N GLY C 63 -26.85 2.01 -23.27
CA GLY C 63 -26.07 1.60 -22.10
C GLY C 63 -24.57 1.80 -22.24
N SER C 64 -23.85 1.60 -21.13
CA SER C 64 -22.40 1.74 -21.09
C SER C 64 -21.83 1.07 -19.83
N GLY C 65 -20.51 1.05 -19.71
CA GLY C 65 -19.84 0.53 -18.52
C GLY C 65 -18.59 -0.29 -18.82
N SER C 66 -17.93 -0.75 -17.76
CA SER C 66 -16.69 -1.52 -17.89
C SER C 66 -16.34 -2.26 -16.59
N GLY C 67 -15.47 -3.25 -16.69
CA GLY C 67 -14.99 -4.00 -15.53
C GLY C 67 -16.01 -4.97 -14.98
N THR C 68 -16.42 -4.75 -13.72
CA THR C 68 -17.42 -5.59 -13.06
C THR C 68 -18.67 -4.79 -12.69
N SER C 69 -19.01 -3.82 -13.53
CA SER C 69 -20.20 -2.98 -13.31
C SER C 69 -20.60 -2.29 -14.61
N PHE C 70 -21.44 -2.96 -15.39
CA PHE C 70 -21.98 -2.40 -16.63
C PHE C 70 -23.36 -1.80 -16.37
N SER C 71 -23.90 -1.08 -17.34
CA SER C 71 -25.18 -0.40 -17.17
C SER C 71 -26.01 -0.27 -18.46
N LEU C 72 -27.30 0.00 -18.27
CA LEU C 72 -28.25 0.22 -19.36
C LEU C 72 -29.32 1.21 -18.91
N THR C 73 -29.39 2.36 -19.56
CA THR C 73 -30.33 3.42 -19.20
C THR C 73 -31.53 3.45 -20.16
N ILE C 74 -32.71 3.72 -19.63
CA ILE C 74 -33.93 3.84 -20.44
C ILE C 74 -34.50 5.25 -20.32
N SER C 75 -34.45 6.00 -21.40
CA SER C 75 -34.96 7.38 -21.43
C SER C 75 -36.46 7.38 -21.67
N ARG C 76 -37.21 7.88 -20.69
CA ARG C 76 -38.68 7.96 -20.75
C ARG C 76 -39.31 6.58 -20.97
N VAL C 77 -39.63 5.91 -19.87
CA VAL C 77 -40.22 4.57 -19.91
C VAL C 77 -41.68 4.65 -20.38
N GLU C 78 -42.06 3.74 -21.27
CA GLU C 78 -43.42 3.67 -21.78
C GLU C 78 -44.16 2.50 -21.13
N ALA C 79 -45.45 2.36 -21.45
CA ALA C 79 -46.27 1.26 -20.93
C ALA C 79 -45.86 -0.09 -21.52
N GLU C 80 -45.44 -0.07 -22.78
CA GLU C 80 -45.00 -1.29 -23.48
C GLU C 80 -43.67 -1.85 -22.95
N ASP C 81 -42.88 -1.00 -22.30
CA ASP C 81 -41.57 -1.40 -21.78
C ASP C 81 -41.64 -2.33 -20.55
N ALA C 82 -42.82 -2.46 -19.94
CA ALA C 82 -43.01 -3.36 -18.81
C ALA C 82 -42.72 -4.81 -19.18
N ALA C 83 -41.47 -5.23 -18.99
CA ALA C 83 -41.03 -6.58 -19.29
C ALA C 83 -39.72 -6.91 -18.57
N THR C 84 -39.50 -8.19 -18.29
CA THR C 84 -38.32 -8.63 -17.54
C THR C 84 -37.06 -8.53 -18.39
N TYR C 85 -35.97 -8.06 -17.78
CA TYR C 85 -34.68 -7.91 -18.45
C TYR C 85 -33.63 -8.85 -17.87
N PHE C 86 -32.71 -9.28 -18.72
CA PHE C 86 -31.59 -10.15 -18.29
C PHE C 86 -30.28 -9.66 -18.92
N CYS C 87 -29.20 -9.74 -18.15
CA CYS C 87 -27.87 -9.39 -18.64
C CYS C 87 -27.09 -10.66 -19.00
N GLN C 88 -26.42 -10.63 -20.16
CA GLN C 88 -25.66 -11.77 -20.64
C GLN C 88 -24.18 -11.40 -20.75
N GLN C 89 -23.32 -12.36 -20.40
CA GLN C 89 -21.87 -12.21 -20.51
C GLN C 89 -21.31 -13.33 -21.38
N TRP C 90 -20.37 -13.01 -22.25
CA TRP C 90 -19.59 -14.02 -22.96
C TRP C 90 -18.18 -13.52 -23.30
N SER C 91 -17.53 -12.88 -22.34
CA SER C 91 -16.11 -12.59 -22.42
C SER C 91 -15.32 -13.80 -21.92
N ASN C 92 -15.97 -14.63 -21.09
CA ASN C 92 -15.43 -15.90 -20.64
C ASN C 92 -16.42 -17.03 -20.91
N HIS C 93 -15.96 -18.07 -21.60
CA HIS C 93 -16.76 -19.28 -21.82
C HIS C 93 -16.68 -20.14 -20.56
N PRO C 94 -17.82 -20.71 -20.11
CA PRO C 94 -19.17 -20.64 -20.67
C PRO C 94 -19.89 -19.33 -20.34
N PRO C 95 -20.83 -18.91 -21.20
CA PRO C 95 -21.61 -17.69 -20.95
C PRO C 95 -22.65 -17.88 -19.85
N THR C 96 -22.89 -16.83 -19.08
CA THR C 96 -23.81 -16.88 -17.96
C THR C 96 -24.87 -15.78 -18.05
N PHE C 97 -25.93 -15.94 -17.26
CA PHE C 97 -27.05 -14.98 -17.22
C PHE C 97 -27.19 -14.37 -15.83
N GLY C 98 -28.05 -13.37 -15.72
CA GLY C 98 -28.24 -12.65 -14.46
C GLY C 98 -29.06 -13.41 -13.42
N GLY C 99 -30.33 -13.05 -13.30
CA GLY C 99 -31.19 -13.60 -12.26
C GLY C 99 -32.63 -13.11 -12.36
N GLY C 100 -32.78 -11.79 -12.44
CA GLY C 100 -34.11 -11.19 -12.61
C GLY C 100 -34.10 -9.68 -12.47
N THR C 101 -34.43 -8.98 -13.54
CA THR C 101 -34.65 -7.53 -13.52
C THR C 101 -36.03 -7.23 -14.09
N LYS C 102 -37.06 -7.47 -13.28
CA LYS C 102 -38.44 -7.28 -13.69
C LYS C 102 -38.79 -5.79 -13.68
N LEU C 103 -38.85 -5.19 -14.87
CA LEU C 103 -39.13 -3.76 -15.00
C LEU C 103 -40.61 -3.46 -14.76
N GLU C 104 -40.92 -3.06 -13.53
CA GLU C 104 -42.28 -2.71 -13.13
C GLU C 104 -42.57 -1.24 -13.49
N ILE C 105 -43.85 -0.90 -13.59
CA ILE C 105 -44.28 0.48 -13.86
C ILE C 105 -45.17 0.98 -12.71
N ASP C 106 -45.00 2.26 -12.37
CA ASP C 106 -45.78 2.89 -11.31
C ASP C 106 -46.94 3.68 -11.91
N ARG C 107 -48.16 3.22 -11.67
CA ARG C 107 -49.37 3.82 -12.26
C ARG C 107 -50.32 4.33 -11.18
N ALA C 108 -51.43 4.92 -11.62
CA ALA C 108 -52.47 5.40 -10.70
C ALA C 108 -53.26 4.23 -10.12
N ASP C 109 -53.93 4.47 -8.99
CA ASP C 109 -54.68 3.43 -8.28
C ASP C 109 -56.07 3.21 -8.87
N ALA C 110 -56.63 2.02 -8.62
CA ALA C 110 -57.98 1.67 -9.05
C ALA C 110 -58.50 0.48 -8.24
N ALA C 111 -59.78 0.53 -7.88
CA ALA C 111 -60.38 -0.51 -7.05
C ALA C 111 -60.62 -1.80 -7.85
N PRO C 112 -60.58 -2.96 -7.17
CA PRO C 112 -60.79 -4.24 -7.85
C PRO C 112 -62.26 -4.55 -8.10
N THR C 113 -62.58 -4.98 -9.32
CA THR C 113 -63.95 -5.33 -9.68
C THR C 113 -64.30 -6.70 -9.10
N VAL C 114 -65.11 -6.70 -8.05
CA VAL C 114 -65.45 -7.93 -7.32
C VAL C 114 -66.67 -8.63 -7.93
N SER C 115 -66.41 -9.68 -8.70
CA SER C 115 -67.46 -10.53 -9.26
C SER C 115 -67.46 -11.88 -8.53
N ILE C 116 -68.42 -12.73 -8.86
CA ILE C 116 -68.54 -14.04 -8.22
C ILE C 116 -69.32 -15.03 -9.10
N PHE C 117 -69.01 -16.31 -8.95
CA PHE C 117 -69.65 -17.37 -9.72
C PHE C 117 -69.95 -18.60 -8.86
N PRO C 118 -71.21 -19.08 -8.86
CA PRO C 118 -71.51 -20.38 -8.27
C PRO C 118 -71.19 -21.50 -9.26
N PRO C 119 -71.15 -22.76 -8.79
CA PRO C 119 -70.85 -23.87 -9.69
C PRO C 119 -71.99 -24.14 -10.67
N SER C 120 -71.66 -24.27 -11.95
CA SER C 120 -72.66 -24.49 -13.00
C SER C 120 -73.25 -25.90 -12.92
N SER C 121 -74.31 -26.13 -13.70
CA SER C 121 -74.98 -27.42 -13.73
C SER C 121 -74.09 -28.53 -14.32
N GLU C 122 -73.08 -28.15 -15.09
CA GLU C 122 -72.14 -29.11 -15.70
C GLU C 122 -71.17 -29.69 -14.66
N GLN C 123 -70.67 -28.83 -13.77
CA GLN C 123 -69.70 -29.27 -12.75
C GLN C 123 -70.35 -30.06 -11.62
N LEU C 124 -71.61 -29.76 -11.31
CA LEU C 124 -72.39 -30.54 -10.35
C LEU C 124 -72.65 -31.96 -10.83
N THR C 125 -72.59 -32.15 -12.16
CA THR C 125 -72.78 -33.46 -12.79
C THR C 125 -71.69 -34.47 -12.41
N SER C 126 -70.48 -33.97 -12.17
CA SER C 126 -69.34 -34.84 -11.85
C SER C 126 -69.28 -35.30 -10.39
N GLY C 127 -70.19 -34.78 -9.56
CA GLY C 127 -70.19 -35.10 -8.13
C GLY C 127 -69.25 -34.21 -7.36
N GLY C 128 -69.27 -32.92 -7.68
CA GLY C 128 -68.42 -31.92 -7.03
C GLY C 128 -69.01 -30.54 -7.14
N ALA C 129 -68.31 -29.53 -6.62
CA ALA C 129 -68.78 -28.15 -6.66
C ALA C 129 -67.67 -27.16 -6.34
N SER C 130 -67.14 -26.52 -7.39
CA SER C 130 -66.08 -25.51 -7.24
C SER C 130 -66.66 -24.10 -7.34
N VAL C 131 -66.61 -23.37 -6.22
CA VAL C 131 -67.08 -21.99 -6.18
C VAL C 131 -65.94 -21.06 -6.59
N VAL C 132 -66.20 -20.16 -7.55
CA VAL C 132 -65.17 -19.29 -8.11
C VAL C 132 -65.47 -17.82 -7.78
N CYS C 133 -64.42 -17.02 -7.65
CA CYS C 133 -64.53 -15.59 -7.36
C CYS C 133 -63.46 -14.83 -8.13
N PHE C 134 -63.81 -13.66 -8.67
CA PHE C 134 -62.91 -12.90 -9.55
C PHE C 134 -62.62 -11.49 -9.03
N LEU C 135 -61.39 -11.04 -9.26
CA LEU C 135 -60.96 -9.68 -8.93
C LEU C 135 -60.14 -9.14 -10.10
N ASN C 136 -60.68 -8.16 -10.81
CA ASN C 136 -60.09 -7.66 -12.05
C ASN C 136 -59.63 -6.20 -11.98
N ASN C 137 -58.53 -5.89 -12.65
CA ASN C 137 -58.01 -4.52 -12.82
C ASN C 137 -57.71 -3.77 -11.51
N PHE C 138 -56.45 -3.80 -11.09
CA PHE C 138 -55.98 -3.03 -9.95
C PHE C 138 -54.45 -2.93 -9.91
N TYR C 139 -53.94 -1.79 -9.46
CA TYR C 139 -52.50 -1.60 -9.29
C TYR C 139 -51.96 -2.16 -7.95
N PRO C 140 -52.66 -1.87 -6.83
CA PRO C 140 -52.20 -2.41 -5.55
C PRO C 140 -52.33 -3.94 -5.49
N LYS C 141 -51.19 -4.64 -5.56
CA LYS C 141 -51.17 -6.10 -5.64
C LYS C 141 -51.41 -6.76 -4.28
N ASP C 142 -51.23 -6.02 -3.19
CA ASP C 142 -51.45 -6.53 -1.84
C ASP C 142 -52.94 -6.66 -1.54
N ILE C 143 -53.35 -7.82 -1.02
CA ILE C 143 -54.76 -8.09 -0.72
C ILE C 143 -54.90 -9.29 0.21
N ASN C 144 -55.98 -9.32 0.99
CA ASN C 144 -56.27 -10.41 1.92
C ASN C 144 -57.65 -11.01 1.66
N VAL C 145 -57.74 -11.88 0.65
CA VAL C 145 -58.99 -12.54 0.29
C VAL C 145 -59.23 -13.73 1.23
N LYS C 146 -60.50 -13.94 1.61
CA LYS C 146 -60.86 -15.03 2.51
C LYS C 146 -62.35 -15.38 2.40
N TRP C 147 -62.65 -16.67 2.54
CA TRP C 147 -64.02 -17.18 2.43
C TRP C 147 -64.61 -17.44 3.81
N LYS C 148 -65.94 -17.44 3.89
CA LYS C 148 -66.67 -17.72 5.13
C LYS C 148 -67.86 -18.63 4.88
N ILE C 149 -67.97 -19.68 5.69
CA ILE C 149 -69.08 -20.62 5.61
C ILE C 149 -70.14 -20.21 6.63
N ASP C 150 -70.89 -19.16 6.28
CA ASP C 150 -71.90 -18.57 7.17
C ASP C 150 -71.30 -18.10 8.50
N GLY C 151 -70.07 -17.60 8.44
CA GLY C 151 -69.36 -17.11 9.63
C GLY C 151 -68.01 -17.79 9.85
N SER C 152 -67.98 -19.11 9.71
CA SER C 152 -66.76 -19.89 9.96
C SER C 152 -65.72 -19.72 8.86
N GLU C 153 -64.53 -19.28 9.23
CA GLU C 153 -63.43 -19.07 8.29
C GLU C 153 -62.78 -20.41 7.92
N ARG C 154 -62.75 -20.72 6.63
CA ARG C 154 -62.13 -21.95 6.14
C ARG C 154 -60.66 -21.72 5.84
N VAL C 158 -58.57 -23.18 -0.92
CA VAL C 158 -58.54 -22.05 -1.84
C VAL C 158 -57.39 -22.20 -2.83
N LEU C 159 -57.64 -21.79 -4.09
CA LEU C 159 -56.65 -21.89 -5.15
C LEU C 159 -56.54 -20.55 -5.88
N ASN C 160 -55.40 -19.88 -5.72
CA ASN C 160 -55.17 -18.57 -6.31
C ASN C 160 -54.36 -18.64 -7.61
N SER C 161 -54.55 -17.63 -8.46
CA SER C 161 -53.82 -17.53 -9.72
C SER C 161 -53.75 -16.08 -10.16
N TRP C 162 -52.52 -15.57 -10.33
CA TRP C 162 -52.29 -14.14 -10.57
C TRP C 162 -51.81 -13.86 -11.99
N THR C 163 -52.22 -12.71 -12.53
CA THR C 163 -51.86 -12.30 -13.88
C THR C 163 -50.55 -11.50 -13.87
N ASP C 164 -49.82 -11.55 -14.98
CA ASP C 164 -48.61 -10.73 -15.15
C ASP C 164 -48.99 -9.28 -15.42
N GLN C 165 -48.00 -8.39 -15.46
CA GLN C 165 -48.25 -6.98 -15.70
C GLN C 165 -48.70 -6.75 -17.14
N ASP C 166 -49.73 -5.93 -17.30
CA ASP C 166 -50.28 -5.62 -18.61
C ASP C 166 -49.43 -4.55 -19.30
N SER C 167 -48.99 -4.84 -20.53
CA SER C 167 -48.26 -3.86 -21.34
C SER C 167 -49.17 -2.72 -21.80
N LYS C 168 -50.49 -2.96 -21.77
CA LYS C 168 -51.47 -1.95 -22.16
C LYS C 168 -51.63 -0.86 -21.09
N ASP C 169 -51.97 -1.27 -19.86
CA ASP C 169 -52.28 -0.32 -18.79
C ASP C 169 -51.60 -0.59 -17.44
N SER C 170 -50.66 -1.54 -17.40
CA SER C 170 -49.84 -1.81 -16.20
C SER C 170 -50.65 -2.20 -14.95
N THR C 171 -51.79 -2.86 -15.15
CA THR C 171 -52.65 -3.29 -14.04
C THR C 171 -52.54 -4.80 -13.80
N TYR C 172 -53.01 -5.24 -12.63
CA TYR C 172 -52.98 -6.65 -12.25
C TYR C 172 -54.39 -7.21 -12.04
N SER C 173 -54.48 -8.53 -11.88
CA SER C 173 -55.75 -9.21 -11.64
C SER C 173 -55.55 -10.48 -10.80
N MET C 174 -56.65 -11.07 -10.36
CA MET C 174 -56.62 -12.25 -9.49
C MET C 174 -57.86 -13.11 -9.67
N SER C 175 -57.72 -14.41 -9.44
CA SER C 175 -58.83 -15.36 -9.48
C SER C 175 -58.76 -16.33 -8.30
N SER C 176 -59.77 -16.27 -7.43
CA SER C 176 -59.84 -17.13 -6.25
C SER C 176 -60.85 -18.25 -6.45
N THR C 177 -60.37 -19.49 -6.49
CA THR C 177 -61.21 -20.67 -6.70
C THR C 177 -61.28 -21.51 -5.44
N LEU C 178 -62.50 -21.94 -5.08
CA LEU C 178 -62.74 -22.75 -3.89
C LEU C 178 -63.33 -24.10 -4.28
N THR C 179 -62.48 -25.13 -4.33
CA THR C 179 -62.91 -26.48 -4.72
C THR C 179 -63.49 -27.24 -3.53
N LEU C 180 -64.73 -27.72 -3.70
CA LEU C 180 -65.40 -28.54 -2.69
C LEU C 180 -66.22 -29.66 -3.36
N THR C 181 -66.73 -30.57 -2.56
CA THR C 181 -67.57 -31.67 -3.05
C THR C 181 -69.03 -31.23 -3.16
N LYS C 182 -69.84 -32.06 -3.82
CA LYS C 182 -71.27 -31.79 -3.99
C LYS C 182 -72.03 -31.98 -2.67
N ASP C 183 -71.55 -32.91 -1.84
CA ASP C 183 -72.17 -33.19 -0.55
C ASP C 183 -71.99 -32.02 0.43
N GLU C 184 -70.77 -31.48 0.48
CA GLU C 184 -70.45 -30.33 1.33
C GLU C 184 -71.04 -29.04 0.76
N TYR C 185 -71.27 -29.01 -0.55
CA TYR C 185 -71.93 -27.89 -1.21
C TYR C 185 -73.42 -27.82 -0.85
N GLU C 186 -74.03 -28.98 -0.61
CA GLU C 186 -75.43 -29.07 -0.20
C GLU C 186 -75.59 -29.16 1.33
N ARG C 187 -74.66 -28.55 2.06
CA ARG C 187 -74.68 -28.56 3.53
C ARG C 187 -74.87 -27.17 4.15
N HIS C 188 -74.68 -26.11 3.36
CA HIS C 188 -74.86 -24.74 3.82
C HIS C 188 -75.57 -23.87 2.77
N ASN C 189 -76.04 -22.69 3.20
CA ASN C 189 -76.82 -21.80 2.34
C ASN C 189 -75.94 -20.77 1.61
N SER C 190 -75.54 -19.71 2.30
CA SER C 190 -74.84 -18.59 1.67
C SER C 190 -73.34 -18.85 1.51
N TYR C 191 -72.75 -18.16 0.53
CA TYR C 191 -71.31 -18.23 0.27
C TYR C 191 -70.75 -16.82 0.14
N THR C 192 -69.70 -16.53 0.91
CA THR C 192 -69.14 -15.18 1.00
C THR C 192 -67.74 -15.10 0.39
N CYS C 193 -67.52 -14.04 -0.39
CA CYS C 193 -66.20 -13.76 -0.98
C CYS C 193 -65.81 -12.31 -0.72
N GLU C 194 -65.05 -12.09 0.36
CA GLU C 194 -64.62 -10.75 0.76
C GLU C 194 -63.12 -10.56 0.56
N ALA C 195 -62.66 -9.32 0.70
CA ALA C 195 -61.25 -8.98 0.55
C ALA C 195 -60.90 -7.66 1.21
N THR C 196 -59.63 -7.51 1.59
CA THR C 196 -59.11 -6.29 2.21
C THR C 196 -58.04 -5.67 1.32
N HIS C 197 -58.48 -4.82 0.39
CA HIS C 197 -57.59 -4.20 -0.59
C HIS C 197 -57.00 -2.89 -0.06
N LYS C 198 -55.91 -2.43 -0.68
CA LYS C 198 -55.23 -1.19 -0.28
C LYS C 198 -56.15 0.03 -0.39
N THR C 199 -56.95 0.09 -1.45
CA THR C 199 -57.89 1.20 -1.66
C THR C 199 -59.21 0.99 -0.88
N SER C 200 -59.09 0.48 0.34
CA SER C 200 -60.24 0.20 1.20
C SER C 200 -59.75 -0.10 2.61
N THR C 201 -60.69 -0.29 3.54
CA THR C 201 -60.36 -0.61 4.93
C THR C 201 -61.09 -1.87 5.39
N SER C 202 -62.42 -1.79 5.41
CA SER C 202 -63.26 -2.92 5.83
C SER C 202 -63.45 -3.91 4.68
N PRO C 203 -63.88 -5.15 5.00
CA PRO C 203 -64.16 -6.16 3.97
C PRO C 203 -65.15 -5.70 2.89
N ILE C 204 -64.87 -6.05 1.64
CA ILE C 204 -65.73 -5.70 0.50
C ILE C 204 -66.79 -6.79 0.34
N VAL C 205 -68.06 -6.38 0.26
CA VAL C 205 -69.19 -7.32 0.24
C VAL C 205 -69.57 -7.77 -1.18
N LYS C 206 -69.65 -9.09 -1.37
CA LYS C 206 -70.16 -9.69 -2.60
C LYS C 206 -70.44 -11.17 -2.38
N SER C 207 -71.67 -11.61 -2.67
CA SER C 207 -72.10 -12.97 -2.37
C SER C 207 -73.23 -13.45 -3.28
N PHE C 208 -73.50 -14.75 -3.22
CA PHE C 208 -74.67 -15.35 -3.88
C PHE C 208 -75.42 -16.25 -2.90
N ASN C 209 -76.69 -16.52 -3.19
CA ASN C 209 -77.53 -17.35 -2.34
C ASN C 209 -78.31 -18.39 -3.15
N ARG C 210 -78.56 -19.54 -2.53
CA ARG C 210 -79.25 -20.65 -3.21
C ARG C 210 -80.76 -20.48 -3.11
N GLU D 1 -38.48 -11.00 -41.11
CA GLU D 1 -37.80 -11.55 -42.32
C GLU D 1 -37.13 -12.89 -42.00
N PHE D 2 -36.30 -12.88 -40.94
CA PHE D 2 -35.64 -14.10 -40.48
C PHE D 2 -36.50 -14.77 -39.41
N GLN D 3 -36.99 -15.98 -39.72
CA GLN D 3 -37.95 -16.67 -38.86
C GLN D 3 -37.35 -17.95 -38.28
N LEU D 4 -37.53 -18.13 -36.97
CA LEU D 4 -37.16 -19.38 -36.29
C LEU D 4 -38.41 -19.99 -35.65
N GLN D 5 -38.57 -21.30 -35.83
CA GLN D 5 -39.76 -22.01 -35.35
C GLN D 5 -39.42 -23.45 -34.92
N GLN D 6 -39.94 -23.85 -33.76
CA GLN D 6 -39.65 -25.15 -33.17
C GLN D 6 -40.89 -26.04 -33.17
N SER D 7 -40.72 -27.27 -32.68
CA SER D 7 -41.85 -28.19 -32.50
C SER D 7 -42.69 -27.79 -31.29
N GLY D 8 -43.85 -28.43 -31.15
CA GLY D 8 -44.78 -28.12 -30.07
C GLY D 8 -44.36 -28.68 -28.72
N PRO D 9 -45.14 -28.40 -27.67
CA PRO D 9 -44.84 -28.88 -26.30
C PRO D 9 -44.84 -30.40 -26.19
N GLU D 10 -44.20 -30.92 -25.14
CA GLU D 10 -43.94 -32.35 -25.01
C GLU D 10 -44.10 -32.87 -23.59
N LEU D 11 -44.41 -34.16 -23.47
CA LEU D 11 -44.45 -34.86 -22.18
C LEU D 11 -43.79 -36.23 -22.32
N VAL D 12 -43.07 -36.66 -21.27
CA VAL D 12 -42.40 -37.95 -21.26
C VAL D 12 -42.24 -38.47 -19.83
N LYS D 13 -41.97 -39.78 -19.72
CA LYS D 13 -41.78 -40.43 -18.42
C LYS D 13 -40.29 -40.38 -18.01
N PRO D 14 -40.01 -40.59 -16.70
CA PRO D 14 -38.62 -40.59 -16.24
C PRO D 14 -37.77 -41.70 -16.87
N GLY D 15 -36.57 -41.35 -17.32
CA GLY D 15 -35.68 -42.30 -17.97
C GLY D 15 -35.76 -42.25 -19.49
N ALA D 16 -36.83 -41.69 -20.02
CA ALA D 16 -37.04 -41.59 -21.47
C ALA D 16 -36.18 -40.48 -22.08
N SER D 17 -36.23 -40.37 -23.41
CA SER D 17 -35.50 -39.33 -24.14
C SER D 17 -36.44 -38.60 -25.11
N VAL D 18 -36.09 -37.37 -25.46
CA VAL D 18 -36.90 -36.55 -26.36
C VAL D 18 -36.03 -35.84 -27.40
N LYS D 19 -36.68 -35.38 -28.47
CA LYS D 19 -36.01 -34.63 -29.53
C LYS D 19 -36.92 -33.49 -30.01
N ILE D 20 -36.34 -32.30 -30.16
CA ILE D 20 -37.09 -31.11 -30.57
C ILE D 20 -36.27 -30.33 -31.60
N SER D 21 -36.96 -29.89 -32.66
CA SER D 21 -36.31 -29.25 -33.80
C SER D 21 -36.33 -27.73 -33.72
N CYS D 22 -35.59 -27.09 -34.63
CA CYS D 22 -35.56 -25.64 -34.76
C CYS D 22 -35.39 -25.27 -36.23
N LYS D 23 -36.52 -25.20 -36.94
CA LYS D 23 -36.54 -24.84 -38.36
C LYS D 23 -36.29 -23.34 -38.54
N ALA D 24 -35.47 -23.00 -39.53
CA ALA D 24 -35.15 -21.60 -39.82
C ALA D 24 -35.27 -21.29 -41.32
N SER D 25 -35.56 -20.04 -41.63
CA SER D 25 -35.71 -19.60 -43.02
C SER D 25 -35.46 -18.09 -43.15
N GLY D 26 -34.99 -17.67 -44.32
CA GLY D 26 -34.69 -16.26 -44.60
C GLY D 26 -33.22 -16.05 -44.92
N TYR D 27 -32.38 -16.19 -43.88
CA TYR D 27 -30.94 -16.03 -44.04
C TYR D 27 -30.29 -17.30 -44.61
N SER D 28 -29.05 -17.15 -45.07
CA SER D 28 -28.26 -18.30 -45.53
C SER D 28 -27.93 -19.19 -44.34
N PHE D 29 -28.66 -20.29 -44.20
CA PHE D 29 -28.63 -21.13 -43.01
C PHE D 29 -27.23 -21.62 -42.63
N THR D 30 -26.40 -21.89 -43.64
CA THR D 30 -25.05 -22.42 -43.41
C THR D 30 -24.08 -21.40 -42.79
N ASP D 31 -24.37 -20.12 -42.92
CA ASP D 31 -23.46 -19.06 -42.47
C ASP D 31 -23.41 -18.91 -40.95
N TYR D 32 -24.58 -18.65 -40.35
CA TYR D 32 -24.66 -18.33 -38.91
C TYR D 32 -24.86 -19.59 -38.07
N ASN D 33 -24.50 -19.49 -36.79
CA ASN D 33 -24.54 -20.63 -35.86
C ASN D 33 -25.78 -20.68 -34.98
N ILE D 34 -26.06 -21.85 -34.43
CA ILE D 34 -27.22 -22.09 -33.58
C ILE D 34 -26.81 -22.39 -32.14
N ASN D 35 -27.40 -21.67 -31.18
CA ASN D 35 -27.16 -21.89 -29.76
C ASN D 35 -28.46 -22.24 -29.05
N TRP D 36 -28.38 -23.10 -28.03
CA TRP D 36 -29.57 -23.54 -27.28
C TRP D 36 -29.53 -23.10 -25.82
N MET D 37 -30.70 -22.85 -25.24
CA MET D 37 -30.83 -22.36 -23.86
C MET D 37 -31.76 -23.23 -23.04
N LYS D 38 -31.77 -23.00 -21.73
CA LYS D 38 -32.69 -23.66 -20.80
C LYS D 38 -33.15 -22.67 -19.73
N GLN D 39 -34.43 -22.70 -19.40
CA GLN D 39 -34.99 -21.83 -18.37
C GLN D 39 -36.11 -22.54 -17.61
N SER D 40 -35.95 -22.67 -16.29
CA SER D 40 -37.00 -23.23 -15.45
C SER D 40 -38.14 -22.24 -15.30
N ASN D 41 -39.26 -22.71 -14.76
CA ASN D 41 -40.50 -21.92 -14.70
C ASN D 41 -40.36 -20.59 -13.94
N GLY D 42 -39.50 -20.57 -12.93
CA GLY D 42 -39.25 -19.36 -12.14
C GLY D 42 -37.80 -19.18 -11.75
N LYS D 43 -36.90 -19.36 -12.72
CA LYS D 43 -35.46 -19.19 -12.50
C LYS D 43 -34.82 -18.49 -13.68
N SER D 44 -33.51 -18.26 -13.60
CA SER D 44 -32.75 -17.63 -14.69
C SER D 44 -32.51 -18.59 -15.84
N LEU D 45 -32.01 -18.06 -16.94
CA LEU D 45 -31.66 -18.85 -18.12
C LEU D 45 -30.37 -19.64 -17.89
N GLU D 46 -30.12 -20.61 -18.76
CA GLU D 46 -28.95 -21.49 -18.65
C GLU D 46 -28.52 -21.99 -20.03
N TRP D 47 -27.25 -21.75 -20.36
CA TRP D 47 -26.71 -22.09 -21.68
C TRP D 47 -26.37 -23.58 -21.75
N ILE D 48 -26.87 -24.25 -22.80
CA ILE D 48 -26.68 -25.69 -22.98
C ILE D 48 -25.49 -25.98 -23.91
N GLY D 49 -25.56 -25.47 -25.14
CA GLY D 49 -24.52 -25.73 -26.13
C GLY D 49 -24.64 -24.90 -27.38
N VAL D 50 -23.94 -25.31 -28.43
CA VAL D 50 -23.88 -24.56 -29.68
C VAL D 50 -23.46 -25.46 -30.85
N VAL D 51 -23.97 -25.16 -32.04
CA VAL D 51 -23.62 -25.89 -33.26
C VAL D 51 -23.38 -24.93 -34.41
N ILE D 52 -22.53 -25.32 -35.36
CA ILE D 52 -22.38 -24.60 -36.62
C ILE D 52 -23.03 -25.48 -37.70
N PRO D 53 -24.09 -24.98 -38.37
CA PRO D 53 -24.79 -25.74 -39.41
C PRO D 53 -23.92 -26.24 -40.57
N LYS D 54 -22.87 -25.48 -40.91
CA LYS D 54 -22.03 -25.81 -42.08
C LYS D 54 -21.38 -27.19 -41.96
N TYR D 55 -20.54 -27.37 -40.94
CA TYR D 55 -19.82 -28.63 -40.74
C TYR D 55 -20.49 -29.54 -39.71
N GLY D 56 -21.38 -28.98 -38.89
CA GLY D 56 -22.00 -29.73 -37.80
C GLY D 56 -21.09 -29.87 -36.60
N THR D 57 -20.21 -28.88 -36.39
CA THR D 57 -19.30 -28.86 -35.26
C THR D 57 -20.05 -28.44 -34.00
N THR D 58 -19.88 -29.19 -32.92
CA THR D 58 -20.60 -28.96 -31.67
C THR D 58 -19.67 -28.60 -30.52
N ASN D 59 -20.20 -27.83 -29.57
CA ASN D 59 -19.50 -27.51 -28.33
C ASN D 59 -20.50 -27.34 -27.19
N TYR D 60 -20.41 -28.21 -26.19
CA TYR D 60 -21.41 -28.28 -25.13
C TYR D 60 -20.94 -27.64 -23.83
N ASN D 61 -21.90 -27.29 -22.99
CA ASN D 61 -21.62 -26.87 -21.62
C ASN D 61 -21.27 -28.11 -20.79
N GLN D 62 -20.38 -27.95 -19.82
CA GLN D 62 -19.96 -29.08 -18.96
C GLN D 62 -21.13 -29.67 -18.19
N LYS D 63 -22.09 -28.81 -17.82
CA LYS D 63 -23.26 -29.23 -17.06
C LYS D 63 -24.23 -30.10 -17.89
N PHE D 64 -24.20 -29.93 -19.21
CA PHE D 64 -25.06 -30.69 -20.12
C PHE D 64 -24.24 -31.45 -21.17
N GLN D 65 -23.11 -32.00 -20.77
CA GLN D 65 -22.26 -32.76 -21.68
C GLN D 65 -22.82 -34.17 -21.91
N GLY D 66 -23.18 -34.83 -20.82
CA GLY D 66 -23.74 -36.18 -20.88
C GLY D 66 -25.25 -36.22 -20.77
N LYS D 67 -25.92 -35.31 -21.48
CA LYS D 67 -27.39 -35.26 -21.51
C LYS D 67 -27.90 -34.81 -22.88
N ALA D 68 -27.55 -33.59 -23.27
CA ALA D 68 -27.99 -33.02 -24.54
C ALA D 68 -26.99 -33.35 -25.65
N THR D 69 -27.52 -33.72 -26.81
CA THR D 69 -26.70 -33.98 -28.00
C THR D 69 -27.31 -33.26 -29.20
N LEU D 70 -26.50 -32.44 -29.87
CA LEU D 70 -26.99 -31.57 -30.94
C LEU D 70 -26.62 -32.09 -32.32
N THR D 71 -27.57 -32.03 -33.25
CA THR D 71 -27.37 -32.38 -34.65
C THR D 71 -28.12 -31.38 -35.54
N VAL D 72 -27.82 -31.41 -36.83
CA VAL D 72 -28.41 -30.47 -37.78
C VAL D 72 -28.51 -31.04 -39.19
N ASP D 73 -29.59 -30.70 -39.89
CA ASP D 73 -29.79 -31.07 -41.30
C ASP D 73 -29.83 -29.79 -42.13
N GLN D 74 -28.79 -29.58 -42.94
CA GLN D 74 -28.63 -28.34 -43.70
C GLN D 74 -29.45 -28.30 -44.99
N SER D 75 -29.92 -29.46 -45.45
CA SER D 75 -30.79 -29.54 -46.62
C SER D 75 -32.19 -29.01 -46.29
N SER D 76 -32.70 -29.40 -45.12
CA SER D 76 -34.00 -28.92 -44.63
C SER D 76 -33.87 -27.62 -43.82
N SER D 77 -32.64 -27.19 -43.54
CA SER D 77 -32.35 -26.00 -42.75
C SER D 77 -32.98 -26.08 -41.36
N THR D 78 -32.81 -27.24 -40.71
CA THR D 78 -33.43 -27.51 -39.42
C THR D 78 -32.40 -28.08 -38.43
N ALA D 79 -32.23 -27.39 -37.31
CA ALA D 79 -31.34 -27.85 -36.25
C ALA D 79 -32.12 -28.66 -35.22
N TYR D 80 -31.43 -29.57 -34.54
CA TYR D 80 -32.06 -30.45 -33.55
C TYR D 80 -31.28 -30.48 -32.24
N ILE D 81 -31.99 -30.77 -31.14
CA ILE D 81 -31.37 -31.06 -29.85
C ILE D 81 -31.97 -32.35 -29.29
N GLN D 82 -31.10 -33.25 -28.83
CA GLN D 82 -31.50 -34.59 -28.42
C GLN D 82 -31.19 -34.79 -26.94
N LEU D 83 -32.22 -34.65 -26.10
CA LEU D 83 -32.06 -34.78 -24.64
C LEU D 83 -32.21 -36.24 -24.22
N ASN D 84 -31.16 -36.81 -23.65
CA ASN D 84 -31.11 -38.22 -23.28
C ASN D 84 -31.30 -38.45 -21.78
N SER D 85 -32.14 -39.42 -21.43
CA SER D 85 -32.38 -39.83 -20.04
C SER D 85 -32.81 -38.66 -19.15
N LEU D 86 -34.10 -38.33 -19.20
CA LEU D 86 -34.64 -37.18 -18.48
C LEU D 86 -35.08 -37.55 -17.06
N THR D 87 -35.16 -36.54 -16.21
CA THR D 87 -35.68 -36.68 -14.84
C THR D 87 -36.59 -35.49 -14.55
N SER D 88 -37.14 -35.44 -13.34
CA SER D 88 -37.98 -34.32 -12.91
C SER D 88 -37.23 -32.99 -12.87
N GLU D 89 -35.90 -33.06 -12.72
CA GLU D 89 -35.04 -31.87 -12.73
C GLU D 89 -34.97 -31.21 -14.11
N ASP D 90 -35.16 -32.00 -15.17
CA ASP D 90 -35.07 -31.49 -16.54
C ASP D 90 -36.34 -30.73 -17.01
N SER D 91 -37.38 -30.71 -16.18
CA SER D 91 -38.62 -30.02 -16.52
C SER D 91 -38.40 -28.52 -16.66
N ALA D 92 -38.29 -28.04 -17.90
CA ALA D 92 -38.02 -26.63 -18.17
C ALA D 92 -38.34 -26.24 -19.62
N VAL D 93 -38.30 -24.94 -19.89
CA VAL D 93 -38.53 -24.41 -21.24
C VAL D 93 -37.19 -24.32 -21.98
N TYR D 94 -37.21 -24.63 -23.28
CA TYR D 94 -36.00 -24.64 -24.09
C TYR D 94 -36.13 -23.69 -25.29
N TYR D 95 -35.03 -23.02 -25.64
CA TYR D 95 -35.00 -22.07 -26.75
C TYR D 95 -33.86 -22.38 -27.71
N CYS D 96 -34.06 -22.05 -28.99
CA CYS D 96 -33.00 -22.10 -30.00
C CYS D 96 -32.73 -20.70 -30.52
N THR D 97 -31.46 -20.32 -30.61
CA THR D 97 -31.08 -18.94 -30.95
C THR D 97 -29.94 -18.91 -31.98
N ARG D 98 -29.86 -17.79 -32.71
CA ARG D 98 -28.80 -17.58 -33.71
C ARG D 98 -27.78 -16.57 -33.18
N PHE D 99 -26.53 -16.71 -33.61
CA PHE D 99 -25.45 -15.82 -33.20
C PHE D 99 -24.88 -15.08 -34.42
N ARG D 100 -24.76 -13.77 -34.31
CA ARG D 100 -24.24 -12.92 -35.39
C ARG D 100 -22.76 -12.60 -35.18
N ASP D 101 -22.02 -13.55 -34.59
CA ASP D 101 -20.67 -13.32 -34.07
C ASP D 101 -20.60 -12.09 -33.15
N VAL D 102 -21.69 -11.86 -32.41
CA VAL D 102 -21.79 -10.74 -31.46
C VAL D 102 -22.66 -11.16 -30.27
N PHE D 103 -23.93 -11.47 -30.54
CA PHE D 103 -24.88 -11.85 -29.50
C PHE D 103 -26.11 -12.58 -30.09
N PHE D 104 -27.03 -13.00 -29.23
CA PHE D 104 -28.20 -13.77 -29.67
C PHE D 104 -29.25 -12.87 -30.33
N ASP D 105 -29.04 -12.56 -31.61
CA ASP D 105 -29.89 -11.59 -32.33
C ASP D 105 -31.19 -12.18 -32.88
N VAL D 106 -31.28 -13.52 -32.96
CA VAL D 106 -32.50 -14.18 -33.42
C VAL D 106 -32.91 -15.26 -32.42
N TRP D 107 -34.21 -15.35 -32.15
CA TRP D 107 -34.75 -16.28 -31.16
C TRP D 107 -35.95 -17.04 -31.71
N GLY D 108 -36.14 -18.28 -31.25
CA GLY D 108 -37.28 -19.11 -31.65
C GLY D 108 -38.50 -18.85 -30.80
N THR D 109 -39.53 -19.67 -30.99
CA THR D 109 -40.81 -19.50 -30.28
C THR D 109 -40.73 -19.91 -28.80
N GLY D 110 -40.00 -20.99 -28.51
CA GLY D 110 -39.88 -21.51 -27.15
C GLY D 110 -40.82 -22.66 -26.93
N THR D 111 -40.35 -23.70 -26.23
CA THR D 111 -41.12 -24.94 -26.06
C THR D 111 -40.97 -25.50 -24.65
N THR D 112 -42.10 -25.67 -23.97
CA THR D 112 -42.13 -26.27 -22.63
C THR D 112 -42.05 -27.79 -22.73
N VAL D 113 -41.25 -28.40 -21.86
CA VAL D 113 -41.06 -29.85 -21.84
C VAL D 113 -41.16 -30.37 -20.40
N THR D 114 -42.18 -31.19 -20.14
CA THR D 114 -42.43 -31.72 -18.81
C THR D 114 -41.98 -33.17 -18.70
N VAL D 115 -41.53 -33.57 -17.50
CA VAL D 115 -41.10 -34.93 -17.22
C VAL D 115 -41.80 -35.44 -15.97
N SER D 116 -42.68 -36.43 -16.14
CA SER D 116 -43.45 -36.98 -15.02
C SER D 116 -43.97 -38.38 -15.32
N SER D 117 -44.14 -39.18 -14.28
CA SER D 117 -44.64 -40.55 -14.40
C SER D 117 -46.14 -40.61 -14.71
N ALA D 118 -46.86 -39.55 -14.38
CA ALA D 118 -48.31 -39.49 -14.57
C ALA D 118 -48.68 -39.49 -16.05
N LYS D 119 -49.72 -40.26 -16.40
CA LYS D 119 -50.21 -40.35 -17.77
C LYS D 119 -50.97 -39.10 -18.18
N THR D 120 -51.11 -38.91 -19.49
CA THR D 120 -51.78 -37.72 -20.03
C THR D 120 -53.27 -37.67 -19.65
N THR D 121 -53.80 -36.45 -19.48
CA THR D 121 -55.18 -36.24 -19.07
C THR D 121 -55.81 -35.10 -19.86
N ALA D 122 -57.11 -35.22 -20.15
CA ALA D 122 -57.85 -34.23 -20.94
C ALA D 122 -58.57 -33.22 -20.05
N PRO D 123 -58.70 -31.96 -20.51
CA PRO D 123 -59.34 -30.91 -19.71
C PRO D 123 -60.86 -30.97 -19.73
N SER D 124 -61.49 -30.55 -18.64
CA SER D 124 -62.94 -30.38 -18.58
C SER D 124 -63.26 -28.89 -18.64
N VAL D 125 -64.33 -28.54 -19.34
CA VAL D 125 -64.71 -27.14 -19.54
C VAL D 125 -66.09 -26.87 -18.95
N TYR D 126 -66.23 -25.74 -18.26
CA TYR D 126 -67.48 -25.35 -17.62
C TYR D 126 -67.86 -23.91 -18.00
N PRO D 127 -69.15 -23.67 -18.33
CA PRO D 127 -69.62 -22.32 -18.61
C PRO D 127 -70.06 -21.59 -17.35
N LEU D 128 -69.42 -20.46 -17.06
CA LEU D 128 -69.72 -19.67 -15.86
C LEU D 128 -70.62 -18.48 -16.21
N ALA D 129 -71.66 -18.25 -15.41
CA ALA D 129 -72.64 -17.20 -15.65
C ALA D 129 -72.86 -16.34 -14.40
N PRO D 130 -73.31 -15.08 -14.58
CA PRO D 130 -73.45 -14.14 -13.46
C PRO D 130 -74.68 -14.33 -12.57
N VAL D 131 -75.48 -15.37 -12.83
CA VAL D 131 -76.69 -15.73 -12.05
C VAL D 131 -77.70 -14.58 -11.85
N VAL D 140 -71.17 -6.73 -15.15
CA VAL D 140 -70.89 -7.57 -16.31
C VAL D 140 -69.57 -8.32 -16.11
N THR D 141 -69.64 -9.65 -16.11
CA THR D 141 -68.45 -10.50 -15.95
C THR D 141 -68.77 -11.93 -16.35
N LEU D 142 -67.97 -12.49 -17.26
CA LEU D 142 -68.10 -13.88 -17.69
C LEU D 142 -66.89 -14.68 -17.18
N GLY D 143 -66.88 -15.97 -17.49
CA GLY D 143 -65.77 -16.85 -17.09
C GLY D 143 -65.75 -18.17 -17.83
N CYS D 144 -64.63 -18.88 -17.74
CA CYS D 144 -64.47 -20.18 -18.39
C CYS D 144 -63.43 -21.02 -17.66
N LEU D 145 -63.87 -21.71 -16.61
CA LEU D 145 -62.99 -22.50 -15.76
C LEU D 145 -62.61 -23.83 -16.42
N VAL D 146 -61.33 -23.99 -16.72
CA VAL D 146 -60.78 -25.26 -17.19
C VAL D 146 -60.15 -25.97 -16.00
N LYS D 147 -60.50 -27.24 -15.80
CA LYS D 147 -60.08 -27.99 -14.62
C LYS D 147 -59.92 -29.48 -14.91
N GLY D 148 -58.71 -30.01 -14.71
CA GLY D 148 -58.46 -31.44 -14.74
C GLY D 148 -57.62 -31.98 -15.90
N TYR D 149 -56.62 -31.21 -16.33
CA TYR D 149 -55.64 -31.69 -17.30
C TYR D 149 -54.26 -31.73 -16.65
N PHE D 150 -53.23 -32.09 -17.42
CA PHE D 150 -51.88 -32.26 -16.83
C PHE D 150 -50.74 -31.48 -17.52
N PRO D 151 -50.31 -31.91 -18.73
CA PRO D 151 -49.01 -31.43 -19.25
C PRO D 151 -48.61 -29.98 -18.91
N GLU D 152 -49.33 -28.99 -19.45
CA GLU D 152 -49.06 -27.57 -19.19
C GLU D 152 -49.85 -26.64 -20.12
N PRO D 153 -49.62 -26.75 -21.44
CA PRO D 153 -50.15 -25.74 -22.35
C PRO D 153 -51.60 -26.00 -22.76
N VAL D 154 -52.49 -25.13 -22.29
CA VAL D 154 -53.91 -25.17 -22.69
C VAL D 154 -54.28 -23.81 -23.31
N THR D 155 -54.48 -23.81 -24.63
CA THR D 155 -54.79 -22.58 -25.36
C THR D 155 -56.26 -22.22 -25.18
N LEU D 156 -56.51 -21.07 -24.54
CA LEU D 156 -57.88 -20.61 -24.25
C LEU D 156 -58.12 -19.24 -24.88
N THR D 157 -59.04 -19.18 -25.83
CA THR D 157 -59.44 -17.93 -26.47
C THR D 157 -60.96 -17.85 -26.57
N TRP D 158 -61.47 -16.64 -26.81
CA TRP D 158 -62.91 -16.40 -26.91
C TRP D 158 -63.31 -16.10 -28.35
N ASN D 159 -64.19 -16.93 -28.91
CA ASN D 159 -64.60 -16.84 -30.31
C ASN D 159 -63.41 -16.90 -31.28
N SER D 160 -62.41 -17.71 -30.92
CA SER D 160 -61.18 -17.86 -31.70
C SER D 160 -60.50 -16.51 -31.98
N GLY D 161 -60.37 -15.70 -30.94
CA GLY D 161 -59.76 -14.37 -31.04
C GLY D 161 -60.69 -13.28 -30.51
N SER D 162 -61.15 -12.41 -31.41
CA SER D 162 -62.16 -11.39 -31.11
C SER D 162 -61.93 -10.58 -29.82
N LEU D 163 -62.26 -11.17 -28.68
CA LEU D 163 -62.20 -10.48 -27.38
C LEU D 163 -60.76 -10.38 -26.87
N SER D 164 -60.29 -9.14 -26.68
CA SER D 164 -58.94 -8.88 -26.18
C SER D 164 -58.97 -8.06 -24.89
N SER D 165 -59.68 -6.94 -24.91
CA SER D 165 -59.81 -6.08 -23.73
C SER D 165 -60.73 -6.72 -22.69
N GLY D 166 -60.31 -6.69 -21.43
CA GLY D 166 -61.04 -7.34 -20.35
C GLY D 166 -60.60 -8.77 -20.07
N VAL D 167 -59.76 -9.32 -20.97
CA VAL D 167 -59.29 -10.70 -20.84
C VAL D 167 -58.15 -10.77 -19.82
N HIS D 168 -58.22 -11.77 -18.94
CA HIS D 168 -57.17 -12.03 -17.96
C HIS D 168 -56.91 -13.53 -17.87
N THR D 169 -56.11 -14.04 -18.80
CA THR D 169 -55.75 -15.46 -18.83
C THR D 169 -54.79 -15.77 -17.69
N PHE D 170 -55.34 -16.32 -16.60
CA PHE D 170 -54.55 -16.63 -15.41
C PHE D 170 -53.79 -17.93 -15.66
N PRO D 171 -52.45 -17.93 -15.46
CA PRO D 171 -51.68 -19.15 -15.71
C PRO D 171 -52.10 -20.32 -14.82
N ALA D 172 -51.94 -21.54 -15.33
CA ALA D 172 -52.44 -22.74 -14.65
C ALA D 172 -51.70 -23.03 -13.35
N LEU D 173 -52.37 -23.75 -12.45
CA LEU D 173 -51.81 -24.12 -11.15
C LEU D 173 -52.08 -25.60 -10.87
N LEU D 174 -51.07 -26.31 -10.38
CA LEU D 174 -51.17 -27.74 -10.10
C LEU D 174 -51.99 -28.00 -8.82
N GLN D 175 -52.80 -29.06 -8.86
CA GLN D 175 -53.60 -29.46 -7.70
C GLN D 175 -53.82 -30.98 -7.72
N SER D 176 -52.93 -31.70 -7.05
CA SER D 176 -53.00 -33.17 -6.97
C SER D 176 -53.02 -33.84 -8.35
N GLY D 177 -52.15 -33.37 -9.24
CA GLY D 177 -52.09 -33.89 -10.61
C GLY D 177 -53.18 -33.36 -11.52
N LEU D 178 -53.78 -32.23 -11.16
CA LEU D 178 -54.83 -31.60 -11.96
C LEU D 178 -54.53 -30.11 -12.13
N TYR D 179 -54.26 -29.71 -13.38
CA TYR D 179 -54.03 -28.30 -13.71
C TYR D 179 -55.38 -27.57 -13.77
N THR D 180 -55.45 -26.41 -13.13
CA THR D 180 -56.67 -25.60 -13.09
C THR D 180 -56.40 -24.19 -13.62
N LEU D 181 -56.82 -23.94 -14.86
CA LEU D 181 -56.63 -22.64 -15.51
C LEU D 181 -57.97 -21.95 -15.70
N SER D 182 -58.14 -20.81 -15.02
CA SER D 182 -59.36 -20.01 -15.13
C SER D 182 -59.16 -18.86 -16.11
N SER D 183 -60.26 -18.16 -16.42
CA SER D 183 -60.22 -17.01 -17.32
C SER D 183 -61.44 -16.11 -17.13
N SER D 184 -61.42 -14.93 -17.74
CA SER D 184 -62.51 -13.97 -17.62
C SER D 184 -62.60 -13.01 -18.80
N VAL D 185 -63.71 -12.29 -18.89
CA VAL D 185 -63.90 -11.26 -19.92
C VAL D 185 -65.07 -10.34 -19.51
N THR D 186 -64.94 -9.05 -19.81
CA THR D 186 -65.93 -8.05 -19.40
C THR D 186 -66.26 -7.08 -20.54
N VAL D 187 -67.55 -6.80 -20.70
CA VAL D 187 -68.06 -5.86 -21.72
C VAL D 187 -69.28 -5.11 -21.17
N THR D 188 -70.11 -4.55 -22.05
CA THR D 188 -71.29 -3.78 -21.62
C THR D 188 -72.46 -4.65 -21.19
N SER D 189 -73.45 -4.02 -20.57
CA SER D 189 -74.64 -4.72 -20.07
C SER D 189 -75.62 -5.11 -21.18
N ASN D 190 -75.56 -4.40 -22.30
CA ASN D 190 -76.49 -4.63 -23.42
C ASN D 190 -76.07 -5.78 -24.34
N THR D 191 -74.77 -5.98 -24.51
CA THR D 191 -74.26 -6.92 -25.51
C THR D 191 -74.48 -8.42 -25.17
N TRP D 192 -74.26 -8.79 -23.91
CA TRP D 192 -74.28 -10.21 -23.53
C TRP D 192 -75.67 -10.85 -23.48
N PRO D 193 -76.66 -10.20 -22.84
CA PRO D 193 -77.99 -10.80 -22.73
C PRO D 193 -78.61 -11.24 -24.06
N SER D 194 -78.32 -10.51 -25.13
CA SER D 194 -78.85 -10.84 -26.47
C SER D 194 -77.90 -11.76 -27.24
N GLN D 195 -76.71 -11.26 -27.57
CA GLN D 195 -75.76 -12.00 -28.41
C GLN D 195 -75.03 -13.11 -27.65
N THR D 196 -74.54 -14.10 -28.40
CA THR D 196 -73.86 -15.26 -27.82
C THR D 196 -72.36 -15.03 -27.71
N ILE D 197 -71.79 -15.45 -26.57
CA ILE D 197 -70.35 -15.40 -26.34
C ILE D 197 -69.89 -16.78 -25.86
N THR D 198 -68.76 -17.25 -26.38
CA THR D 198 -68.27 -18.59 -26.10
C THR D 198 -66.75 -18.65 -25.92
N CYS D 199 -66.30 -19.44 -24.95
CA CYS D 199 -64.87 -19.66 -24.71
C CYS D 199 -64.43 -20.94 -25.43
N ASN D 200 -63.23 -20.92 -25.99
CA ASN D 200 -62.71 -22.03 -26.79
C ASN D 200 -61.44 -22.64 -26.16
N VAL D 201 -61.63 -23.68 -25.38
CA VAL D 201 -60.52 -24.39 -24.72
C VAL D 201 -59.92 -25.40 -25.70
N ALA D 202 -58.61 -25.60 -25.63
CA ALA D 202 -57.91 -26.54 -26.51
C ALA D 202 -56.64 -27.08 -25.86
N HIS D 203 -56.47 -28.41 -25.93
CA HIS D 203 -55.30 -29.08 -25.35
C HIS D 203 -54.78 -30.13 -26.35
N PRO D 204 -53.63 -29.83 -27.01
CA PRO D 204 -53.08 -30.68 -28.08
C PRO D 204 -52.84 -32.15 -27.72
N ALA D 205 -52.19 -32.40 -26.59
CA ALA D 205 -51.73 -33.76 -26.23
C ALA D 205 -52.87 -34.77 -26.12
N SER D 206 -53.95 -34.38 -25.46
CA SER D 206 -55.10 -35.27 -25.25
C SER D 206 -56.11 -35.26 -26.41
N SER D 207 -55.84 -34.43 -27.42
CA SER D 207 -56.72 -34.27 -28.59
C SER D 207 -58.12 -33.80 -28.18
N THR D 208 -58.24 -32.51 -27.89
CA THR D 208 -59.51 -31.91 -27.47
C THR D 208 -59.73 -30.55 -28.12
N LYS D 209 -60.83 -30.44 -28.87
CA LYS D 209 -61.26 -29.18 -29.47
C LYS D 209 -62.62 -28.83 -28.87
N VAL D 210 -62.60 -28.24 -27.67
CA VAL D 210 -63.80 -28.07 -26.86
C VAL D 210 -64.43 -26.69 -27.02
N ASP D 211 -65.76 -26.64 -27.06
CA ASP D 211 -66.52 -25.40 -27.16
C ASP D 211 -67.57 -25.34 -26.04
N LYS D 212 -67.75 -24.15 -25.46
CA LYS D 212 -68.76 -23.92 -24.42
C LYS D 212 -69.22 -22.46 -24.43
N LYS D 213 -70.53 -22.26 -24.62
CA LYS D 213 -71.11 -20.91 -24.63
C LYS D 213 -71.68 -20.55 -23.25
N ILE D 214 -71.72 -19.26 -22.96
CA ILE D 214 -72.24 -18.76 -21.69
C ILE D 214 -73.74 -18.50 -21.83
N VAL D 215 -74.55 -19.26 -21.08
CA VAL D 215 -76.00 -19.15 -21.14
C VAL D 215 -76.54 -18.47 -19.87
N PRO D 216 -77.57 -17.61 -20.02
CA PRO D 216 -78.22 -17.06 -18.83
C PRO D 216 -78.87 -18.13 -17.96
N ARG D 217 -78.59 -18.12 -16.66
CA ARG D 217 -79.13 -19.10 -15.74
C ARG D 217 -80.63 -18.90 -15.53
N GLU E 1 37.50 27.70 34.09
CA GLU E 1 36.84 28.05 35.38
C GLU E 1 36.35 26.81 36.12
N PHE E 2 35.60 25.97 35.41
CA PHE E 2 35.10 24.71 35.97
C PHE E 2 36.11 23.59 35.69
N GLN E 3 36.81 23.15 36.74
CA GLN E 3 37.89 22.17 36.61
C GLN E 3 37.45 20.80 37.11
N LEU E 4 37.76 19.76 36.33
CA LEU E 4 37.58 18.37 36.75
C LEU E 4 38.92 17.65 36.69
N GLN E 5 39.33 17.07 37.82
CA GLN E 5 40.62 16.39 37.92
C GLN E 5 40.46 15.04 38.63
N GLN E 6 41.06 14.00 38.05
CA GLN E 6 40.95 12.64 38.56
C GLN E 6 42.26 12.19 39.22
N SER E 7 42.25 10.99 39.77
CA SER E 7 43.46 10.36 40.30
C SER E 7 44.34 9.86 39.16
N GLY E 8 45.56 9.45 39.49
CA GLY E 8 46.53 9.01 38.49
C GLY E 8 46.25 7.61 37.94
N PRO E 9 47.15 7.12 37.07
CA PRO E 9 47.01 5.77 36.48
C PRO E 9 47.11 4.65 37.51
N GLU E 10 46.76 3.43 37.11
CA GLU E 10 46.64 2.31 38.05
C GLU E 10 46.99 0.96 37.43
N LEU E 11 47.46 0.04 38.27
CA LEU E 11 47.71 -1.34 37.90
C LEU E 11 47.25 -2.26 39.02
N VAL E 12 46.59 -3.36 38.67
CA VAL E 12 46.05 -4.30 39.67
C VAL E 12 46.10 -5.76 39.23
N LYS E 13 45.89 -6.64 40.20
CA LYS E 13 45.91 -8.08 40.00
C LYS E 13 44.54 -8.58 39.52
N PRO E 14 44.50 -9.76 38.89
CA PRO E 14 43.22 -10.34 38.48
C PRO E 14 42.43 -10.84 39.69
N GLY E 15 41.29 -10.19 39.96
CA GLY E 15 40.49 -10.49 41.15
C GLY E 15 40.47 -9.33 42.13
N ALA E 16 41.49 -8.46 42.04
CA ALA E 16 41.59 -7.28 42.89
C ALA E 16 40.57 -6.22 42.48
N SER E 17 40.54 -5.11 43.23
CA SER E 17 39.66 -3.98 42.94
C SER E 17 40.35 -2.65 43.25
N VAL E 18 40.01 -1.62 42.47
CA VAL E 18 40.59 -0.28 42.65
C VAL E 18 39.51 0.79 42.74
N LYS E 19 39.90 1.94 43.28
CA LYS E 19 39.00 3.08 43.45
C LYS E 19 39.69 4.35 42.95
N ILE E 20 39.01 5.08 42.07
CA ILE E 20 39.55 6.29 41.45
C ILE E 20 38.60 7.47 41.66
N SER E 21 39.18 8.64 41.93
CA SER E 21 38.41 9.83 42.30
C SER E 21 38.17 10.76 41.11
N CYS E 22 37.23 11.68 41.30
CA CYS E 22 36.95 12.75 40.34
C CYS E 22 36.65 14.04 41.11
N LYS E 23 37.71 14.78 41.43
CA LYS E 23 37.58 16.05 42.15
C LYS E 23 37.08 17.13 41.19
N ALA E 24 36.20 18.00 41.70
CA ALA E 24 35.63 19.08 40.90
C ALA E 24 35.66 20.40 41.66
N SER E 25 36.13 21.46 40.99
CA SER E 25 36.20 22.80 41.58
C SER E 25 35.80 23.86 40.55
N GLY E 26 35.17 24.93 41.03
CA GLY E 26 34.73 26.04 40.18
C GLY E 26 33.24 26.31 40.30
N TYR E 27 32.45 25.25 40.20
CA TYR E 27 30.99 25.36 40.26
C TYR E 27 30.44 24.83 41.59
N SER E 28 29.16 25.08 41.83
CA SER E 28 28.48 24.55 43.01
C SER E 28 28.27 23.05 42.84
N PHE E 29 29.10 22.26 43.53
CA PHE E 29 29.16 20.81 43.34
C PHE E 29 27.81 20.08 43.44
N THR E 30 26.93 20.60 44.30
CA THR E 30 25.61 19.98 44.53
C THR E 30 24.62 20.10 43.36
N ASP E 31 24.90 21.00 42.41
CA ASP E 31 23.94 21.29 41.33
C ASP E 31 23.88 20.21 40.25
N TYR E 32 25.01 19.91 39.63
CA TYR E 32 25.06 19.03 38.45
C TYR E 32 25.44 17.59 38.81
N ASN E 33 25.00 16.65 37.98
CA ASN E 33 25.30 15.23 38.18
C ASN E 33 26.65 14.82 37.62
N ILE E 34 27.10 13.62 38.00
CA ILE E 34 28.39 13.07 37.58
C ILE E 34 28.19 11.75 36.83
N ASN E 35 28.55 11.73 35.55
CA ASN E 35 28.48 10.52 34.74
C ASN E 35 29.87 9.91 34.55
N TRP E 36 29.92 8.63 34.19
CA TRP E 36 31.18 7.92 33.98
C TRP E 36 31.19 7.16 32.64
N MET E 37 32.37 7.08 32.01
CA MET E 37 32.54 6.44 30.71
C MET E 37 33.66 5.42 30.73
N LYS E 38 33.72 4.58 29.69
CA LYS E 38 34.79 3.61 29.50
C LYS E 38 35.15 3.51 28.02
N GLN E 39 36.39 3.86 27.68
CA GLN E 39 36.88 3.72 26.32
C GLN E 39 38.00 2.67 26.27
N SER E 40 37.71 1.54 25.63
CA SER E 40 38.73 0.53 25.38
C SER E 40 39.74 1.06 24.35
N ASN E 41 40.95 0.54 24.38
CA ASN E 41 42.03 1.05 23.53
C ASN E 41 41.74 0.83 22.04
N GLY E 42 41.25 1.89 21.38
CA GLY E 42 40.92 1.84 19.96
C GLY E 42 39.43 1.86 19.69
N LYS E 43 38.69 1.05 20.44
CA LYS E 43 37.23 0.92 20.26
C LYS E 43 36.48 2.12 20.84
N SER E 44 35.16 2.12 20.64
CA SER E 44 34.30 3.24 21.03
C SER E 44 34.08 3.34 22.54
N LEU E 45 33.46 4.44 22.96
CA LEU E 45 33.16 4.70 24.37
C LEU E 45 32.00 3.83 24.85
N GLU E 46 31.91 3.68 26.18
CA GLU E 46 30.83 2.91 26.82
C GLU E 46 30.37 3.61 28.09
N TRP E 47 29.08 3.89 28.19
CA TRP E 47 28.50 4.53 29.37
C TRP E 47 28.42 3.54 30.52
N ILE E 48 28.86 3.96 31.71
CA ILE E 48 28.87 3.09 32.90
C ILE E 48 27.69 3.39 33.81
N GLY E 49 27.59 4.64 34.25
CA GLY E 49 26.53 5.03 35.18
C GLY E 49 26.50 6.51 35.47
N VAL E 50 25.76 6.90 36.51
CA VAL E 50 25.61 8.30 36.87
C VAL E 50 25.30 8.45 38.36
N VAL E 51 25.78 9.53 38.96
CA VAL E 51 25.50 9.87 40.35
C VAL E 51 25.05 11.32 40.44
N ILE E 52 24.11 11.60 41.35
CA ILE E 52 23.77 12.98 41.68
C ILE E 52 24.42 13.28 43.05
N PRO E 53 25.34 14.26 43.08
CA PRO E 53 26.04 14.61 44.32
C PRO E 53 25.15 15.04 45.50
N LYS E 54 23.98 15.64 45.19
CA LYS E 54 23.12 16.23 46.20
C LYS E 54 22.57 15.21 47.20
N TYR E 55 21.93 14.15 46.68
CA TYR E 55 21.35 13.11 47.53
C TYR E 55 22.11 11.78 47.45
N GLY E 56 23.14 11.71 46.61
CA GLY E 56 23.92 10.48 46.43
C GLY E 56 23.14 9.38 45.71
N THR E 57 22.17 9.77 44.90
CA THR E 57 21.38 8.83 44.12
C THR E 57 22.17 8.33 42.92
N THR E 58 22.07 7.03 42.64
CA THR E 58 22.84 6.41 41.55
C THR E 58 21.94 5.71 40.53
N ASN E 59 22.48 5.53 39.34
CA ASN E 59 21.83 4.76 38.28
C ASN E 59 22.88 4.16 37.35
N TYR E 60 22.96 2.83 37.33
CA TYR E 60 24.02 2.13 36.61
C TYR E 60 23.52 1.55 35.29
N ASN E 61 24.46 1.31 34.37
CA ASN E 61 24.18 0.55 33.16
C ASN E 61 24.06 -0.92 33.51
N GLN E 62 23.16 -1.62 32.84
CA GLN E 62 22.92 -3.04 33.08
C GLN E 62 24.19 -3.87 32.85
N LYS E 63 25.03 -3.42 31.91
CA LYS E 63 26.29 -4.08 31.60
C LYS E 63 27.29 -4.01 32.76
N PHE E 64 27.27 -2.91 33.51
CA PHE E 64 28.16 -2.72 34.65
C PHE E 64 27.40 -2.53 35.96
N GLN E 65 26.33 -3.32 36.15
CA GLN E 65 25.52 -3.23 37.37
C GLN E 65 26.23 -3.90 38.55
N GLY E 66 26.71 -5.13 38.32
CA GLY E 66 27.39 -5.90 39.36
C GLY E 66 28.91 -5.87 39.31
N LYS E 67 29.47 -4.90 38.60
CA LYS E 67 30.93 -4.75 38.50
C LYS E 67 31.39 -3.30 38.62
N ALA E 68 30.58 -2.45 39.24
CA ALA E 68 30.91 -1.03 39.41
C ALA E 68 29.97 -0.39 40.43
N THR E 69 30.55 0.38 41.36
CA THR E 69 29.78 1.07 42.39
C THR E 69 30.29 2.51 42.55
N LEU E 70 29.39 3.47 42.46
CA LEU E 70 29.76 4.89 42.52
C LEU E 70 29.30 5.53 43.82
N THR E 71 30.21 6.24 44.48
CA THR E 71 29.91 7.01 45.68
C THR E 71 30.42 8.45 45.52
N VAL E 72 30.05 9.33 46.44
CA VAL E 72 30.40 10.74 46.33
C VAL E 72 30.49 11.42 47.70
N ASP E 73 31.40 12.38 47.83
CA ASP E 73 31.56 13.19 49.03
C ASP E 73 31.31 14.66 48.68
N GLN E 74 30.15 15.17 49.10
CA GLN E 74 29.76 16.55 48.79
C GLN E 74 30.59 17.60 49.53
N SER E 75 31.14 17.23 50.69
CA SER E 75 31.99 18.12 51.47
C SER E 75 33.34 18.34 50.78
N SER E 76 33.94 17.25 50.30
CA SER E 76 35.21 17.30 49.58
C SER E 76 35.05 17.68 48.11
N SER E 77 33.80 17.66 47.63
CA SER E 77 33.49 17.93 46.22
C SER E 77 34.16 16.93 45.28
N THR E 78 34.16 15.65 45.70
CA THR E 78 34.86 14.59 44.97
C THR E 78 33.95 13.38 44.77
N ALA E 79 33.78 12.98 43.51
CA ALA E 79 33.03 11.79 43.15
C ALA E 79 33.97 10.59 43.00
N TYR E 80 33.47 9.39 43.29
CA TYR E 80 34.28 8.18 43.27
C TYR E 80 33.65 7.10 42.39
N ILE E 81 34.48 6.15 41.95
CA ILE E 81 34.03 4.96 41.22
C ILE E 81 34.80 3.75 41.76
N GLN E 82 34.05 2.78 42.29
CA GLN E 82 34.63 1.59 42.90
C GLN E 82 34.46 0.40 41.97
N LEU E 83 35.49 0.11 41.18
CA LEU E 83 35.46 -0.98 40.21
C LEU E 83 35.80 -2.30 40.91
N ASN E 84 34.79 -3.15 41.11
CA ASN E 84 34.93 -4.38 41.89
C ASN E 84 35.12 -5.62 41.01
N SER E 85 35.92 -6.57 41.52
CA SER E 85 36.15 -7.85 40.86
C SER E 85 36.59 -7.69 39.39
N LEU E 86 37.83 -7.27 39.20
CA LEU E 86 38.34 -6.95 37.87
C LEU E 86 38.86 -8.18 37.13
N THR E 87 39.06 -8.02 35.83
CA THR E 87 39.59 -9.07 34.96
C THR E 87 40.35 -8.46 33.79
N SER E 88 40.83 -9.31 32.88
CA SER E 88 41.61 -8.86 31.71
C SER E 88 40.81 -7.95 30.78
N GLU E 89 39.50 -8.16 30.72
CA GLU E 89 38.62 -7.37 29.84
C GLU E 89 38.44 -5.92 30.32
N ASP E 90 38.63 -5.69 31.62
CA ASP E 90 38.43 -4.35 32.20
C ASP E 90 39.56 -3.36 31.88
N SER E 91 40.63 -3.84 31.27
CA SER E 91 41.75 -2.97 30.89
C SER E 91 41.33 -1.92 29.87
N ALA E 92 41.07 -0.71 30.33
CA ALA E 92 40.62 0.39 29.48
C ALA E 92 40.80 1.75 30.16
N VAL E 93 40.57 2.82 29.40
CA VAL E 93 40.64 4.19 29.91
C VAL E 93 39.26 4.59 30.46
N TYR E 94 39.26 5.37 31.54
CA TYR E 94 38.03 5.79 32.21
C TYR E 94 37.96 7.31 32.35
N TYR E 95 36.75 7.85 32.21
CA TYR E 95 36.51 9.29 32.30
C TYR E 95 35.32 9.62 33.20
N CYS E 96 35.43 10.69 33.98
CA CYS E 96 34.29 11.23 34.73
C CYS E 96 33.82 12.50 34.01
N THR E 97 32.50 12.69 33.95
CA THR E 97 31.91 13.81 33.21
C THR E 97 30.74 14.45 33.96
N ARG E 98 30.42 15.69 33.58
CA ARG E 98 29.31 16.43 34.18
C ARG E 98 28.23 16.70 33.15
N PHE E 99 26.98 16.71 33.59
CA PHE E 99 25.82 16.92 32.73
C PHE E 99 25.17 18.26 33.06
N ARG E 100 24.96 19.10 32.04
CA ARG E 100 24.40 20.45 32.25
C ARG E 100 22.88 20.45 32.03
N ASP E 101 22.22 19.34 32.38
CA ASP E 101 20.82 19.10 32.01
C ASP E 101 20.61 19.12 30.49
N VAL E 102 21.66 18.81 29.74
CA VAL E 102 21.64 18.83 28.28
C VAL E 102 22.57 17.76 27.72
N PHE E 103 23.86 17.85 28.03
CA PHE E 103 24.87 16.93 27.51
C PHE E 103 26.16 16.98 28.34
N PHE E 104 27.15 16.17 27.97
CA PHE E 104 28.40 16.07 28.73
C PHE E 104 29.31 17.28 28.50
N ASP E 105 29.02 18.38 29.18
CA ASP E 105 29.71 19.65 28.93
C ASP E 105 31.04 19.82 29.70
N VAL E 106 31.36 18.89 30.59
CA VAL E 106 32.64 18.93 31.32
C VAL E 106 33.28 17.54 31.33
N TRP E 107 34.60 17.50 31.15
CA TRP E 107 35.35 16.24 31.10
C TRP E 107 36.63 16.35 31.92
N GLY E 108 37.00 15.25 32.59
CA GLY E 108 38.21 15.20 33.41
C GLY E 108 39.45 14.86 32.59
N THR E 109 40.56 14.62 33.29
CA THR E 109 41.84 14.35 32.64
C THR E 109 41.87 13.00 31.91
N GLY E 110 41.24 11.99 32.50
CA GLY E 110 41.21 10.64 31.93
C GLY E 110 42.24 9.75 32.62
N THR E 111 41.82 8.55 32.99
CA THR E 111 42.67 7.63 33.76
C THR E 111 42.77 6.25 33.09
N THR E 112 43.99 5.87 32.71
CA THR E 112 44.25 4.55 32.14
C THR E 112 44.40 3.52 33.25
N VAL E 113 43.63 2.44 33.17
CA VAL E 113 43.64 1.39 34.19
C VAL E 113 43.99 0.05 33.54
N THR E 114 44.95 -0.66 34.13
CA THR E 114 45.43 -1.94 33.60
C THR E 114 45.20 -3.05 34.62
N VAL E 115 44.90 -4.25 34.11
CA VAL E 115 44.65 -5.42 34.95
C VAL E 115 45.43 -6.61 34.39
N SER E 116 46.41 -7.09 35.15
CA SER E 116 47.23 -8.22 34.71
C SER E 116 47.95 -8.90 35.89
N SER E 117 48.35 -10.14 35.68
CA SER E 117 49.07 -10.92 36.69
C SER E 117 50.53 -10.48 36.81
N ALA E 118 51.07 -9.89 35.76
CA ALA E 118 52.48 -9.50 35.71
C ALA E 118 52.80 -8.38 36.71
N LYS E 119 53.90 -8.55 37.43
CA LYS E 119 54.37 -7.55 38.39
C LYS E 119 54.97 -6.34 37.68
N THR E 120 55.03 -5.22 38.39
CA THR E 120 55.56 -3.96 37.84
C THR E 120 57.04 -4.09 37.43
N THR E 121 57.45 -3.26 36.48
CA THR E 121 58.82 -3.26 35.98
C THR E 121 59.29 -1.83 35.68
N ALA E 122 60.57 -1.56 35.93
CA ALA E 122 61.15 -0.23 35.72
C ALA E 122 61.83 -0.14 34.35
N PRO E 123 61.79 1.05 33.72
CA PRO E 123 62.32 1.21 32.37
C PRO E 123 63.85 1.29 32.29
N SER E 124 64.41 0.81 31.19
CA SER E 124 65.85 0.92 30.91
C SER E 124 66.07 1.99 29.84
N VAL E 125 66.51 3.17 30.26
CA VAL E 125 66.68 4.30 29.37
C VAL E 125 68.04 4.29 28.69
N TYR E 126 68.07 4.64 27.40
CA TYR E 126 69.32 4.69 26.62
C TYR E 126 69.36 5.95 25.75
N PRO E 127 70.51 6.66 25.74
CA PRO E 127 70.70 7.77 24.80
C PRO E 127 71.27 7.28 23.48
N LEU E 128 70.97 7.99 22.39
CA LEU E 128 71.44 7.63 21.05
C LEU E 128 72.08 8.82 20.34
N ALA E 129 73.28 8.60 19.79
CA ALA E 129 74.05 9.65 19.12
C ALA E 129 74.03 9.47 17.61
N PRO E 130 74.35 10.53 16.85
CA PRO E 130 74.42 10.44 15.39
C PRO E 130 75.73 9.81 14.93
N VAL E 140 70.95 16.62 11.31
CA VAL E 140 70.93 16.41 12.76
C VAL E 140 69.66 15.66 13.18
N THR E 141 69.85 14.55 13.88
CA THR E 141 68.75 13.79 14.47
C THR E 141 69.24 13.08 15.72
N LEU E 142 68.45 13.15 16.79
CA LEU E 142 68.81 12.54 18.08
C LEU E 142 67.85 11.40 18.41
N GLY E 143 68.08 10.75 19.55
CA GLY E 143 67.23 9.64 20.00
C GLY E 143 67.24 9.45 21.51
N CYS E 144 66.16 8.87 22.02
CA CYS E 144 66.02 8.59 23.45
C CYS E 144 65.10 7.39 23.65
N LEU E 145 65.67 6.20 23.54
CA LEU E 145 64.90 4.95 23.57
C LEU E 145 64.62 4.48 25.00
N VAL E 146 63.33 4.39 25.34
CA VAL E 146 62.90 3.79 26.60
C VAL E 146 62.47 2.35 26.31
N LYS E 147 62.90 1.42 27.17
CA LYS E 147 62.70 -0.01 26.92
C LYS E 147 62.57 -0.80 28.23
N GLY E 148 61.51 -1.60 28.33
CA GLY E 148 61.37 -2.57 29.42
C GLY E 148 60.58 -2.10 30.63
N TYR E 149 59.39 -1.52 30.38
CA TYR E 149 58.46 -1.19 31.45
C TYR E 149 57.11 -1.86 31.18
N PHE E 150 56.14 -1.70 32.08
CA PHE E 150 54.86 -2.39 31.96
C PHE E 150 53.61 -1.49 31.96
N PRO E 151 53.21 -0.95 33.13
CA PRO E 151 51.88 -0.29 33.21
C PRO E 151 51.37 0.40 31.93
N GLU E 152 52.07 1.44 31.46
CA GLU E 152 51.73 2.19 30.23
C GLU E 152 52.19 3.65 30.28
N PRO E 153 51.81 4.40 31.34
CA PRO E 153 52.12 5.83 31.35
C PRO E 153 53.61 6.12 31.56
N VAL E 154 54.24 6.70 30.54
CA VAL E 154 55.65 7.09 30.59
C VAL E 154 55.82 8.48 29.99
N THR E 155 55.71 9.50 30.84
CA THR E 155 55.79 10.89 30.40
C THR E 155 57.23 11.24 30.01
N LEU E 156 57.42 11.48 28.70
CA LEU E 156 58.75 11.77 28.16
C LEU E 156 58.79 13.17 27.55
N THR E 157 59.56 14.06 28.18
CA THR E 157 59.79 15.41 27.68
C THR E 157 61.29 15.68 27.56
N TRP E 158 61.64 16.75 26.84
CA TRP E 158 63.04 17.08 26.56
C TRP E 158 63.46 18.38 27.26
N ASN E 159 64.53 18.30 28.05
CA ASN E 159 65.10 19.45 28.75
C ASN E 159 64.07 20.23 29.59
N SER E 160 63.37 19.51 30.46
CA SER E 160 62.34 20.09 31.33
C SER E 160 61.26 20.84 30.54
N GLY E 161 60.88 20.29 29.39
CA GLY E 161 59.85 20.89 28.54
C GLY E 161 60.31 22.13 27.80
N SER E 162 61.48 22.04 27.16
CA SER E 162 62.03 23.14 26.37
C SER E 162 61.83 22.91 24.87
N LEU E 163 62.17 21.71 24.41
CA LEU E 163 62.09 21.35 22.99
C LEU E 163 60.70 20.89 22.60
N SER E 164 60.03 21.65 21.74
CA SER E 164 58.71 21.32 21.23
C SER E 164 58.77 20.89 19.76
N SER E 165 59.53 21.61 18.96
CA SER E 165 59.65 21.34 17.52
C SER E 165 60.54 20.13 17.26
N GLY E 166 60.09 19.25 16.37
CA GLY E 166 60.82 18.01 16.04
C GLY E 166 60.46 16.83 16.93
N VAL E 167 59.58 17.06 17.90
CA VAL E 167 59.19 16.01 18.85
C VAL E 167 58.16 15.07 18.22
N HIS E 168 58.39 13.77 18.37
CA HIS E 168 57.46 12.74 17.89
C HIS E 168 57.42 11.57 18.87
N THR E 169 56.59 11.72 19.91
CA THR E 169 56.44 10.68 20.92
C THR E 169 55.54 9.56 20.39
N PHE E 170 56.16 8.42 20.09
CA PHE E 170 55.44 7.28 19.52
C PHE E 170 54.84 6.41 20.63
N PRO E 171 53.55 6.03 20.49
CA PRO E 171 52.99 5.02 21.39
C PRO E 171 53.68 3.67 21.23
N ALA E 172 54.06 3.05 22.34
CA ALA E 172 54.87 1.84 22.33
C ALA E 172 54.07 0.57 22.01
N LEU E 173 54.78 -0.45 21.55
CA LEU E 173 54.20 -1.77 21.30
C LEU E 173 54.57 -2.71 22.45
N LEU E 174 53.60 -3.51 22.88
CA LEU E 174 53.82 -4.46 23.98
C LEU E 174 54.53 -5.72 23.47
N GLN E 175 55.85 -5.73 23.61
CA GLN E 175 56.69 -6.84 23.14
C GLN E 175 57.05 -7.77 24.29
N SER E 176 56.37 -8.93 24.35
CA SER E 176 56.62 -9.95 25.37
C SER E 176 56.48 -9.41 26.80
N GLY E 177 55.44 -8.62 27.03
CA GLY E 177 55.19 -8.01 28.33
C GLY E 177 56.15 -6.88 28.68
N LEU E 178 56.75 -6.28 27.66
CA LEU E 178 57.69 -5.17 27.84
C LEU E 178 57.47 -4.11 26.77
N TYR E 179 57.03 -2.92 27.17
CA TYR E 179 56.82 -1.80 26.24
C TYR E 179 58.15 -1.18 25.83
N THR E 180 58.23 -0.75 24.57
CA THR E 180 59.41 -0.10 24.01
C THR E 180 59.04 1.23 23.35
N LEU E 181 59.07 2.30 24.14
CA LEU E 181 58.70 3.63 23.65
C LEU E 181 59.93 4.39 23.13
N SER E 182 60.01 4.55 21.81
CA SER E 182 61.08 5.31 21.17
C SER E 182 60.68 6.77 21.02
N SER E 183 61.67 7.63 20.81
CA SER E 183 61.44 9.08 20.67
C SER E 183 62.65 9.76 20.05
N SER E 184 62.45 11.01 19.59
CA SER E 184 63.53 11.78 18.96
C SER E 184 63.24 13.27 18.94
N VAL E 185 64.24 14.05 18.54
CA VAL E 185 64.11 15.50 18.39
C VAL E 185 65.12 16.03 17.38
N THR E 186 64.70 17.02 16.59
CA THR E 186 65.54 17.60 15.53
C THR E 186 65.71 19.11 15.73
N VAL E 187 66.95 19.57 15.61
CA VAL E 187 67.30 20.99 15.73
C VAL E 187 68.37 21.35 14.70
N THR E 188 68.97 22.54 14.82
CA THR E 188 69.95 23.03 13.83
C THR E 188 71.28 22.27 13.88
N SER E 189 72.12 22.52 12.88
CA SER E 189 73.44 21.90 12.80
C SER E 189 74.41 22.47 13.84
N ASN E 190 74.18 23.71 14.26
CA ASN E 190 75.08 24.41 15.18
C ASN E 190 74.72 24.26 16.65
N THR E 191 73.43 24.16 16.95
CA THR E 191 72.96 24.22 18.34
C THR E 191 73.17 22.95 19.17
N TRP E 192 73.46 21.82 18.52
CA TRP E 192 73.70 20.56 19.24
C TRP E 192 75.17 20.24 19.57
N PRO E 193 76.06 20.24 18.54
CA PRO E 193 77.45 19.81 18.79
C PRO E 193 78.10 20.36 20.07
N SER E 194 77.84 21.62 20.39
CA SER E 194 78.39 22.26 21.59
C SER E 194 77.45 22.10 22.79
N GLN E 195 76.21 22.55 22.65
CA GLN E 195 75.25 22.56 23.76
C GLN E 195 74.68 21.16 24.03
N THR E 196 74.56 20.83 25.31
CA THR E 196 74.06 19.52 25.73
C THR E 196 72.55 19.42 25.62
N ILE E 197 72.05 18.25 25.23
CA ILE E 197 70.62 17.97 25.16
C ILE E 197 70.33 16.65 25.90
N THR E 198 69.29 16.66 26.74
CA THR E 198 68.90 15.50 27.52
C THR E 198 67.39 15.29 27.49
N CYS E 199 66.96 14.04 27.72
CA CYS E 199 65.55 13.68 27.73
C CYS E 199 65.12 13.18 29.11
N ASN E 200 64.07 13.79 29.66
CA ASN E 200 63.58 13.46 30.99
C ASN E 200 62.55 12.33 30.96
N VAL E 201 63.03 11.09 31.08
CA VAL E 201 62.16 9.92 31.14
C VAL E 201 61.62 9.75 32.56
N ALA E 202 60.34 9.44 32.69
CA ALA E 202 59.70 9.29 33.99
C ALA E 202 58.63 8.19 33.97
N HIS E 203 58.51 7.48 35.08
CA HIS E 203 57.55 6.38 35.21
C HIS E 203 57.17 6.22 36.69
N PRO E 204 55.99 6.75 37.09
CA PRO E 204 55.64 6.87 38.50
C PRO E 204 55.19 5.57 39.19
N ALA E 205 54.89 4.54 38.42
CA ALA E 205 54.44 3.25 38.98
C ALA E 205 55.57 2.54 39.72
N SER E 206 56.73 2.45 39.06
CA SER E 206 57.92 1.82 39.66
C SER E 206 58.81 2.84 40.38
N SER E 207 58.38 4.11 40.42
CA SER E 207 59.12 5.20 41.06
C SER E 207 60.49 5.42 40.41
N THR E 208 60.51 6.20 39.33
CA THR E 208 61.75 6.53 38.62
C THR E 208 61.79 8.00 38.18
N LYS E 209 62.99 8.48 37.90
CA LYS E 209 63.24 9.86 37.52
C LYS E 209 64.57 9.93 36.76
N VAL E 210 64.56 9.42 35.53
CA VAL E 210 65.79 9.16 34.78
C VAL E 210 66.21 10.34 33.90
N ASP E 211 67.51 10.62 33.90
CA ASP E 211 68.10 11.65 33.04
C ASP E 211 69.26 11.05 32.23
N LYS E 212 69.28 11.32 30.93
CA LYS E 212 70.36 10.85 30.05
C LYS E 212 70.66 11.86 28.95
N LYS E 213 71.88 12.38 28.93
CA LYS E 213 72.32 13.34 27.90
C LYS E 213 72.82 12.61 26.67
N ILE E 214 72.76 13.28 25.52
CA ILE E 214 73.23 12.72 24.25
C ILE E 214 74.68 13.14 24.03
N VAL E 215 75.59 12.16 24.07
CA VAL E 215 77.02 12.42 23.92
C VAL E 215 77.44 12.23 22.45
N PRO E 216 78.26 13.15 21.90
CA PRO E 216 78.75 12.96 20.53
C PRO E 216 79.73 11.78 20.41
N ARG E 217 79.37 10.79 19.59
CA ARG E 217 80.26 9.66 19.33
C ARG E 217 81.28 10.02 18.26
N GLN F 1 21.25 -0.98 23.06
CA GLN F 1 19.99 -0.18 22.97
C GLN F 1 19.78 0.34 21.54
N ILE F 2 20.43 1.45 21.19
CA ILE F 2 20.38 1.99 19.83
C ILE F 2 21.78 2.01 19.25
N VAL F 3 22.02 1.18 18.24
CA VAL F 3 23.33 1.06 17.61
C VAL F 3 23.55 2.21 16.64
N LEU F 4 24.35 3.20 17.08
CA LEU F 4 24.73 4.32 16.22
C LEU F 4 25.90 3.90 15.34
N SER F 5 25.70 3.98 14.02
CA SER F 5 26.73 3.60 13.06
C SER F 5 27.24 4.84 12.32
N GLN F 6 28.49 5.22 12.58
CA GLN F 6 29.10 6.38 11.94
C GLN F 6 29.65 6.02 10.57
N SER F 7 29.52 6.95 9.61
CA SER F 7 29.88 6.71 8.22
C SER F 7 30.79 7.82 7.68
N PRO F 8 32.05 7.49 7.34
CA PRO F 8 32.80 6.26 7.54
C PRO F 8 33.80 6.40 8.69
N ALA F 9 34.73 5.44 8.80
CA ALA F 9 35.77 5.47 9.83
C ALA F 9 36.61 6.75 9.78
N ILE F 10 37.18 7.02 8.61
CA ILE F 10 38.02 8.21 8.40
C ILE F 10 37.55 8.98 7.17
N LEU F 11 37.55 10.31 7.26
CA LEU F 11 37.16 11.19 6.16
C LEU F 11 38.18 12.30 5.99
N SER F 12 38.89 12.30 4.86
CA SER F 12 39.94 13.28 4.58
C SER F 12 39.44 14.40 3.66
N ALA F 13 39.74 15.64 4.03
CA ALA F 13 39.38 16.81 3.23
C ALA F 13 40.41 17.92 3.42
N SER F 14 40.68 18.66 2.36
CA SER F 14 41.72 19.70 2.38
C SER F 14 41.34 20.88 3.27
N PRO F 15 42.33 21.62 3.78
CA PRO F 15 42.05 22.77 4.64
C PRO F 15 41.41 23.94 3.89
N GLY F 16 40.12 24.16 4.12
CA GLY F 16 39.35 25.19 3.42
C GLY F 16 38.08 24.66 2.79
N GLU F 17 38.05 23.37 2.47
CA GLU F 17 36.91 22.75 1.80
C GLU F 17 35.75 22.48 2.74
N LYS F 18 34.62 22.09 2.15
CA LYS F 18 33.45 21.65 2.91
C LYS F 18 33.71 20.32 3.60
N VAL F 19 33.09 20.13 4.77
CA VAL F 19 33.13 18.87 5.50
C VAL F 19 31.78 18.65 6.19
N THR F 20 31.21 17.46 5.96
CA THR F 20 29.92 17.11 6.56
C THR F 20 29.98 15.72 7.20
N MET F 21 29.31 15.59 8.34
CA MET F 21 29.33 14.36 9.13
C MET F 21 27.93 13.79 9.25
N THR F 22 27.81 12.50 9.57
CA THR F 22 26.51 11.85 9.75
C THR F 22 26.55 10.74 10.81
N CYS F 23 25.49 10.64 11.59
CA CYS F 23 25.34 9.60 12.61
C CYS F 23 24.06 8.81 12.32
N ARG F 24 24.22 7.56 11.90
CA ARG F 24 23.11 6.72 11.44
C ARG F 24 22.58 5.82 12.56
N ALA F 25 21.41 6.16 13.09
CA ALA F 25 20.80 5.42 14.20
C ALA F 25 20.00 4.21 13.70
N SER F 26 19.54 3.39 14.64
CA SER F 26 18.75 2.20 14.33
C SER F 26 17.26 2.46 14.57
N SER F 27 16.93 3.00 15.73
CA SER F 27 15.52 3.26 16.10
C SER F 27 15.10 4.69 15.74
N SER F 28 15.22 5.63 16.68
CA SER F 28 14.84 7.02 16.45
C SER F 28 15.38 7.92 17.56
N VAL F 29 15.56 9.20 17.25
CA VAL F 29 16.09 10.18 18.20
C VAL F 29 15.48 11.57 18.02
N ASN F 30 15.21 12.24 19.14
CA ASN F 30 14.74 13.63 19.12
C ASN F 30 15.90 14.58 18.86
N ASN F 31 17.02 14.35 19.54
CA ASN F 31 18.23 15.15 19.39
C ASN F 31 19.46 14.27 19.18
N MET F 32 20.57 14.92 18.81
CA MET F 32 21.85 14.22 18.61
C MET F 32 23.00 15.10 19.08
N HIS F 33 23.97 14.49 19.76
CA HIS F 33 25.10 15.20 20.34
C HIS F 33 26.39 14.76 19.66
N TRP F 34 27.41 15.62 19.69
CA TRP F 34 28.71 15.32 19.10
C TRP F 34 29.85 15.66 20.05
N TYR F 35 30.93 14.89 19.98
CA TYR F 35 32.09 15.07 20.86
C TYR F 35 33.40 14.89 20.12
N GLN F 36 34.27 15.91 20.19
CA GLN F 36 35.59 15.87 19.59
C GLN F 36 36.61 15.35 20.61
N GLN F 37 37.50 14.49 20.16
CA GLN F 37 38.55 13.93 21.01
C GLN F 37 39.87 13.83 20.27
N LYS F 38 40.90 14.49 20.81
CA LYS F 38 42.25 14.38 20.29
C LYS F 38 42.89 13.10 20.84
N PRO F 39 43.76 12.44 20.04
CA PRO F 39 44.46 11.26 20.56
C PRO F 39 45.25 11.55 21.83
N SER F 40 45.15 10.64 22.81
CA SER F 40 45.81 10.78 24.11
C SER F 40 45.31 11.97 24.93
N SER F 41 44.04 12.35 24.71
CA SER F 41 43.40 13.43 25.47
C SER F 41 41.91 13.12 25.63
N SER F 42 41.29 13.70 26.65
CA SER F 42 39.89 13.45 26.94
C SER F 42 38.97 14.11 25.89
N PRO F 43 37.78 13.53 25.67
CA PRO F 43 36.81 14.15 24.74
C PRO F 43 36.36 15.55 25.19
N LYS F 44 35.90 16.35 24.23
CA LYS F 44 35.45 17.71 24.49
C LYS F 44 34.04 17.94 23.94
N PRO F 45 33.23 18.74 24.65
CA PRO F 45 31.88 19.05 24.20
C PRO F 45 31.88 20.01 23.01
N TRP F 46 31.13 19.67 21.96
CA TRP F 46 31.16 20.45 20.72
C TRP F 46 29.78 20.93 20.31
N LEU F 47 28.87 19.99 20.05
CA LEU F 47 27.49 20.33 19.66
C LEU F 47 26.48 19.70 20.63
N HIS F 48 25.50 20.50 21.04
CA HIS F 48 24.41 20.03 21.88
C HIS F 48 23.07 20.53 21.32
N GLY F 49 22.02 19.75 21.55
CA GLY F 49 20.70 20.05 20.99
C GLY F 49 20.73 20.11 19.46
N THR F 50 21.44 19.17 18.87
CA THR F 50 21.63 19.08 17.40
C THR F 50 22.52 20.20 16.85
N SER F 51 22.03 21.44 16.87
CA SER F 51 22.68 22.56 16.16
C SER F 51 23.41 23.57 17.06
N ASN F 52 22.99 23.69 18.33
CA ASN F 52 23.55 24.70 19.23
C ASN F 52 25.00 24.42 19.64
N LEU F 53 25.87 25.42 19.49
CA LEU F 53 27.28 25.32 19.86
C LEU F 53 27.44 25.53 21.36
N ALA F 54 28.39 24.81 21.96
CA ALA F 54 28.65 24.90 23.40
C ALA F 54 29.51 26.10 23.74
N SER F 55 29.75 26.32 25.03
CA SER F 55 30.56 27.43 25.51
C SER F 55 32.03 27.23 25.16
N GLY F 56 32.58 28.12 24.34
CA GLY F 56 33.98 28.04 23.90
C GLY F 56 34.17 27.43 22.53
N VAL F 57 33.09 26.90 21.95
CA VAL F 57 33.16 26.24 20.64
C VAL F 57 33.13 27.31 19.53
N PRO F 58 33.96 27.13 18.47
CA PRO F 58 34.01 28.13 17.39
C PRO F 58 32.71 28.30 16.59
N VAL F 59 32.71 29.28 15.70
CA VAL F 59 31.49 29.71 14.98
C VAL F 59 31.30 29.07 13.60
N ARG F 60 32.37 28.49 13.04
CA ARG F 60 32.28 27.85 11.72
C ARG F 60 31.49 26.54 11.72
N PHE F 61 31.25 25.98 12.90
CA PHE F 61 30.57 24.70 13.05
C PHE F 61 29.06 24.90 13.23
N SER F 62 28.28 23.95 12.72
CA SER F 62 26.82 24.01 12.79
C SER F 62 26.20 22.65 12.48
N GLY F 63 25.41 22.13 13.43
CA GLY F 63 24.79 20.81 13.29
C GLY F 63 23.39 20.85 12.70
N SER F 64 22.90 19.68 12.30
CA SER F 64 21.57 19.56 11.69
C SER F 64 21.11 18.10 11.65
N GLY F 65 19.87 17.88 11.22
CA GLY F 65 19.33 16.53 11.02
C GLY F 65 18.10 16.22 11.86
N SER F 66 17.45 15.10 11.56
CA SER F 66 16.23 14.69 12.26
C SER F 66 15.95 13.20 12.05
N GLY F 67 15.17 12.63 12.96
CA GLY F 67 14.71 11.24 12.83
C GLY F 67 15.78 10.20 13.12
N THR F 68 16.28 9.56 12.07
CA THR F 68 17.25 8.48 12.21
C THR F 68 18.54 8.74 11.42
N SER F 69 18.78 10.01 11.08
CA SER F 69 19.98 10.39 10.33
C SER F 69 20.33 11.86 10.60
N PHE F 70 21.13 12.08 11.63
CA PHE F 70 21.58 13.43 12.00
C PHE F 70 22.89 13.77 11.31
N SER F 71 23.34 15.01 11.46
CA SER F 71 24.54 15.49 10.77
C SER F 71 25.30 16.60 11.50
N LEU F 72 26.51 16.88 11.04
CA LEU F 72 27.38 17.92 11.60
C LEU F 72 28.25 18.49 10.48
N THR F 73 28.11 19.79 10.22
CA THR F 73 28.83 20.45 9.12
C THR F 73 29.97 21.32 9.64
N ILE F 74 31.19 20.98 9.22
CA ILE F 74 32.37 21.82 9.47
C ILE F 74 32.62 22.64 8.21
N SER F 75 32.73 23.95 8.35
CA SER F 75 32.94 24.84 7.21
C SER F 75 34.41 24.81 6.76
N ARG F 76 35.07 25.97 6.71
CA ARG F 76 36.48 26.03 6.31
C ARG F 76 37.36 25.27 7.30
N VAL F 77 37.88 24.13 6.86
CA VAL F 77 38.70 23.25 7.70
C VAL F 77 40.06 23.89 7.96
N GLU F 78 40.49 23.84 9.22
CA GLU F 78 41.79 24.38 9.63
C GLU F 78 42.71 23.23 10.01
N ALA F 79 43.95 23.56 10.36
CA ALA F 79 44.93 22.56 10.79
C ALA F 79 44.59 21.97 12.16
N GLU F 80 44.06 22.82 13.05
CA GLU F 80 43.72 22.42 14.42
C GLU F 80 42.49 21.50 14.51
N ASP F 81 41.67 21.47 13.46
CA ASP F 81 40.44 20.66 13.44
C ASP F 81 40.69 19.14 13.46
N ALA F 82 41.87 18.72 13.00
CA ALA F 82 42.23 17.30 12.95
C ALA F 82 42.07 16.61 14.31
N ALA F 83 40.99 15.84 14.44
CA ALA F 83 40.67 15.14 15.69
C ALA F 83 39.69 14.00 15.43
N THR F 84 39.33 13.27 16.49
CA THR F 84 38.39 12.16 16.38
C THR F 84 37.01 12.60 16.88
N TYR F 85 36.01 12.51 16.01
CA TYR F 85 34.64 12.90 16.33
C TYR F 85 33.76 11.67 16.58
N PHE F 86 32.89 11.77 17.58
CA PHE F 86 31.90 10.73 17.90
C PHE F 86 30.51 11.35 18.00
N CYS F 87 29.48 10.53 17.78
CA CYS F 87 28.09 10.97 17.96
C CYS F 87 27.48 10.22 19.13
N GLN F 88 26.74 10.95 19.97
CA GLN F 88 26.16 10.39 21.20
C GLN F 88 24.66 10.67 21.28
N GLN F 89 23.92 9.69 21.77
CA GLN F 89 22.46 9.74 21.83
C GLN F 89 21.99 9.58 23.27
N TRP F 90 20.91 10.28 23.63
CA TRP F 90 20.24 10.03 24.90
C TRP F 90 18.75 10.44 24.87
N SER F 91 18.06 10.08 23.79
CA SER F 91 16.60 10.14 23.75
C SER F 91 16.02 8.82 24.24
N ASN F 92 16.87 7.80 24.36
CA ASN F 92 16.50 6.51 24.93
C ASN F 92 17.60 5.98 25.84
N HIS F 93 17.26 5.70 27.09
CA HIS F 93 18.21 5.12 28.04
C HIS F 93 18.35 3.63 27.79
N PRO F 94 19.58 3.09 27.83
CA PRO F 94 20.87 3.74 28.09
C PRO F 94 21.42 4.50 26.87
N PRO F 95 22.26 5.51 27.12
CA PRO F 95 22.88 6.27 26.03
C PRO F 95 24.00 5.49 25.35
N THR F 96 24.14 5.67 24.04
CA THR F 96 25.13 4.95 23.25
C THR F 96 26.03 5.92 22.48
N PHE F 97 27.15 5.40 21.99
CA PHE F 97 28.11 6.18 21.22
C PHE F 97 28.26 5.62 19.81
N GLY F 98 28.96 6.36 18.96
CA GLY F 98 29.11 6.01 17.54
C GLY F 98 30.02 4.83 17.28
N GLY F 99 31.25 5.11 16.87
CA GLY F 99 32.20 4.08 16.46
C GLY F 99 33.54 4.66 16.04
N GLY F 100 33.49 5.68 15.18
CA GLY F 100 34.69 6.38 14.75
C GLY F 100 34.48 7.27 13.54
N THR F 101 34.67 8.58 13.72
CA THR F 101 34.73 9.52 12.61
C THR F 101 35.96 10.40 12.78
N LYS F 102 37.10 9.87 12.38
CA LYS F 102 38.38 10.56 12.52
C LYS F 102 38.55 11.60 11.41
N LEU F 103 38.57 12.87 11.79
CA LEU F 103 38.73 13.96 10.83
C LEU F 103 40.19 14.07 10.38
N GLU F 104 40.46 13.63 9.16
CA GLU F 104 41.80 13.70 8.58
C GLU F 104 41.90 14.95 7.69
N ILE F 105 43.14 15.42 7.47
CA ILE F 105 43.39 16.57 6.62
C ILE F 105 44.16 16.15 5.36
N ASP F 106 43.77 16.70 4.22
CA ASP F 106 44.41 16.40 2.93
C ASP F 106 45.39 17.52 2.58
N ARG F 107 46.64 17.15 2.32
CA ARG F 107 47.71 18.12 2.04
C ARG F 107 48.73 17.56 1.06
N ALA F 108 49.70 18.39 0.66
CA ALA F 108 50.72 18.01 -0.30
C ALA F 108 51.70 16.97 0.27
N ASP F 109 52.43 16.31 -0.61
CA ASP F 109 53.34 15.23 -0.23
C ASP F 109 54.68 15.76 0.28
N ALA F 110 55.45 14.88 0.92
CA ALA F 110 56.77 15.23 1.44
C ALA F 110 57.60 13.95 1.70
N ALA F 111 58.91 14.06 1.50
CA ALA F 111 59.81 12.92 1.64
C ALA F 111 60.15 12.64 3.11
N PRO F 112 60.45 11.37 3.44
CA PRO F 112 60.80 11.00 4.81
C PRO F 112 62.27 11.26 5.13
N THR F 113 62.55 11.75 6.34
CA THR F 113 63.91 11.99 6.80
C THR F 113 64.46 10.75 7.49
N VAL F 114 65.40 10.07 6.82
CA VAL F 114 65.94 8.80 7.31
C VAL F 114 67.37 8.97 7.84
N SER F 115 67.60 8.48 9.06
CA SER F 115 68.92 8.49 9.68
C SER F 115 69.01 7.37 10.71
N ILE F 116 69.83 6.36 10.41
CA ILE F 116 69.92 5.16 11.25
C ILE F 116 70.71 5.42 12.55
N PHE F 117 70.39 4.67 13.60
CA PHE F 117 71.06 4.76 14.89
C PHE F 117 71.56 3.39 15.34
N PRO F 118 72.90 3.22 15.46
CA PRO F 118 73.42 1.99 16.05
C PRO F 118 73.14 1.90 17.56
N PRO F 119 73.28 0.70 18.14
CA PRO F 119 73.04 0.54 19.58
C PRO F 119 74.10 1.27 20.43
N SER F 120 73.68 1.84 21.54
CA SER F 120 74.57 2.61 22.41
C SER F 120 75.51 1.72 23.21
N SER F 121 76.47 2.35 23.88
CA SER F 121 77.44 1.63 24.71
C SER F 121 76.81 1.02 25.97
N GLU F 122 75.70 1.61 26.41
CA GLU F 122 74.99 1.14 27.61
C GLU F 122 74.15 -0.11 27.32
N GLN F 123 73.57 -0.20 26.13
CA GLN F 123 72.66 -1.30 25.78
C GLN F 123 73.40 -2.61 25.50
N LEU F 124 74.64 -2.53 25.03
CA LEU F 124 75.47 -3.73 24.80
C LEU F 124 75.76 -4.50 26.09
N THR F 125 75.76 -3.80 27.21
CA THR F 125 76.01 -4.39 28.52
C THR F 125 74.91 -5.36 28.97
N SER F 126 73.66 -5.04 28.62
CA SER F 126 72.50 -5.81 29.10
C SER F 126 72.35 -7.19 28.47
N GLY F 127 73.20 -7.52 27.49
CA GLY F 127 73.14 -8.82 26.81
C GLY F 127 72.54 -8.73 25.43
N GLY F 128 71.77 -7.67 25.17
CA GLY F 128 71.15 -7.45 23.86
C GLY F 128 71.80 -6.31 23.09
N ALA F 129 71.20 -5.99 21.94
CA ALA F 129 71.68 -4.91 21.08
C ALA F 129 70.58 -4.51 20.09
N SER F 130 69.95 -3.37 20.33
CA SER F 130 68.81 -2.92 19.54
C SER F 130 69.23 -1.87 18.50
N VAL F 131 69.13 -2.25 17.23
CA VAL F 131 69.39 -1.32 16.12
C VAL F 131 68.12 -0.55 15.83
N VAL F 132 68.24 0.77 15.69
CA VAL F 132 67.08 1.66 15.53
C VAL F 132 67.21 2.50 14.26
N CYS F 133 66.09 2.71 13.59
CA CYS F 133 66.03 3.54 12.37
C CYS F 133 64.79 4.44 12.43
N PHE F 134 64.95 5.69 11.98
CA PHE F 134 63.89 6.70 12.10
C PHE F 134 63.38 7.18 10.75
N LEU F 135 62.11 7.60 10.72
CA LEU F 135 61.47 8.17 9.55
C LEU F 135 60.51 9.28 10.00
N ASN F 136 60.80 10.53 9.64
CA ASN F 136 60.04 11.67 10.14
C ASN F 136 59.45 12.56 9.05
N ASN F 137 58.27 13.13 9.33
CA ASN F 137 57.62 14.14 8.50
C ASN F 137 57.30 13.70 7.06
N PHE F 138 56.09 13.15 6.88
CA PHE F 138 55.60 12.78 5.55
C PHE F 138 54.08 12.53 5.58
N TYR F 139 53.41 12.90 4.50
CA TYR F 139 51.95 12.69 4.39
C TYR F 139 51.56 11.29 3.86
N PRO F 140 52.24 10.81 2.80
CA PRO F 140 51.95 9.44 2.33
C PRO F 140 52.28 8.39 3.39
N LYS F 141 51.24 7.73 3.91
CA LYS F 141 51.36 6.83 5.06
C LYS F 141 51.78 5.41 4.65
N ASP F 142 51.74 5.10 3.36
CA ASP F 142 52.12 3.78 2.86
C ASP F 142 53.64 3.64 2.80
N ILE F 143 54.15 2.47 3.20
CA ILE F 143 55.59 2.22 3.22
C ILE F 143 55.90 0.72 3.32
N ASN F 144 57.09 0.33 2.85
CA ASN F 144 57.56 -1.05 2.97
C ASN F 144 59.02 -1.10 3.43
N VAL F 145 59.21 -1.03 4.74
CA VAL F 145 60.55 -1.04 5.35
C VAL F 145 61.06 -2.49 5.46
N LYS F 146 62.35 -2.66 5.23
CA LYS F 146 62.99 -3.98 5.34
C LYS F 146 64.43 -3.86 5.85
N TRP F 147 64.95 -4.96 6.40
CA TRP F 147 66.29 -4.98 6.99
C TRP F 147 67.15 -6.07 6.34
N LYS F 148 68.29 -5.68 5.78
CA LYS F 148 69.25 -6.61 5.19
C LYS F 148 70.49 -6.74 6.07
N ILE F 149 70.83 -7.97 6.42
CA ILE F 149 72.03 -8.27 7.20
C ILE F 149 73.05 -8.93 6.27
N ASP F 150 73.87 -8.10 5.64
CA ASP F 150 74.81 -8.54 4.60
C ASP F 150 74.09 -9.30 3.48
N GLY F 151 73.00 -8.73 2.99
CA GLY F 151 72.21 -9.31 1.90
C GLY F 151 70.92 -9.96 2.37
N SER F 152 71.01 -10.79 3.39
CA SER F 152 69.85 -11.53 3.91
C SER F 152 68.89 -10.59 4.65
N GLY F 157 62.28 -10.41 14.91
CA GLY F 157 62.10 -9.54 16.07
C GLY F 157 62.17 -8.07 15.68
N VAL F 158 61.34 -7.69 14.71
CA VAL F 158 61.28 -6.31 14.23
C VAL F 158 60.03 -5.63 14.79
N LEU F 159 60.16 -4.33 15.06
CA LEU F 159 59.09 -3.55 15.70
C LEU F 159 58.87 -2.24 14.96
N ASN F 160 57.59 -1.87 14.78
CA ASN F 160 57.23 -0.60 14.14
C ASN F 160 56.33 0.21 15.06
N SER F 161 56.50 1.54 15.05
CA SER F 161 55.71 2.44 15.88
C SER F 161 55.45 3.75 15.14
N TRP F 162 54.17 4.14 15.08
CA TRP F 162 53.71 5.27 14.27
C TRP F 162 53.30 6.45 15.14
N THR F 163 52.84 7.53 14.49
CA THR F 163 52.35 8.72 15.20
C THR F 163 50.94 9.07 14.71
N ASP F 164 50.18 9.76 15.56
CA ASP F 164 48.89 10.33 15.16
C ASP F 164 49.14 11.58 14.34
N GLN F 165 48.10 12.08 13.67
CA GLN F 165 48.23 13.28 12.84
C GLN F 165 48.50 14.50 13.69
N ASP F 166 49.44 15.34 13.22
CA ASP F 166 49.81 16.56 13.92
C ASP F 166 48.75 17.64 13.70
N SER F 167 48.45 18.40 14.74
CA SER F 167 47.59 19.58 14.61
C SER F 167 48.41 20.81 14.24
N LYS F 168 49.68 20.60 13.90
CA LYS F 168 50.61 21.68 13.56
C LYS F 168 50.79 21.75 12.05
N ASP F 169 51.22 20.64 11.45
CA ASP F 169 51.45 20.55 10.00
C ASP F 169 50.79 19.33 9.32
N SER F 170 50.05 18.53 10.09
CA SER F 170 49.31 17.38 9.56
C SER F 170 50.19 16.30 8.91
N THR F 171 51.42 16.17 9.38
CA THR F 171 52.36 15.16 8.86
C THR F 171 52.50 13.99 9.83
N TYR F 172 52.99 12.86 9.33
CA TYR F 172 53.17 11.64 10.13
C TYR F 172 54.64 11.25 10.21
N SER F 173 54.95 10.39 11.18
CA SER F 173 56.30 9.87 11.38
C SER F 173 56.27 8.38 11.73
N MET F 174 57.44 7.76 11.83
CA MET F 174 57.54 6.33 12.11
C MET F 174 58.89 5.97 12.73
N SER F 175 58.88 4.94 13.58
CA SER F 175 60.10 4.36 14.14
C SER F 175 60.21 2.90 13.69
N SER F 176 61.43 2.44 13.48
CA SER F 176 61.70 1.06 13.05
C SER F 176 62.82 0.45 13.89
N THR F 177 62.45 -0.37 14.87
CA THR F 177 63.41 -0.98 15.80
C THR F 177 63.71 -2.42 15.40
N LEU F 178 64.96 -2.83 15.65
CA LEU F 178 65.41 -4.20 15.37
C LEU F 178 66.20 -4.75 16.56
N THR F 179 65.51 -5.51 17.41
CA THR F 179 66.11 -6.05 18.64
C THR F 179 66.80 -7.39 18.38
N LEU F 180 68.09 -7.45 18.70
CA LEU F 180 68.87 -8.68 18.59
C LEU F 180 69.79 -8.83 19.80
N THR F 181 70.37 -10.03 19.97
CA THR F 181 71.29 -10.29 21.07
C THR F 181 72.67 -9.70 20.76
N LYS F 182 73.50 -9.55 21.79
CA LYS F 182 74.85 -9.00 21.65
C LYS F 182 75.74 -9.93 20.81
N ASP F 183 75.59 -11.24 21.01
CA ASP F 183 76.37 -12.23 20.28
C ASP F 183 75.98 -12.29 18.80
N GLU F 184 74.67 -12.26 18.53
CA GLU F 184 74.17 -12.29 17.17
C GLU F 184 74.37 -10.95 16.45
N TYR F 185 74.50 -9.87 17.22
CA TYR F 185 74.81 -8.55 16.67
C TYR F 185 76.23 -8.51 16.11
N GLU F 186 77.17 -9.17 16.81
CA GLU F 186 78.58 -9.19 16.40
C GLU F 186 78.88 -10.18 15.26
N ARG F 187 77.95 -11.11 15.00
CA ARG F 187 78.17 -12.14 13.98
C ARG F 187 78.23 -11.56 12.56
N HIS F 188 77.48 -10.48 12.31
CA HIS F 188 77.46 -9.82 11.01
C HIS F 188 78.00 -8.40 11.08
N ASN F 189 78.29 -7.81 9.92
CA ASN F 189 78.92 -6.49 9.82
C ASN F 189 77.95 -5.37 9.45
N SER F 190 77.36 -5.46 8.26
CA SER F 190 76.53 -4.38 7.73
C SER F 190 75.08 -4.43 8.23
N TYR F 191 74.51 -3.26 8.45
CA TYR F 191 73.10 -3.11 8.82
C TYR F 191 72.46 -2.07 7.91
N THR F 192 71.39 -2.46 7.23
CA THR F 192 70.75 -1.60 6.22
C THR F 192 69.30 -1.27 6.60
N CYS F 193 68.92 0.00 6.42
CA CYS F 193 67.56 0.46 6.65
C CYS F 193 67.01 1.12 5.39
N GLU F 194 66.23 0.37 4.62
CA GLU F 194 65.62 0.87 3.38
C GLU F 194 64.13 1.10 3.57
N ALA F 195 63.50 1.71 2.56
CA ALA F 195 62.06 2.01 2.62
C ALA F 195 61.50 2.30 1.23
N THR F 196 60.28 1.83 0.98
CA THR F 196 59.57 2.09 -0.27
C THR F 196 58.41 3.06 -0.02
N HIS F 197 58.77 4.33 0.18
CA HIS F 197 57.78 5.39 0.39
C HIS F 197 57.09 5.73 -0.92
N LYS F 198 55.90 6.30 -0.85
CA LYS F 198 55.07 6.54 -2.04
C LYS F 198 55.42 7.84 -2.79
N THR F 199 56.45 8.55 -2.33
CA THR F 199 56.98 9.72 -3.05
C THR F 199 58.03 9.32 -4.08
N SER F 200 58.69 8.18 -3.86
CA SER F 200 59.69 7.66 -4.79
C SER F 200 59.67 6.14 -4.80
N THR F 201 59.41 5.56 -5.98
CA THR F 201 59.22 4.12 -6.12
C THR F 201 60.44 3.29 -5.73
N SER F 202 61.63 3.77 -6.10
CA SER F 202 62.88 3.08 -5.79
C SER F 202 63.22 3.19 -4.29
N PRO F 203 63.92 2.18 -3.73
CA PRO F 203 64.28 2.19 -2.31
C PRO F 203 65.08 3.41 -1.87
N ILE F 204 64.71 3.98 -0.71
CA ILE F 204 65.43 5.09 -0.11
C ILE F 204 66.50 4.52 0.83
N VAL F 205 67.77 4.73 0.49
CA VAL F 205 68.88 4.08 1.19
C VAL F 205 69.58 5.01 2.19
N LYS F 206 69.99 4.42 3.32
CA LYS F 206 70.80 5.14 4.32
C LYS F 206 71.47 4.15 5.28
#